data_9ILL
#
_entry.id   9ILL
#
loop_
_entity.id
_entity.type
_entity.pdbx_description
1 polymer 'Transcriptional regulator SarA'
2 polymer DNA
#
loop_
_entity_poly.entity_id
_entity_poly.type
_entity_poly.pdbx_seq_one_letter_code
_entity_poly.pdbx_strand_id
1 'polypeptide(L)'
;MDKLKSLIKKEFSISFEEFAVLTYISENKEKEYYLKDIINHLNYKQPQVVKAVKILSQEDYFDKKRNEHDQRTVLILVNA
QQRKKIESLLSRVNKRITEANNEIELLEHHHHHH
;
A
2 'polydeoxyribonucleotide' (DC)(DG)(DC)(DG)(DA)(DA)(DT)(DA)(DT)(DA)(DT)(DA)(DT)(DT)(DC)(DG)(DC)(DG) B,C
#
# COMPACT_ATOMS: atom_id res chain seq x y z
N MET A 1 7.10 -13.91 -6.07
CA MET A 1 6.16 -14.35 -7.16
C MET A 1 5.42 -13.16 -7.78
N ASP A 2 5.80 -12.76 -9.00
CA ASP A 2 5.24 -11.57 -9.68
C ASP A 2 3.75 -11.62 -10.02
N LYS A 3 3.20 -12.83 -10.21
CA LYS A 3 1.76 -13.06 -10.45
C LYS A 3 0.87 -12.50 -9.32
N LEU A 4 1.32 -12.60 -8.07
CA LEU A 4 0.62 -12.04 -6.90
C LEU A 4 0.65 -10.50 -6.90
N LYS A 5 1.79 -9.89 -7.25
CA LYS A 5 1.91 -8.43 -7.42
C LYS A 5 1.01 -7.90 -8.54
N SER A 6 0.96 -8.62 -9.67
CA SER A 6 0.05 -8.35 -10.79
C SER A 6 -1.42 -8.44 -10.37
N LEU A 7 -1.81 -9.50 -9.64
CA LEU A 7 -3.14 -9.65 -9.05
C LEU A 7 -3.51 -8.47 -8.14
N ILE A 8 -2.61 -8.02 -7.25
CA ILE A 8 -2.86 -6.87 -6.37
C ILE A 8 -3.01 -5.57 -7.19
N LYS A 9 -2.11 -5.32 -8.16
CA LYS A 9 -2.17 -4.17 -9.08
C LYS A 9 -3.49 -4.11 -9.86
N LYS A 10 -3.97 -5.26 -10.34
CA LYS A 10 -5.22 -5.43 -11.08
C LYS A 10 -6.48 -5.24 -10.21
N GLU A 11 -6.56 -5.95 -9.08
CA GLU A 11 -7.77 -6.05 -8.26
C GLU A 11 -7.94 -4.91 -7.23
N PHE A 12 -6.85 -4.43 -6.62
CA PHE A 12 -6.88 -3.39 -5.58
C PHE A 12 -6.73 -1.92 -6.02
N SER A 13 -6.57 -1.70 -7.33
CA SER A 13 -6.32 -0.41 -8.00
C SER A 13 -5.07 0.36 -7.49
N ILE A 14 -4.16 -0.33 -6.80
CA ILE A 14 -2.90 0.17 -6.24
C ILE A 14 -1.82 -0.91 -6.40
N SER A 15 -0.56 -0.53 -6.54
CA SER A 15 0.57 -1.47 -6.62
C SER A 15 0.86 -2.17 -5.29
N PHE A 16 1.61 -3.27 -5.33
CA PHE A 16 2.13 -3.90 -4.11
C PHE A 16 3.02 -2.97 -3.25
N GLU A 17 3.83 -2.14 -3.91
CA GLU A 17 4.65 -1.09 -3.30
C GLU A 17 3.80 0.00 -2.63
N GLU A 18 2.75 0.49 -3.29
CA GLU A 18 1.74 1.39 -2.70
C GLU A 18 1.04 0.75 -1.49
N PHE A 19 0.67 -0.53 -1.59
CA PHE A 19 0.19 -1.31 -0.46
C PHE A 19 1.18 -1.45 0.72
N ALA A 20 2.48 -1.60 0.44
CA ALA A 20 3.53 -1.60 1.44
C ALA A 20 3.67 -0.23 2.14
N VAL A 21 3.51 0.89 1.44
CA VAL A 21 3.45 2.24 2.07
C VAL A 21 2.30 2.32 3.06
N LEU A 22 1.12 1.81 2.69
CA LEU A 22 -0.04 1.75 3.59
C LEU A 22 0.18 0.78 4.75
N THR A 23 0.87 -0.34 4.53
CA THR A 23 1.28 -1.25 5.61
C THR A 23 2.22 -0.56 6.61
N TYR A 24 3.24 0.16 6.12
CA TYR A 24 4.08 1.04 6.95
C TYR A 24 3.31 2.05 7.82
N ILE A 25 2.37 2.77 7.22
CA ILE A 25 1.46 3.70 7.91
C ILE A 25 0.56 2.98 8.92
N SER A 26 0.01 1.82 8.56
CA SER A 26 -0.88 1.03 9.43
C SER A 26 -0.16 0.43 10.64
N GLU A 27 1.13 0.11 10.52
CA GLU A 27 1.96 -0.33 11.66
C GLU A 27 2.34 0.81 12.61
N ASN A 28 2.55 2.02 12.09
CA ASN A 28 3.00 3.18 12.87
C ASN A 28 1.87 4.01 13.52
N LYS A 29 0.69 4.09 12.89
CA LYS A 29 -0.52 4.79 13.38
C LYS A 29 -0.32 6.25 13.84
N GLU A 30 0.61 6.97 13.22
CA GLU A 30 0.81 8.41 13.46
C GLU A 30 -0.20 9.27 12.68
N LYS A 31 -0.47 10.50 13.17
CA LYS A 31 -1.38 11.46 12.52
C LYS A 31 -0.80 12.06 11.23
N GLU A 32 0.53 12.14 11.12
CA GLU A 32 1.24 12.74 9.98
C GLU A 32 2.60 12.08 9.69
N TYR A 33 2.99 12.09 8.41
CA TYR A 33 4.17 11.41 7.86
C TYR A 33 5.03 12.25 6.92
N TYR A 34 6.34 12.01 6.92
CA TYR A 34 7.30 12.54 5.94
C TYR A 34 7.60 11.59 4.77
N LEU A 35 7.64 12.08 3.53
CA LEU A 35 7.90 11.21 2.38
C LEU A 35 9.34 10.67 2.36
N LYS A 36 10.31 11.45 2.86
CA LYS A 36 11.68 10.98 3.10
C LYS A 36 11.73 9.83 4.11
N ASP A 37 10.89 9.85 5.16
CA ASP A 37 10.73 8.69 6.04
C ASP A 37 10.08 7.46 5.42
N ILE A 38 9.14 7.64 4.48
CA ILE A 38 8.62 6.53 3.68
C ILE A 38 9.77 5.93 2.84
N ILE A 39 10.59 6.76 2.19
CA ILE A 39 11.82 6.31 1.48
C ILE A 39 12.80 5.59 2.43
N ASN A 40 12.99 6.09 3.66
CA ASN A 40 13.85 5.46 4.67
C ASN A 40 13.35 4.06 5.09
N HIS A 41 12.03 3.87 5.19
CA HIS A 41 11.43 2.56 5.54
C HIS A 41 11.22 1.61 4.35
N LEU A 42 11.08 2.14 3.14
CA LEU A 42 10.83 1.42 1.89
C LEU A 42 11.72 2.02 0.77
N ASN A 43 12.80 1.32 0.44
CA ASN A 43 13.91 1.77 -0.42
C ASN A 43 13.62 2.06 -1.92
N TYR A 44 12.36 2.29 -2.30
CA TYR A 44 11.98 2.79 -3.64
C TYR A 44 12.45 4.26 -3.69
N LYS A 45 12.91 4.73 -4.86
CA LYS A 45 13.51 6.08 -5.00
C LYS A 45 12.48 7.21 -5.07
N GLN A 46 12.95 8.46 -4.94
CA GLN A 46 12.13 9.67 -4.80
C GLN A 46 10.94 9.77 -5.79
N PRO A 47 11.11 9.64 -7.12
CA PRO A 47 9.99 9.70 -8.07
C PRO A 47 9.00 8.55 -7.90
N GLN A 48 9.45 7.33 -7.55
CA GLN A 48 8.57 6.18 -7.29
C GLN A 48 7.67 6.42 -6.07
N VAL A 49 8.23 6.90 -4.95
CA VAL A 49 7.44 7.21 -3.75
C VAL A 49 6.53 8.43 -3.95
N VAL A 50 6.96 9.47 -4.67
CA VAL A 50 6.09 10.61 -5.01
C VAL A 50 4.94 10.14 -5.91
N LYS A 51 5.18 9.30 -6.93
CA LYS A 51 4.10 8.71 -7.74
C LYS A 51 3.13 7.87 -6.89
N ALA A 52 3.66 7.01 -6.02
CA ALA A 52 2.85 6.21 -5.10
C ALA A 52 1.95 7.09 -4.21
N VAL A 53 2.50 8.14 -3.62
CA VAL A 53 1.76 9.09 -2.76
C VAL A 53 0.75 9.89 -3.59
N LYS A 54 1.07 10.31 -4.82
CA LYS A 54 0.11 10.95 -5.75
C LYS A 54 -1.08 10.05 -6.09
N ILE A 55 -0.87 8.77 -6.37
CA ILE A 55 -1.95 7.80 -6.61
C ILE A 55 -2.77 7.58 -5.35
N LEU A 56 -2.13 7.24 -4.23
CA LEU A 56 -2.81 6.92 -2.97
C LEU A 56 -3.60 8.12 -2.39
N SER A 57 -3.10 9.34 -2.54
CA SER A 57 -3.81 10.55 -2.10
C SER A 57 -5.05 10.83 -2.99
N GLN A 58 -4.96 10.64 -4.32
CA GLN A 58 -6.12 10.70 -5.21
C GLN A 58 -7.16 9.58 -4.94
N GLU A 59 -6.71 8.41 -4.49
CA GLU A 59 -7.55 7.32 -3.98
C GLU A 59 -8.03 7.54 -2.52
N ASP A 60 -7.89 8.77 -2.01
CA ASP A 60 -8.34 9.23 -0.69
C ASP A 60 -7.66 8.65 0.57
N TYR A 61 -6.63 7.81 0.42
CA TYR A 61 -5.97 7.14 1.54
C TYR A 61 -5.25 8.05 2.56
N PHE A 62 -4.75 9.20 2.08
CA PHE A 62 -4.14 10.27 2.88
C PHE A 62 -4.22 11.67 2.26
N ASP A 63 -4.19 12.71 3.08
CA ASP A 63 -4.10 14.11 2.62
C ASP A 63 -2.61 14.44 2.40
N LYS A 64 -2.31 15.43 1.55
CA LYS A 64 -0.95 15.74 1.05
C LYS A 64 -0.74 17.25 0.93
N LYS A 65 0.26 17.82 1.63
CA LYS A 65 0.60 19.27 1.56
C LYS A 65 2.07 19.57 1.88
N ARG A 66 2.62 20.68 1.36
CA ARG A 66 3.94 21.18 1.77
C ARG A 66 3.90 21.62 3.25
N ASN A 67 5.01 21.49 3.97
CA ASN A 67 5.13 21.72 5.40
C ASN A 67 4.81 23.17 5.82
N GLU A 68 4.27 23.36 7.03
CA GLU A 68 3.77 24.65 7.51
C GLU A 68 4.88 25.67 7.83
N HIS A 69 6.08 25.19 8.19
CA HIS A 69 7.26 26.04 8.48
C HIS A 69 8.36 26.00 7.40
N ASP A 70 8.15 25.27 6.30
CA ASP A 70 9.11 25.10 5.20
C ASP A 70 8.34 24.68 3.94
N GLN A 71 8.45 25.43 2.83
CA GLN A 71 7.60 25.22 1.65
C GLN A 71 8.11 24.18 0.63
N ARG A 72 9.16 23.38 0.94
CA ARG A 72 9.55 22.24 0.08
C ARG A 72 9.21 20.88 0.69
N THR A 73 9.49 20.64 1.96
CA THR A 73 9.21 19.33 2.59
C THR A 73 7.73 19.00 2.71
N VAL A 74 7.33 17.72 2.76
CA VAL A 74 5.90 17.30 2.72
C VAL A 74 5.37 16.73 4.03
N LEU A 75 4.09 16.99 4.28
CA LEU A 75 3.29 16.40 5.34
C LEU A 75 2.17 15.58 4.67
N ILE A 76 2.17 14.28 4.94
CA ILE A 76 1.14 13.33 4.52
C ILE A 76 0.26 13.02 5.73
N LEU A 77 -1.00 13.45 5.73
CA LEU A 77 -1.87 13.40 6.92
C LEU A 77 -2.87 12.25 6.86
N VAL A 78 -3.11 11.64 8.02
CA VAL A 78 -4.00 10.48 8.20
C VAL A 78 -5.10 10.75 9.24
N ASN A 79 -6.31 10.99 8.74
CA ASN A 79 -7.53 11.17 9.55
C ASN A 79 -8.05 9.82 10.09
N ALA A 80 -8.94 9.84 11.08
CA ALA A 80 -9.48 8.62 11.70
C ALA A 80 -10.20 7.70 10.70
N GLN A 81 -10.98 8.27 9.77
CA GLN A 81 -11.63 7.53 8.68
C GLN A 81 -10.61 6.88 7.75
N GLN A 82 -9.50 7.57 7.45
CA GLN A 82 -8.39 7.04 6.65
C GLN A 82 -7.65 5.89 7.36
N ARG A 83 -7.46 5.96 8.69
CA ARG A 83 -6.89 4.85 9.48
C ARG A 83 -7.77 3.59 9.38
N LYS A 84 -9.09 3.75 9.49
CA LYS A 84 -10.07 2.64 9.30
C LYS A 84 -10.08 2.09 7.88
N LYS A 85 -10.03 2.96 6.86
CA LYS A 85 -9.89 2.60 5.44
C LYS A 85 -8.63 1.77 5.16
N ILE A 86 -7.49 2.19 5.72
CA ILE A 86 -6.20 1.48 5.61
C ILE A 86 -6.23 0.11 6.32
N GLU A 87 -6.72 0.04 7.56
CA GLU A 87 -6.87 -1.25 8.27
C GLU A 87 -7.85 -2.22 7.58
N SER A 88 -8.97 -1.71 7.03
CA SER A 88 -9.91 -2.50 6.23
C SER A 88 -9.26 -3.03 4.95
N LEU A 89 -8.49 -2.20 4.23
CA LEU A 89 -7.70 -2.64 3.07
C LEU A 89 -6.72 -3.75 3.46
N LEU A 90 -5.95 -3.59 4.53
CA LEU A 90 -4.99 -4.61 4.99
C LEU A 90 -5.71 -5.93 5.30
N SER A 91 -6.89 -5.91 5.91
CA SER A 91 -7.70 -7.12 6.14
C SER A 91 -8.14 -7.77 4.82
N ARG A 92 -8.69 -6.98 3.88
CA ARG A 92 -9.13 -7.47 2.55
C ARG A 92 -7.99 -8.04 1.71
N VAL A 93 -6.84 -7.36 1.69
CA VAL A 93 -5.65 -7.76 0.92
C VAL A 93 -5.05 -9.04 1.51
N ASN A 94 -4.92 -9.16 2.84
CA ASN A 94 -4.46 -10.43 3.46
C ASN A 94 -5.40 -11.61 3.19
N LYS A 95 -6.73 -11.41 3.28
CA LYS A 95 -7.72 -12.43 2.89
C LYS A 95 -7.60 -12.84 1.42
N ARG A 96 -7.48 -11.87 0.50
CA ARG A 96 -7.34 -12.15 -0.94
C ARG A 96 -5.99 -12.78 -1.30
N ILE A 97 -4.89 -12.42 -0.63
CA ILE A 97 -3.59 -13.10 -0.74
C ILE A 97 -3.71 -14.57 -0.29
N THR A 98 -4.47 -14.84 0.78
CA THR A 98 -4.78 -16.22 1.21
C THR A 98 -5.57 -17.00 0.15
N GLU A 99 -6.63 -16.42 -0.43
CA GLU A 99 -7.36 -17.02 -1.56
C GLU A 99 -6.45 -17.30 -2.78
N ALA A 100 -5.58 -16.36 -3.14
CA ALA A 100 -4.63 -16.51 -4.24
C ALA A 100 -3.60 -17.63 -3.98
N ASN A 101 -3.10 -17.75 -2.75
CA ASN A 101 -2.25 -18.89 -2.35
C ASN A 101 -3.01 -20.23 -2.38
N ASN A 102 -4.26 -20.26 -1.92
CA ASN A 102 -5.09 -21.46 -1.94
C ASN A 102 -5.40 -21.94 -3.37
N GLU A 103 -5.78 -21.06 -4.30
CA GLU A 103 -6.02 -21.47 -5.70
C GLU A 103 -4.72 -21.91 -6.40
N ILE A 104 -3.57 -21.31 -6.08
CA ILE A 104 -2.25 -21.77 -6.53
C ILE A 104 -1.95 -23.19 -6.04
N GLU A 105 -2.18 -23.47 -4.76
CA GLU A 105 -2.03 -24.79 -4.17
C GLU A 105 -2.95 -25.84 -4.79
N LEU A 106 -4.20 -25.49 -5.09
CA LEU A 106 -5.15 -26.37 -5.78
C LEU A 106 -4.70 -26.66 -7.22
N LEU A 107 -4.16 -25.67 -7.94
CA LEU A 107 -3.58 -25.86 -9.27
C LEU A 107 -2.34 -26.76 -9.23
N GLU A 108 -1.47 -26.63 -8.22
CA GLU A 108 -0.32 -27.53 -8.00
C GLU A 108 -0.74 -28.96 -7.64
N HIS A 109 -1.79 -29.13 -6.81
CA HIS A 109 -2.33 -30.45 -6.43
C HIS A 109 -2.92 -31.28 -7.58
N HIS A 110 -3.15 -30.66 -8.77
CA HIS A 110 -3.52 -31.38 -10.01
C HIS A 110 -2.43 -32.39 -10.46
N HIS A 111 -1.15 -32.13 -10.14
CA HIS A 111 -0.01 -33.05 -10.35
C HIS A 111 0.01 -34.19 -9.28
N HIS A 112 -1.08 -34.96 -9.18
CA HIS A 112 -1.29 -35.95 -8.11
C HIS A 112 -0.40 -37.21 -8.24
N HIS A 113 0.03 -37.56 -9.46
CA HIS A 113 1.04 -38.61 -9.72
C HIS A 113 2.48 -38.08 -9.50
N HIS A 114 3.36 -38.93 -8.95
CA HIS A 114 4.78 -38.64 -8.68
C HIS A 114 4.99 -37.28 -7.96
N MET A 1 6.72 -12.69 -5.55
CA MET A 1 6.07 -13.20 -6.81
C MET A 1 5.47 -12.05 -7.62
N ASP A 2 5.99 -11.76 -8.81
CA ASP A 2 5.48 -10.69 -9.70
C ASP A 2 3.99 -10.81 -10.08
N LYS A 3 3.53 -12.04 -10.34
CA LYS A 3 2.11 -12.34 -10.61
C LYS A 3 1.19 -11.97 -9.45
N LEU A 4 1.63 -12.11 -8.20
CA LEU A 4 0.88 -11.67 -7.00
C LEU A 4 0.81 -10.14 -6.93
N LYS A 5 1.90 -9.42 -7.22
CA LYS A 5 1.90 -7.94 -7.30
C LYS A 5 0.95 -7.45 -8.39
N SER A 6 0.97 -8.08 -9.56
CA SER A 6 0.04 -7.80 -10.67
C SER A 6 -1.42 -8.06 -10.28
N LEU A 7 -1.72 -9.20 -9.65
CA LEU A 7 -3.05 -9.53 -9.12
C LEU A 7 -3.54 -8.49 -8.11
N ILE A 8 -2.69 -8.04 -7.18
CA ILE A 8 -3.03 -6.97 -6.23
C ILE A 8 -3.34 -5.66 -6.98
N LYS A 9 -2.54 -5.28 -7.97
CA LYS A 9 -2.76 -4.06 -8.77
C LYS A 9 -4.07 -4.10 -9.59
N LYS A 10 -4.41 -5.27 -10.14
CA LYS A 10 -5.68 -5.54 -10.83
C LYS A 10 -6.91 -5.48 -9.91
N GLU A 11 -6.85 -6.16 -8.76
CA GLU A 11 -8.01 -6.36 -7.87
C GLU A 11 -8.24 -5.24 -6.85
N PHE A 12 -7.17 -4.61 -6.33
CA PHE A 12 -7.20 -3.56 -5.31
C PHE A 12 -7.03 -2.11 -5.78
N SER A 13 -6.83 -1.91 -7.08
CA SER A 13 -6.59 -0.61 -7.75
C SER A 13 -5.37 0.19 -7.23
N ILE A 14 -4.45 -0.48 -6.53
CA ILE A 14 -3.18 0.08 -6.00
C ILE A 14 -2.07 -0.97 -6.20
N SER A 15 -0.85 -0.51 -6.46
CA SER A 15 0.31 -1.41 -6.58
C SER A 15 0.64 -2.09 -5.24
N PHE A 16 1.39 -3.20 -5.27
CA PHE A 16 1.93 -3.78 -4.04
C PHE A 16 2.83 -2.84 -3.23
N GLU A 17 3.59 -1.99 -3.91
CA GLU A 17 4.42 -0.92 -3.35
C GLU A 17 3.58 0.18 -2.68
N GLU A 18 2.49 0.64 -3.31
CA GLU A 18 1.51 1.54 -2.68
C GLU A 18 0.86 0.88 -1.45
N PHE A 19 0.48 -0.40 -1.57
CA PHE A 19 0.05 -1.21 -0.44
C PHE A 19 1.06 -1.31 0.72
N ALA A 20 2.35 -1.42 0.42
CA ALA A 20 3.44 -1.38 1.39
C ALA A 20 3.54 -0.01 2.09
N VAL A 21 3.29 1.12 1.40
CA VAL A 21 3.19 2.45 2.06
C VAL A 21 2.04 2.48 3.07
N LEU A 22 0.86 1.97 2.71
CA LEU A 22 -0.26 1.86 3.64
C LEU A 22 0.03 0.90 4.80
N THR A 23 0.75 -0.20 4.55
CA THR A 23 1.25 -1.11 5.59
C THR A 23 2.23 -0.43 6.56
N TYR A 24 3.22 0.30 6.05
CA TYR A 24 4.08 1.17 6.86
C TYR A 24 3.35 2.13 7.80
N ILE A 25 2.36 2.84 7.27
CA ILE A 25 1.48 3.74 8.03
C ILE A 25 0.65 2.96 9.08
N SER A 26 0.08 1.80 8.71
CA SER A 26 -0.71 0.96 9.62
C SER A 26 0.12 0.36 10.77
N GLU A 27 1.37 -0.01 10.51
CA GLU A 27 2.30 -0.54 11.52
C GLU A 27 2.74 0.52 12.55
N ASN A 28 2.91 1.77 12.10
CA ASN A 28 3.32 2.90 12.95
C ASN A 28 2.13 3.60 13.66
N LYS A 29 0.94 3.59 13.05
CA LYS A 29 -0.36 4.00 13.60
C LYS A 29 -0.35 5.40 14.27
N GLU A 30 -0.04 6.41 13.47
CA GLU A 30 -0.06 7.84 13.86
C GLU A 30 -0.66 8.71 12.73
N LYS A 31 -0.98 9.97 13.04
CA LYS A 31 -1.75 10.89 12.18
C LYS A 31 -0.91 11.76 11.23
N GLU A 32 0.41 11.80 11.38
CA GLU A 32 1.31 12.69 10.64
C GLU A 32 2.60 11.99 10.20
N TYR A 33 2.98 12.18 8.92
CA TYR A 33 4.15 11.55 8.28
C TYR A 33 4.94 12.45 7.32
N TYR A 34 6.23 12.13 7.10
CA TYR A 34 7.08 12.72 6.06
C TYR A 34 7.40 11.79 4.88
N LEU A 35 7.43 12.29 3.64
CA LEU A 35 7.66 11.43 2.47
C LEU A 35 9.09 10.86 2.45
N LYS A 36 10.09 11.62 2.90
CA LYS A 36 11.45 11.09 3.11
C LYS A 36 11.48 9.96 4.15
N ASP A 37 10.64 9.99 5.19
CA ASP A 37 10.48 8.84 6.08
C ASP A 37 9.83 7.60 5.47
N ILE A 38 8.88 7.78 4.54
CA ILE A 38 8.36 6.66 3.73
C ILE A 38 9.53 6.07 2.92
N ILE A 39 10.37 6.90 2.31
CA ILE A 39 11.60 6.47 1.60
C ILE A 39 12.60 5.77 2.54
N ASN A 40 12.78 6.26 3.77
CA ASN A 40 13.64 5.61 4.78
C ASN A 40 13.15 4.20 5.14
N HIS A 41 11.83 3.99 5.21
CA HIS A 41 11.25 2.66 5.51
C HIS A 41 11.03 1.76 4.28
N LEU A 42 10.89 2.33 3.09
CA LEU A 42 10.65 1.67 1.80
C LEU A 42 11.52 2.32 0.71
N ASN A 43 12.63 1.67 0.35
CA ASN A 43 13.72 2.18 -0.50
C ASN A 43 13.39 2.49 -1.99
N TYR A 44 12.11 2.68 -2.35
CA TYR A 44 11.70 3.08 -3.72
C TYR A 44 12.19 4.53 -3.97
N LYS A 45 12.42 4.88 -5.24
CA LYS A 45 12.99 6.18 -5.67
C LYS A 45 12.01 7.35 -5.44
N GLN A 46 12.52 8.58 -5.33
CA GLN A 46 11.73 9.81 -5.13
C GLN A 46 10.49 9.95 -6.04
N PRO A 47 10.60 9.88 -7.40
CA PRO A 47 9.43 10.02 -8.27
C PRO A 47 8.37 8.93 -8.03
N GLN A 48 8.79 7.68 -7.82
CA GLN A 48 7.90 6.56 -7.49
C GLN A 48 7.15 6.78 -6.18
N VAL A 49 7.80 7.21 -5.09
CA VAL A 49 7.10 7.50 -3.82
C VAL A 49 6.19 8.72 -3.93
N VAL A 50 6.59 9.78 -4.64
CA VAL A 50 5.71 10.93 -4.90
C VAL A 50 4.48 10.48 -5.69
N LYS A 51 4.63 9.69 -6.76
CA LYS A 51 3.50 9.13 -7.52
C LYS A 51 2.62 8.23 -6.64
N ALA A 52 3.20 7.34 -5.84
CA ALA A 52 2.48 6.48 -4.91
C ALA A 52 1.65 7.29 -3.90
N VAL A 53 2.23 8.31 -3.27
CA VAL A 53 1.54 9.20 -2.32
C VAL A 53 0.45 9.99 -3.05
N LYS A 54 0.73 10.54 -4.23
CA LYS A 54 -0.26 11.29 -5.03
C LYS A 54 -1.47 10.41 -5.42
N ILE A 55 -1.23 9.21 -5.94
CA ILE A 55 -2.29 8.24 -6.28
C ILE A 55 -3.08 7.81 -5.04
N LEU A 56 -2.41 7.44 -3.94
CA LEU A 56 -3.09 7.08 -2.70
C LEU A 56 -3.92 8.23 -2.11
N SER A 57 -3.45 9.47 -2.25
CA SER A 57 -4.22 10.66 -1.85
C SER A 57 -5.43 10.91 -2.76
N GLN A 58 -5.31 10.70 -4.08
CA GLN A 58 -6.44 10.71 -5.00
C GLN A 58 -7.48 9.61 -4.71
N GLU A 59 -7.02 8.44 -4.25
CA GLU A 59 -7.84 7.35 -3.71
C GLU A 59 -8.27 7.56 -2.24
N ASP A 60 -8.15 8.81 -1.74
CA ASP A 60 -8.58 9.25 -0.41
C ASP A 60 -7.90 8.66 0.84
N TYR A 61 -6.86 7.84 0.69
CA TYR A 61 -6.16 7.19 1.81
C TYR A 61 -5.47 8.10 2.82
N PHE A 62 -5.00 9.26 2.35
CA PHE A 62 -4.43 10.35 3.15
C PHE A 62 -4.46 11.73 2.50
N ASP A 63 -4.45 12.79 3.30
CA ASP A 63 -4.26 14.17 2.82
C ASP A 63 -2.75 14.51 2.78
N LYS A 64 -2.31 15.52 2.03
CA LYS A 64 -0.91 15.97 2.03
C LYS A 64 -0.76 17.46 1.72
N LYS A 65 0.29 18.10 2.28
CA LYS A 65 0.64 19.51 2.06
C LYS A 65 2.13 19.76 2.27
N ARG A 66 2.74 20.68 1.52
CA ARG A 66 4.13 21.13 1.81
C ARG A 66 4.10 22.00 3.08
N ASN A 67 5.02 21.75 4.00
CA ASN A 67 5.04 22.30 5.36
C ASN A 67 4.98 23.85 5.43
N GLU A 68 4.13 24.39 6.31
CA GLU A 68 3.96 25.84 6.49
C GLU A 68 5.28 26.52 6.90
N HIS A 69 6.11 25.84 7.69
CA HIS A 69 7.41 26.32 8.18
C HIS A 69 8.58 26.06 7.21
N ASP A 70 8.40 25.22 6.18
CA ASP A 70 9.42 24.95 5.15
C ASP A 70 8.66 24.44 3.90
N GLN A 71 8.55 25.28 2.87
CA GLN A 71 7.71 24.98 1.69
C GLN A 71 8.32 23.91 0.76
N ARG A 72 9.50 23.38 1.07
CA ARG A 72 10.11 22.24 0.36
C ARG A 72 9.50 20.91 0.81
N THR A 73 9.61 20.60 2.09
CA THR A 73 9.27 19.27 2.66
C THR A 73 7.77 18.99 2.86
N VAL A 74 7.32 17.73 2.70
CA VAL A 74 5.88 17.38 2.66
C VAL A 74 5.35 16.61 3.86
N LEU A 75 4.28 17.13 4.46
CA LEU A 75 3.49 16.46 5.49
C LEU A 75 2.38 15.63 4.82
N ILE A 76 2.20 14.40 5.28
CA ILE A 76 1.08 13.51 4.94
C ILE A 76 0.24 13.32 6.20
N LEU A 77 -1.09 13.48 6.08
CA LEU A 77 -2.05 13.55 7.18
C LEU A 77 -3.09 12.41 7.13
N VAL A 78 -3.41 11.85 8.30
CA VAL A 78 -4.36 10.73 8.46
C VAL A 78 -5.50 11.03 9.45
N ASN A 79 -6.74 10.88 9.00
CA ASN A 79 -7.96 10.97 9.82
C ASN A 79 -8.44 9.60 10.33
N ALA A 80 -9.31 9.56 11.34
CA ALA A 80 -9.81 8.29 11.90
C ALA A 80 -10.54 7.41 10.87
N GLN A 81 -11.29 8.03 9.95
CA GLN A 81 -11.96 7.36 8.82
C GLN A 81 -10.95 6.70 7.88
N GLN A 82 -9.85 7.39 7.57
CA GLN A 82 -8.73 6.86 6.78
C GLN A 82 -7.98 5.73 7.49
N ARG A 83 -7.78 5.85 8.81
CA ARG A 83 -7.16 4.80 9.64
C ARG A 83 -7.95 3.49 9.59
N LYS A 84 -9.27 3.53 9.78
CA LYS A 84 -10.12 2.31 9.65
C LYS A 84 -10.24 1.80 8.21
N LYS A 85 -10.21 2.69 7.19
CA LYS A 85 -10.13 2.29 5.76
C LYS A 85 -8.85 1.48 5.49
N ILE A 86 -7.70 1.96 6.00
CA ILE A 86 -6.40 1.28 5.89
C ILE A 86 -6.43 -0.09 6.60
N GLU A 87 -6.89 -0.16 7.85
CA GLU A 87 -7.01 -1.44 8.57
C GLU A 87 -7.93 -2.45 7.86
N SER A 88 -9.10 -2.00 7.37
CA SER A 88 -10.03 -2.81 6.57
C SER A 88 -9.38 -3.34 5.29
N LEU A 89 -8.74 -2.46 4.51
CA LEU A 89 -8.02 -2.84 3.29
C LEU A 89 -6.95 -3.88 3.59
N LEU A 90 -6.08 -3.64 4.56
CA LEU A 90 -4.94 -4.53 4.85
C LEU A 90 -5.41 -5.90 5.36
N SER A 91 -6.51 -5.98 6.12
CA SER A 91 -7.14 -7.25 6.48
C SER A 91 -7.64 -8.01 5.24
N ARG A 92 -8.38 -7.33 4.35
CA ARG A 92 -8.91 -7.90 3.10
C ARG A 92 -7.83 -8.31 2.10
N VAL A 93 -6.77 -7.52 1.94
CA VAL A 93 -5.61 -7.85 1.09
C VAL A 93 -4.87 -9.06 1.66
N ASN A 94 -4.61 -9.15 2.97
CA ASN A 94 -3.99 -10.34 3.57
C ASN A 94 -4.81 -11.62 3.36
N LYS A 95 -6.14 -11.56 3.59
CA LYS A 95 -7.06 -12.68 3.31
C LYS A 95 -7.05 -13.08 1.82
N ARG A 96 -7.09 -12.10 0.91
CA ARG A 96 -7.08 -12.34 -0.54
C ARG A 96 -5.73 -12.85 -1.05
N ILE A 97 -4.61 -12.49 -0.43
CA ILE A 97 -3.28 -13.08 -0.73
C ILE A 97 -3.27 -14.59 -0.43
N THR A 98 -3.87 -15.02 0.70
CA THR A 98 -4.08 -16.45 1.00
C THR A 98 -4.85 -17.19 -0.08
N GLU A 99 -5.99 -16.64 -0.52
CA GLU A 99 -6.75 -17.17 -1.66
C GLU A 99 -5.91 -17.21 -2.95
N ALA A 100 -5.23 -16.11 -3.31
CA ALA A 100 -4.44 -16.01 -4.52
C ALA A 100 -3.30 -17.04 -4.58
N ASN A 101 -2.58 -17.25 -3.47
CA ASN A 101 -1.54 -18.28 -3.37
C ASN A 101 -2.13 -19.70 -3.58
N ASN A 102 -3.26 -20.01 -2.93
CA ASN A 102 -3.92 -21.31 -3.07
C ASN A 102 -4.51 -21.54 -4.46
N GLU A 103 -5.25 -20.58 -5.04
CA GLU A 103 -5.89 -20.75 -6.34
C GLU A 103 -4.87 -20.85 -7.49
N ILE A 104 -3.69 -20.23 -7.35
CA ILE A 104 -2.55 -20.43 -8.27
C ILE A 104 -2.06 -21.88 -8.23
N GLU A 105 -1.74 -22.38 -7.04
CA GLU A 105 -1.26 -23.75 -6.82
C GLU A 105 -2.28 -24.82 -7.25
N LEU A 106 -3.58 -24.53 -7.10
CA LEU A 106 -4.68 -25.42 -7.49
C LEU A 106 -5.02 -25.38 -9.00
N LEU A 107 -4.41 -24.50 -9.81
CA LEU A 107 -4.69 -24.37 -11.24
C LEU A 107 -3.46 -24.54 -12.15
N GLU A 108 -2.25 -24.15 -11.72
CA GLU A 108 -1.05 -24.20 -12.57
C GLU A 108 -0.43 -25.60 -12.75
N HIS A 109 -0.82 -26.59 -11.94
CA HIS A 109 -0.39 -27.99 -12.04
C HIS A 109 -1.44 -28.97 -11.50
N HIS A 110 -1.29 -30.27 -11.83
CA HIS A 110 -2.08 -31.38 -11.26
C HIS A 110 -1.86 -31.52 -9.74
N HIS A 111 -2.88 -32.01 -9.02
CA HIS A 111 -2.88 -32.18 -7.54
C HIS A 111 -3.77 -33.35 -7.08
N HIS A 112 -3.70 -34.49 -7.79
CA HIS A 112 -4.50 -35.70 -7.53
C HIS A 112 -4.13 -36.39 -6.20
N HIS A 113 -5.05 -37.17 -5.63
CA HIS A 113 -4.84 -37.98 -4.41
C HIS A 113 -3.81 -39.11 -4.67
N HIS A 114 -3.02 -39.46 -3.64
CA HIS A 114 -2.08 -40.60 -3.67
C HIS A 114 -2.81 -41.95 -3.77
N MET A 1 7.81 -15.49 -6.37
CA MET A 1 6.74 -15.57 -7.42
C MET A 1 6.12 -14.20 -7.68
N ASP A 2 6.23 -13.68 -8.92
CA ASP A 2 5.75 -12.33 -9.28
C ASP A 2 4.22 -12.14 -9.38
N LYS A 3 3.49 -13.20 -9.78
CA LYS A 3 2.06 -13.14 -10.13
C LYS A 3 1.13 -12.62 -9.03
N LEU A 4 1.52 -12.74 -7.76
CA LEU A 4 0.77 -12.21 -6.61
C LEU A 4 0.63 -10.68 -6.67
N LYS A 5 1.66 -9.96 -7.15
CA LYS A 5 1.64 -8.50 -7.30
C LYS A 5 0.65 -8.05 -8.38
N SER A 6 0.64 -8.76 -9.51
CA SER A 6 -0.36 -8.58 -10.59
C SER A 6 -1.78 -8.88 -10.10
N LEU A 7 -1.97 -9.94 -9.31
CA LEU A 7 -3.26 -10.28 -8.69
C LEU A 7 -3.74 -9.17 -7.73
N ILE A 8 -2.86 -8.63 -6.88
CA ILE A 8 -3.19 -7.51 -5.99
C ILE A 8 -3.64 -6.29 -6.81
N LYS A 9 -2.92 -5.93 -7.88
CA LYS A 9 -3.30 -4.80 -8.76
C LYS A 9 -4.63 -5.03 -9.50
N LYS A 10 -4.87 -6.24 -10.00
CA LYS A 10 -6.13 -6.67 -10.63
C LYS A 10 -7.32 -6.58 -9.66
N GLU A 11 -7.16 -7.09 -8.44
CA GLU A 11 -8.24 -7.16 -7.45
C GLU A 11 -8.52 -5.84 -6.71
N PHE A 12 -7.49 -5.01 -6.46
CA PHE A 12 -7.57 -3.83 -5.59
C PHE A 12 -7.34 -2.44 -6.21
N SER A 13 -7.00 -2.38 -7.51
CA SER A 13 -6.75 -1.14 -8.27
C SER A 13 -5.61 -0.24 -7.73
N ILE A 14 -4.66 -0.84 -7.01
CA ILE A 14 -3.43 -0.20 -6.49
C ILE A 14 -2.23 -1.13 -6.72
N SER A 15 -1.03 -0.58 -6.90
CA SER A 15 0.19 -1.38 -7.03
C SER A 15 0.54 -2.09 -5.72
N PHE A 16 1.38 -3.13 -5.79
CA PHE A 16 1.96 -3.75 -4.59
C PHE A 16 2.78 -2.79 -3.71
N GLU A 17 3.53 -1.88 -4.34
CA GLU A 17 4.28 -0.81 -3.69
C GLU A 17 3.35 0.21 -2.99
N GLU A 18 2.26 0.65 -3.64
CA GLU A 18 1.22 1.47 -3.00
C GLU A 18 0.58 0.74 -1.81
N PHE A 19 0.27 -0.55 -1.96
CA PHE A 19 -0.14 -1.39 -0.85
C PHE A 19 0.85 -1.49 0.32
N ALA A 20 2.15 -1.60 0.03
CA ALA A 20 3.21 -1.57 1.03
C ALA A 20 3.28 -0.21 1.74
N VAL A 21 3.10 0.92 1.04
CA VAL A 21 3.04 2.27 1.66
C VAL A 21 1.85 2.34 2.63
N LEU A 22 0.66 1.87 2.23
CA LEU A 22 -0.50 1.81 3.14
C LEU A 22 -0.26 0.87 4.33
N THR A 23 0.42 -0.26 4.13
CA THR A 23 0.82 -1.19 5.20
C THR A 23 1.78 -0.54 6.20
N TYR A 24 2.83 0.14 5.74
CA TYR A 24 3.68 0.98 6.59
C TYR A 24 2.95 2.01 7.47
N ILE A 25 2.01 2.74 6.86
CA ILE A 25 1.14 3.70 7.54
C ILE A 25 0.21 3.01 8.56
N SER A 26 -0.37 1.87 8.22
CA SER A 26 -1.27 1.11 9.12
C SER A 26 -0.53 0.53 10.34
N GLU A 27 0.68 -0.01 10.14
CA GLU A 27 1.50 -0.57 11.23
C GLU A 27 1.97 0.48 12.25
N ASN A 28 2.31 1.69 11.76
CA ASN A 28 2.78 2.80 12.59
C ASN A 28 1.64 3.65 13.22
N LYS A 29 0.46 3.69 12.58
CA LYS A 29 -0.80 4.31 13.04
C LYS A 29 -0.70 5.76 13.60
N GLU A 30 0.24 6.54 13.08
CA GLU A 30 0.37 7.98 13.37
C GLU A 30 -0.61 8.84 12.55
N LYS A 31 -0.86 10.07 13.01
CA LYS A 31 -1.66 11.08 12.27
C LYS A 31 -0.89 11.75 11.12
N GLU A 32 0.44 11.77 11.18
CA GLU A 32 1.33 12.51 10.27
C GLU A 32 2.57 11.68 9.86
N TYR A 33 2.98 11.81 8.59
CA TYR A 33 4.10 11.08 7.98
C TYR A 33 5.02 11.89 7.05
N TYR A 34 6.33 11.68 7.12
CA TYR A 34 7.28 12.22 6.13
C TYR A 34 7.45 11.34 4.89
N LEU A 35 7.45 11.89 3.68
CA LEU A 35 7.65 11.06 2.48
C LEU A 35 9.06 10.43 2.45
N LYS A 36 10.08 11.15 2.92
CA LYS A 36 11.42 10.59 3.12
C LYS A 36 11.43 9.43 4.13
N ASP A 37 10.62 9.48 5.19
CA ASP A 37 10.43 8.32 6.07
C ASP A 37 9.73 7.11 5.45
N ILE A 38 8.76 7.32 4.56
CA ILE A 38 8.19 6.24 3.75
C ILE A 38 9.32 5.61 2.92
N ILE A 39 10.19 6.42 2.30
CA ILE A 39 11.38 5.94 1.56
C ILE A 39 12.40 5.22 2.47
N ASN A 40 12.63 5.72 3.69
CA ASN A 40 13.50 5.07 4.68
C ASN A 40 12.98 3.67 5.07
N HIS A 41 11.64 3.47 5.09
CA HIS A 41 11.03 2.16 5.37
C HIS A 41 10.81 1.29 4.11
N LEU A 42 10.72 1.89 2.92
CA LEU A 42 10.47 1.25 1.63
C LEU A 42 11.39 1.88 0.56
N ASN A 43 12.50 1.20 0.24
CA ASN A 43 13.62 1.70 -0.58
C ASN A 43 13.35 2.04 -2.08
N TYR A 44 12.10 2.29 -2.48
CA TYR A 44 11.73 2.76 -3.81
C TYR A 44 12.28 4.20 -3.99
N LYS A 45 12.54 4.61 -5.24
CA LYS A 45 13.15 5.91 -5.62
C LYS A 45 12.20 7.09 -5.30
N GLN A 46 12.73 8.32 -5.19
CA GLN A 46 11.92 9.53 -4.91
C GLN A 46 10.71 9.69 -5.87
N PRO A 47 10.86 9.58 -7.21
CA PRO A 47 9.70 9.69 -8.12
C PRO A 47 8.68 8.56 -7.94
N GLN A 48 9.12 7.32 -7.64
CA GLN A 48 8.22 6.18 -7.42
C GLN A 48 7.32 6.40 -6.19
N VAL A 49 7.87 6.84 -5.05
CA VAL A 49 7.06 7.14 -3.86
C VAL A 49 6.20 8.39 -4.05
N VAL A 50 6.69 9.45 -4.69
CA VAL A 50 5.86 10.63 -5.01
C VAL A 50 4.70 10.25 -5.93
N LYS A 51 4.92 9.42 -6.96
CA LYS A 51 3.86 8.86 -7.83
C LYS A 51 2.84 8.02 -7.05
N ALA A 52 3.31 7.12 -6.19
CA ALA A 52 2.44 6.32 -5.30
C ALA A 52 1.62 7.20 -4.36
N VAL A 53 2.22 8.21 -3.72
CA VAL A 53 1.55 9.15 -2.80
C VAL A 53 0.54 10.00 -3.57
N LYS A 54 0.87 10.50 -4.76
CA LYS A 54 -0.09 11.22 -5.62
C LYS A 54 -1.32 10.35 -5.94
N ILE A 55 -1.12 9.14 -6.44
CA ILE A 55 -2.21 8.21 -6.79
C ILE A 55 -3.06 7.85 -5.56
N LEU A 56 -2.43 7.49 -4.43
CA LEU A 56 -3.15 7.18 -3.19
C LEU A 56 -3.92 8.39 -2.62
N SER A 57 -3.37 9.60 -2.73
CA SER A 57 -4.05 10.84 -2.32
C SER A 57 -5.23 11.19 -3.26
N GLN A 58 -5.09 10.97 -4.57
CA GLN A 58 -6.18 11.07 -5.54
C GLN A 58 -7.31 10.06 -5.27
N GLU A 59 -6.97 8.86 -4.78
CA GLU A 59 -7.89 7.83 -4.27
C GLU A 59 -8.31 8.08 -2.79
N ASP A 60 -8.11 9.29 -2.27
CA ASP A 60 -8.52 9.76 -0.95
C ASP A 60 -7.88 9.12 0.30
N TYR A 61 -6.92 8.21 0.14
CA TYR A 61 -6.29 7.49 1.27
C TYR A 61 -5.54 8.35 2.29
N PHE A 62 -5.01 9.49 1.84
CA PHE A 62 -4.36 10.51 2.67
C PHE A 62 -4.32 11.93 2.05
N ASP A 63 -4.14 12.95 2.88
CA ASP A 63 -3.89 14.34 2.45
C ASP A 63 -2.41 14.72 2.54
N LYS A 64 -1.96 15.86 1.99
CA LYS A 64 -0.57 16.33 2.13
C LYS A 64 -0.38 17.86 2.10
N LYS A 65 0.77 18.33 2.59
CA LYS A 65 1.26 19.73 2.49
C LYS A 65 2.78 19.81 2.65
N ARG A 66 3.44 20.83 2.09
CA ARG A 66 4.87 21.09 2.38
C ARG A 66 5.07 21.48 3.86
N ASN A 67 6.20 21.08 4.42
CA ASN A 67 6.63 21.34 5.80
C ASN A 67 6.73 22.85 6.12
N GLU A 68 6.32 23.27 7.32
CA GLU A 68 6.30 24.68 7.72
C GLU A 68 7.73 25.25 7.89
N HIS A 69 8.64 24.49 8.53
CA HIS A 69 10.03 24.90 8.78
C HIS A 69 10.84 25.08 7.48
N ASP A 70 10.54 24.26 6.47
CA ASP A 70 11.19 24.29 5.15
C ASP A 70 10.23 23.87 4.03
N GLN A 71 9.97 24.74 3.05
CA GLN A 71 8.94 24.46 2.05
C GLN A 71 9.38 23.38 1.02
N ARG A 72 10.57 22.77 1.21
CA ARG A 72 11.07 21.61 0.47
C ARG A 72 10.45 20.29 0.94
N THR A 73 10.52 19.94 2.24
CA THR A 73 9.98 18.64 2.73
C THR A 73 8.46 18.53 2.75
N VAL A 74 7.87 17.33 2.79
CA VAL A 74 6.40 17.11 2.79
C VAL A 74 5.88 16.31 3.99
N LEU A 75 4.70 16.72 4.49
CA LEU A 75 3.93 15.98 5.49
C LEU A 75 2.69 15.39 4.80
N ILE A 76 2.45 14.12 5.05
CA ILE A 76 1.25 13.37 4.64
C ILE A 76 0.37 13.17 5.89
N LEU A 77 -0.93 13.40 5.77
CA LEU A 77 -1.91 13.46 6.87
C LEU A 77 -2.94 12.33 6.76
N VAL A 78 -3.23 11.68 7.89
CA VAL A 78 -4.17 10.54 7.99
C VAL A 78 -5.27 10.78 9.04
N ASN A 79 -6.49 11.02 8.56
CA ASN A 79 -7.70 11.18 9.39
C ASN A 79 -8.27 9.83 9.86
N ALA A 80 -9.17 9.82 10.84
CA ALA A 80 -9.77 8.59 11.39
C ALA A 80 -10.52 7.76 10.32
N GLN A 81 -11.31 8.41 9.47
CA GLN A 81 -12.00 7.72 8.35
C GLN A 81 -11.03 7.15 7.31
N GLN A 82 -9.90 7.83 7.07
CA GLN A 82 -8.80 7.30 6.25
C GLN A 82 -8.14 6.07 6.88
N ARG A 83 -7.90 6.06 8.20
CA ARG A 83 -7.41 4.87 8.92
C ARG A 83 -8.38 3.69 8.82
N LYS A 84 -9.69 3.94 8.94
CA LYS A 84 -10.75 2.93 8.75
C LYS A 84 -10.77 2.35 7.33
N LYS A 85 -10.63 3.20 6.30
CA LYS A 85 -10.49 2.79 4.89
C LYS A 85 -9.25 1.90 4.69
N ILE A 86 -8.11 2.32 5.25
CA ILE A 86 -6.83 1.61 5.18
C ILE A 86 -6.90 0.23 5.87
N GLU A 87 -7.33 0.14 7.13
CA GLU A 87 -7.36 -1.15 7.84
C GLU A 87 -8.39 -2.14 7.24
N SER A 88 -9.55 -1.64 6.76
CA SER A 88 -10.51 -2.44 6.00
C SER A 88 -9.90 -3.03 4.73
N LEU A 89 -9.24 -2.19 3.91
CA LEU A 89 -8.55 -2.62 2.70
C LEU A 89 -7.49 -3.68 3.03
N LEU A 90 -6.59 -3.39 3.98
CA LEU A 90 -5.47 -4.27 4.31
C LEU A 90 -5.94 -5.62 4.87
N SER A 91 -7.03 -5.66 5.64
CA SER A 91 -7.67 -6.92 6.06
C SER A 91 -8.16 -7.73 4.85
N ARG A 92 -8.90 -7.10 3.93
CA ARG A 92 -9.42 -7.75 2.69
C ARG A 92 -8.30 -8.19 1.73
N VAL A 93 -7.24 -7.39 1.59
CA VAL A 93 -6.04 -7.73 0.79
C VAL A 93 -5.30 -8.91 1.42
N ASN A 94 -5.08 -8.94 2.75
CA ASN A 94 -4.45 -10.09 3.42
C ASN A 94 -5.29 -11.38 3.29
N LYS A 95 -6.62 -11.30 3.39
CA LYS A 95 -7.52 -12.43 3.10
C LYS A 95 -7.33 -12.93 1.66
N ARG A 96 -7.36 -12.03 0.66
CA ARG A 96 -7.22 -12.42 -0.76
C ARG A 96 -5.83 -12.94 -1.10
N ILE A 97 -4.77 -12.41 -0.48
CA ILE A 97 -3.40 -12.96 -0.56
C ILE A 97 -3.35 -14.37 0.02
N THR A 98 -3.99 -14.61 1.17
CA THR A 98 -4.10 -15.95 1.78
C THR A 98 -4.83 -16.94 0.87
N GLU A 99 -5.95 -16.55 0.27
CA GLU A 99 -6.67 -17.36 -0.73
C GLU A 99 -5.80 -17.67 -1.97
N ALA A 100 -5.11 -16.65 -2.52
CA ALA A 100 -4.24 -16.80 -3.67
C ALA A 100 -3.03 -17.73 -3.39
N ASN A 101 -2.40 -17.58 -2.22
CA ASN A 101 -1.31 -18.47 -1.79
C ASN A 101 -1.78 -19.92 -1.63
N ASN A 102 -2.96 -20.13 -1.04
CA ASN A 102 -3.55 -21.47 -0.90
C ASN A 102 -3.88 -22.13 -2.24
N GLU A 103 -4.54 -21.43 -3.18
CA GLU A 103 -4.85 -22.01 -4.50
C GLU A 103 -3.58 -22.25 -5.34
N ILE A 104 -2.54 -21.43 -5.19
CA ILE A 104 -1.22 -21.65 -5.81
C ILE A 104 -0.57 -22.94 -5.30
N GLU A 105 -0.45 -23.08 -3.99
CA GLU A 105 0.10 -24.27 -3.33
C GLU A 105 -0.72 -25.54 -3.65
N LEU A 106 -2.04 -25.42 -3.72
CA LEU A 106 -2.97 -26.49 -4.11
C LEU A 106 -2.74 -26.97 -5.55
N LEU A 107 -2.52 -26.05 -6.50
CA LEU A 107 -2.16 -26.39 -7.88
C LEU A 107 -0.74 -26.99 -7.99
N GLU A 108 0.20 -26.57 -7.13
CA GLU A 108 1.58 -27.06 -7.08
C GLU A 108 1.77 -28.43 -6.38
N HIS A 109 0.69 -29.07 -5.89
CA HIS A 109 0.75 -30.41 -5.24
C HIS A 109 1.30 -31.51 -6.16
N HIS A 110 1.80 -32.62 -5.59
CA HIS A 110 2.57 -33.68 -6.29
C HIS A 110 1.85 -34.35 -7.47
N HIS A 111 0.50 -34.29 -7.53
CA HIS A 111 -0.31 -34.86 -8.61
C HIS A 111 -0.21 -34.08 -9.95
N HIS A 112 0.12 -32.78 -9.95
CA HIS A 112 0.22 -31.99 -11.20
C HIS A 112 1.39 -32.48 -12.07
N HIS A 113 1.14 -32.63 -13.38
CA HIS A 113 2.09 -33.14 -14.38
C HIS A 113 2.73 -32.01 -15.23
N HIS A 114 3.89 -32.29 -15.82
CA HIS A 114 4.69 -31.36 -16.64
C HIS A 114 4.98 -30.02 -15.90
N MET A 1 5.43 -16.07 -8.42
CA MET A 1 5.38 -14.97 -7.42
C MET A 1 4.69 -13.71 -7.95
N ASP A 2 5.28 -13.01 -8.94
CA ASP A 2 4.84 -11.68 -9.40
C ASP A 2 3.36 -11.50 -9.81
N LYS A 3 2.70 -12.58 -10.27
CA LYS A 3 1.25 -12.59 -10.55
C LYS A 3 0.39 -12.19 -9.35
N LEU A 4 0.86 -12.40 -8.12
CA LEU A 4 0.18 -11.95 -6.89
C LEU A 4 0.09 -10.41 -6.81
N LYS A 5 1.10 -9.68 -7.29
CA LYS A 5 1.06 -8.19 -7.38
C LYS A 5 0.00 -7.72 -8.38
N SER A 6 -0.08 -8.37 -9.54
CA SER A 6 -1.12 -8.12 -10.56
C SER A 6 -2.53 -8.40 -10.01
N LEU A 7 -2.72 -9.53 -9.31
CA LEU A 7 -3.97 -9.87 -8.62
C LEU A 7 -4.36 -8.80 -7.59
N ILE A 8 -3.41 -8.34 -6.76
CA ILE A 8 -3.66 -7.25 -5.79
C ILE A 8 -4.08 -5.95 -6.50
N LYS A 9 -3.37 -5.56 -7.58
CA LYS A 9 -3.73 -4.36 -8.38
C LYS A 9 -5.13 -4.47 -8.99
N LYS A 10 -5.49 -5.63 -9.56
CA LYS A 10 -6.81 -5.91 -10.15
C LYS A 10 -7.95 -5.89 -9.13
N GLU A 11 -7.76 -6.52 -7.98
CA GLU A 11 -8.81 -6.72 -6.97
C GLU A 11 -8.95 -5.58 -5.95
N PHE A 12 -7.86 -4.85 -5.66
CA PHE A 12 -7.80 -3.78 -4.64
C PHE A 12 -7.57 -2.34 -5.12
N SER A 13 -7.34 -2.15 -6.42
CA SER A 13 -7.11 -0.85 -7.09
C SER A 13 -5.89 -0.05 -6.63
N ILE A 14 -4.95 -0.68 -5.92
CA ILE A 14 -3.62 -0.14 -5.54
C ILE A 14 -2.55 -1.22 -5.82
N SER A 15 -1.33 -0.81 -6.17
CA SER A 15 -0.22 -1.75 -6.43
C SER A 15 0.24 -2.45 -5.15
N PHE A 16 1.01 -3.54 -5.26
CA PHE A 16 1.65 -4.15 -4.09
C PHE A 16 2.60 -3.21 -3.30
N GLU A 17 3.37 -2.39 -4.01
CA GLU A 17 4.24 -1.37 -3.45
C GLU A 17 3.46 -0.24 -2.76
N GLU A 18 2.36 0.23 -3.35
CA GLU A 18 1.42 1.14 -2.68
C GLU A 18 0.81 0.51 -1.43
N PHE A 19 0.39 -0.75 -1.52
CA PHE A 19 -0.01 -1.53 -0.35
C PHE A 19 1.05 -1.67 0.75
N ALA A 20 2.33 -1.77 0.39
CA ALA A 20 3.45 -1.74 1.33
C ALA A 20 3.58 -0.37 2.03
N VAL A 21 3.35 0.76 1.33
CA VAL A 21 3.27 2.10 1.96
C VAL A 21 2.13 2.15 2.99
N LEU A 22 0.95 1.63 2.63
CA LEU A 22 -0.18 1.52 3.58
C LEU A 22 0.12 0.57 4.74
N THR A 23 0.86 -0.52 4.50
CA THR A 23 1.33 -1.44 5.55
C THR A 23 2.26 -0.74 6.52
N TYR A 24 3.25 0.02 6.04
CA TYR A 24 4.08 0.89 6.86
C TYR A 24 3.32 1.85 7.79
N ILE A 25 2.32 2.54 7.25
CA ILE A 25 1.43 3.42 8.00
C ILE A 25 0.56 2.62 8.99
N SER A 26 0.03 1.46 8.60
CA SER A 26 -0.79 0.59 9.47
C SER A 26 0.01 -0.01 10.64
N GLU A 27 1.31 -0.23 10.47
CA GLU A 27 2.21 -0.68 11.54
C GLU A 27 2.56 0.43 12.56
N ASN A 28 2.68 1.68 12.08
CA ASN A 28 3.14 2.82 12.88
C ASN A 28 2.01 3.70 13.48
N LYS A 29 0.81 3.70 12.86
CA LYS A 29 -0.47 4.28 13.34
C LYS A 29 -0.46 5.77 13.72
N GLU A 30 0.42 6.57 13.12
CA GLU A 30 0.47 8.02 13.36
C GLU A 30 -0.52 8.85 12.51
N LYS A 31 -0.74 10.11 12.93
CA LYS A 31 -1.60 11.08 12.25
C LYS A 31 -0.87 11.87 11.16
N GLU A 32 0.46 11.93 11.21
CA GLU A 32 1.30 12.78 10.35
C GLU A 32 2.56 12.03 9.88
N TYR A 33 2.90 12.18 8.59
CA TYR A 33 3.98 11.50 7.89
C TYR A 33 4.82 12.36 6.93
N TYR A 34 6.10 12.01 6.75
CA TYR A 34 6.98 12.57 5.71
C TYR A 34 7.26 11.64 4.53
N LEU A 35 7.28 12.14 3.29
CA LEU A 35 7.53 11.27 2.13
C LEU A 35 8.97 10.72 2.13
N LYS A 36 9.96 11.52 2.60
CA LYS A 36 11.32 11.04 2.85
C LYS A 36 11.36 9.91 3.88
N ASP A 37 10.53 9.94 4.91
CA ASP A 37 10.37 8.80 5.83
C ASP A 37 9.77 7.53 5.23
N ILE A 38 8.83 7.67 4.29
CA ILE A 38 8.34 6.52 3.50
C ILE A 38 9.51 5.95 2.68
N ILE A 39 10.33 6.79 2.04
CA ILE A 39 11.57 6.37 1.35
C ILE A 39 12.57 5.71 2.31
N ASN A 40 12.72 6.22 3.55
CA ASN A 40 13.58 5.61 4.57
C ASN A 40 13.11 4.20 4.98
N HIS A 41 11.80 3.98 5.05
CA HIS A 41 11.22 2.66 5.42
C HIS A 41 11.03 1.68 4.24
N LEU A 42 10.89 2.19 3.02
CA LEU A 42 10.67 1.42 1.78
C LEU A 42 11.58 1.98 0.66
N ASN A 43 12.59 1.20 0.25
CA ASN A 43 13.70 1.61 -0.63
C ASN A 43 13.34 1.91 -2.11
N TYR A 44 12.07 2.20 -2.43
CA TYR A 44 11.63 2.61 -3.76
C TYR A 44 12.21 4.01 -4.06
N LYS A 45 12.40 4.32 -5.35
CA LYS A 45 13.00 5.57 -5.87
C LYS A 45 12.10 6.78 -5.57
N GLN A 46 12.66 8.00 -5.46
CA GLN A 46 11.89 9.21 -5.13
C GLN A 46 10.66 9.44 -6.05
N PRO A 47 10.74 9.33 -7.39
CA PRO A 47 9.56 9.45 -8.27
C PRO A 47 8.54 8.32 -8.06
N GLN A 48 8.98 7.09 -7.77
CA GLN A 48 8.09 5.95 -7.48
C GLN A 48 7.27 6.20 -6.20
N VAL A 49 7.88 6.72 -5.13
CA VAL A 49 7.16 7.09 -3.90
C VAL A 49 6.24 8.29 -4.11
N VAL A 50 6.65 9.33 -4.86
CA VAL A 50 5.76 10.45 -5.22
C VAL A 50 4.55 9.93 -6.01
N LYS A 51 4.73 9.08 -7.03
CA LYS A 51 3.62 8.43 -7.77
C LYS A 51 2.71 7.63 -6.83
N ALA A 52 3.27 6.76 -5.99
CA ALA A 52 2.52 5.94 -5.04
C ALA A 52 1.67 6.79 -4.09
N VAL A 53 2.26 7.83 -3.48
CA VAL A 53 1.57 8.75 -2.57
C VAL A 53 0.51 9.55 -3.33
N LYS A 54 0.80 10.05 -4.54
CA LYS A 54 -0.17 10.78 -5.37
C LYS A 54 -1.41 9.94 -5.67
N ILE A 55 -1.22 8.69 -6.12
CA ILE A 55 -2.30 7.75 -6.41
C ILE A 55 -3.07 7.34 -5.13
N LEU A 56 -2.37 7.00 -4.05
CA LEU A 56 -3.02 6.64 -2.77
C LEU A 56 -3.84 7.80 -2.20
N SER A 57 -3.38 9.04 -2.34
CA SER A 57 -4.13 10.23 -1.91
C SER A 57 -5.36 10.47 -2.81
N GLN A 58 -5.24 10.28 -4.14
CA GLN A 58 -6.39 10.29 -5.07
C GLN A 58 -7.42 9.19 -4.78
N GLU A 59 -6.96 8.03 -4.32
CA GLU A 59 -7.78 6.91 -3.79
C GLU A 59 -8.24 7.11 -2.32
N ASP A 60 -8.10 8.34 -1.79
CA ASP A 60 -8.53 8.77 -0.46
C ASP A 60 -7.84 8.17 0.79
N TYR A 61 -6.82 7.33 0.62
CA TYR A 61 -6.11 6.68 1.73
C TYR A 61 -5.42 7.60 2.75
N PHE A 62 -4.93 8.75 2.28
CA PHE A 62 -4.39 9.84 3.09
C PHE A 62 -4.51 11.24 2.45
N ASP A 63 -4.58 12.28 3.28
CA ASP A 63 -4.50 13.67 2.83
C ASP A 63 -3.03 14.15 2.65
N LYS A 64 -2.79 15.24 1.90
CA LYS A 64 -1.43 15.72 1.61
C LYS A 64 -1.36 17.25 1.49
N LYS A 65 -0.34 17.86 2.10
CA LYS A 65 -0.02 19.30 2.02
C LYS A 65 1.49 19.56 2.07
N ARG A 66 2.02 20.48 1.26
CA ARG A 66 3.42 20.93 1.41
C ARG A 66 3.51 21.85 2.64
N ASN A 67 4.59 21.74 3.41
CA ASN A 67 4.78 22.36 4.71
C ASN A 67 4.70 23.91 4.66
N GLU A 68 4.25 24.54 5.75
CA GLU A 68 4.25 26.00 5.90
C GLU A 68 5.57 26.55 6.47
N HIS A 69 6.18 25.84 7.43
CA HIS A 69 7.43 26.26 8.10
C HIS A 69 8.68 26.16 7.20
N ASP A 70 8.58 25.39 6.12
CA ASP A 70 9.54 25.26 5.02
C ASP A 70 8.67 24.99 3.78
N GLN A 71 8.83 25.73 2.69
CA GLN A 71 7.89 25.65 1.55
C GLN A 71 8.18 24.55 0.51
N ARG A 72 9.12 23.60 0.76
CA ARG A 72 9.36 22.44 -0.14
C ARG A 72 8.92 21.10 0.42
N THR A 73 9.19 20.79 1.68
CA THR A 73 8.91 19.45 2.25
C THR A 73 7.44 19.10 2.42
N VAL A 74 7.05 17.81 2.41
CA VAL A 74 5.64 17.39 2.41
C VAL A 74 5.15 16.68 3.68
N LEU A 75 3.93 17.05 4.09
CA LEU A 75 3.16 16.39 5.14
C LEU A 75 2.08 15.52 4.49
N ILE A 76 2.03 14.26 4.91
CA ILE A 76 0.96 13.31 4.60
C ILE A 76 0.14 13.12 5.89
N LEU A 77 -1.18 13.29 5.81
CA LEU A 77 -2.07 13.35 6.98
C LEU A 77 -3.05 12.17 7.00
N VAL A 78 -3.34 11.64 8.19
CA VAL A 78 -4.21 10.48 8.43
C VAL A 78 -5.36 10.80 9.39
N ASN A 79 -6.56 11.00 8.85
CA ASN A 79 -7.80 11.11 9.63
C ASN A 79 -8.15 9.74 10.28
N ALA A 80 -8.94 9.72 11.35
CA ALA A 80 -9.41 8.48 11.99
C ALA A 80 -10.14 7.54 11.01
N GLN A 81 -10.96 8.07 10.10
CA GLN A 81 -11.62 7.29 9.04
C GLN A 81 -10.59 6.69 8.05
N GLN A 82 -9.53 7.43 7.72
CA GLN A 82 -8.41 6.94 6.92
C GLN A 82 -7.60 5.84 7.61
N ARG A 83 -7.40 5.92 8.94
CA ARG A 83 -6.77 4.85 9.73
C ARG A 83 -7.62 3.57 9.68
N LYS A 84 -8.94 3.68 9.82
CA LYS A 84 -9.88 2.54 9.67
C LYS A 84 -9.91 1.97 8.25
N LYS A 85 -9.89 2.82 7.22
CA LYS A 85 -9.78 2.43 5.80
C LYS A 85 -8.49 1.64 5.51
N ILE A 86 -7.36 2.10 6.04
CA ILE A 86 -6.05 1.41 5.95
C ILE A 86 -6.10 0.04 6.68
N GLU A 87 -6.54 0.00 7.93
CA GLU A 87 -6.63 -1.26 8.68
C GLU A 87 -7.61 -2.28 8.07
N SER A 88 -8.74 -1.81 7.54
CA SER A 88 -9.71 -2.62 6.79
C SER A 88 -9.08 -3.23 5.54
N LEU A 89 -8.35 -2.45 4.74
CA LEU A 89 -7.58 -2.97 3.60
C LEU A 89 -6.54 -3.99 4.04
N LEU A 90 -5.76 -3.71 5.10
CA LEU A 90 -4.74 -4.63 5.61
C LEU A 90 -5.32 -6.00 6.00
N SER A 91 -6.46 -6.02 6.69
CA SER A 91 -7.17 -7.26 7.02
C SER A 91 -7.64 -8.01 5.75
N ARG A 92 -8.33 -7.31 4.84
CA ARG A 92 -8.89 -7.89 3.61
C ARG A 92 -7.84 -8.42 2.64
N VAL A 93 -6.74 -7.67 2.43
CA VAL A 93 -5.63 -8.10 1.55
C VAL A 93 -4.91 -9.31 2.16
N ASN A 94 -4.63 -9.35 3.46
CA ASN A 94 -4.04 -10.54 4.08
C ASN A 94 -4.92 -11.80 3.93
N LYS A 95 -6.23 -11.68 4.22
CA LYS A 95 -7.22 -12.75 3.96
C LYS A 95 -7.22 -13.19 2.49
N ARG A 96 -7.30 -12.23 1.57
CA ARG A 96 -7.37 -12.49 0.12
C ARG A 96 -6.08 -13.06 -0.46
N ILE A 97 -4.90 -12.74 0.08
CA ILE A 97 -3.62 -13.40 -0.26
C ILE A 97 -3.67 -14.89 0.07
N THR A 98 -4.19 -15.26 1.25
CA THR A 98 -4.44 -16.68 1.60
C THR A 98 -5.35 -17.41 0.61
N GLU A 99 -6.48 -16.79 0.24
CA GLU A 99 -7.37 -17.31 -0.80
C GLU A 99 -6.67 -17.43 -2.16
N ALA A 100 -5.95 -16.40 -2.60
CA ALA A 100 -5.21 -16.40 -3.88
C ALA A 100 -4.14 -17.50 -3.94
N ASN A 101 -3.40 -17.73 -2.85
CA ASN A 101 -2.45 -18.84 -2.75
C ASN A 101 -3.14 -20.21 -2.89
N ASN A 102 -4.29 -20.40 -2.24
CA ASN A 102 -5.11 -21.60 -2.42
C ASN A 102 -5.66 -21.75 -3.85
N GLU A 103 -6.13 -20.67 -4.48
CA GLU A 103 -6.59 -20.68 -5.88
C GLU A 103 -5.47 -21.08 -6.85
N ILE A 104 -4.26 -20.52 -6.72
CA ILE A 104 -3.08 -20.89 -7.50
C ILE A 104 -2.73 -22.37 -7.36
N GLU A 105 -2.71 -22.86 -6.12
CA GLU A 105 -2.46 -24.27 -5.77
C GLU A 105 -3.52 -25.24 -6.34
N LEU A 106 -4.79 -24.83 -6.37
CA LEU A 106 -5.88 -25.58 -7.00
C LEU A 106 -5.77 -25.58 -8.53
N LEU A 107 -5.42 -24.45 -9.15
CA LEU A 107 -5.28 -24.30 -10.60
C LEU A 107 -4.12 -25.13 -11.18
N GLU A 108 -2.99 -25.24 -10.48
CA GLU A 108 -1.84 -26.05 -10.93
C GLU A 108 -1.99 -27.56 -10.65
N HIS A 109 -3.01 -27.98 -9.88
CA HIS A 109 -3.30 -29.38 -9.55
C HIS A 109 -3.97 -30.15 -10.71
N HIS A 110 -3.26 -30.24 -11.84
CA HIS A 110 -3.69 -30.94 -13.07
C HIS A 110 -3.78 -32.46 -12.86
N HIS A 111 -4.56 -33.15 -13.71
CA HIS A 111 -4.73 -34.62 -13.69
C HIS A 111 -3.44 -35.38 -14.05
N HIS A 112 -3.39 -36.68 -13.72
CA HIS A 112 -2.31 -37.61 -14.10
C HIS A 112 -2.23 -37.81 -15.64
N HIS A 113 -1.11 -38.35 -16.14
CA HIS A 113 -0.92 -38.72 -17.55
C HIS A 113 -1.81 -39.90 -17.98
N HIS A 114 -2.02 -40.07 -19.29
CA HIS A 114 -2.79 -41.19 -19.89
C HIS A 114 -2.16 -42.57 -19.56
N MET A 1 6.20 -16.59 -12.60
CA MET A 1 5.81 -15.21 -13.01
C MET A 1 5.12 -14.46 -11.85
N ASP A 2 5.46 -13.19 -11.62
CA ASP A 2 4.96 -12.36 -10.51
C ASP A 2 3.51 -11.83 -10.65
N LYS A 3 2.54 -12.75 -10.72
CA LYS A 3 1.11 -12.42 -10.98
C LYS A 3 0.37 -11.81 -9.79
N LEU A 4 0.87 -12.00 -8.56
CA LEU A 4 0.19 -11.57 -7.31
C LEU A 4 -0.02 -10.04 -7.25
N LYS A 5 1.00 -9.26 -7.63
CA LYS A 5 0.90 -7.78 -7.72
C LYS A 5 -0.16 -7.33 -8.72
N SER A 6 -0.27 -8.00 -9.87
CA SER A 6 -1.27 -7.71 -10.91
C SER A 6 -2.68 -8.07 -10.43
N LEU A 7 -2.86 -9.24 -9.79
CA LEU A 7 -4.11 -9.67 -9.15
C LEU A 7 -4.60 -8.68 -8.08
N ILE A 8 -3.70 -8.14 -7.25
CA ILE A 8 -4.03 -7.09 -6.28
C ILE A 8 -4.43 -5.80 -7.00
N LYS A 9 -3.60 -5.29 -7.93
CA LYS A 9 -3.84 -4.02 -8.64
C LYS A 9 -5.14 -4.02 -9.45
N LYS A 10 -5.48 -5.15 -10.08
CA LYS A 10 -6.71 -5.39 -10.85
C LYS A 10 -7.98 -5.25 -10.01
N GLU A 11 -8.01 -5.87 -8.83
CA GLU A 11 -9.21 -5.91 -7.96
C GLU A 11 -9.31 -4.74 -6.95
N PHE A 12 -8.17 -4.32 -6.39
CA PHE A 12 -8.09 -3.36 -5.27
C PHE A 12 -7.75 -1.90 -5.62
N SER A 13 -7.47 -1.62 -6.90
CA SER A 13 -7.19 -0.28 -7.46
C SER A 13 -5.95 0.45 -6.90
N ILE A 14 -5.03 -0.27 -6.23
CA ILE A 14 -3.72 0.22 -5.78
C ILE A 14 -2.65 -0.83 -6.13
N SER A 15 -1.44 -0.38 -6.46
CA SER A 15 -0.30 -1.26 -6.80
C SER A 15 0.22 -2.03 -5.57
N PHE A 16 1.09 -3.02 -5.78
CA PHE A 16 1.77 -3.70 -4.66
C PHE A 16 2.65 -2.80 -3.79
N GLU A 17 3.43 -1.90 -4.39
CA GLU A 17 4.21 -0.88 -3.69
C GLU A 17 3.31 0.17 -2.98
N GLU A 18 2.19 0.60 -3.59
CA GLU A 18 1.19 1.42 -2.89
C GLU A 18 0.59 0.67 -1.69
N PHE A 19 0.28 -0.62 -1.84
CA PHE A 19 -0.10 -1.50 -0.74
C PHE A 19 0.94 -1.60 0.39
N ALA A 20 2.22 -1.68 0.06
CA ALA A 20 3.32 -1.61 1.02
C ALA A 20 3.39 -0.24 1.73
N VAL A 21 3.19 0.87 1.02
CA VAL A 21 3.11 2.22 1.62
C VAL A 21 1.93 2.29 2.60
N LEU A 22 0.74 1.83 2.23
CA LEU A 22 -0.41 1.77 3.14
C LEU A 22 -0.15 0.85 4.34
N THR A 23 0.53 -0.29 4.14
CA THR A 23 0.97 -1.18 5.22
C THR A 23 1.90 -0.45 6.20
N TYR A 24 2.89 0.30 5.70
CA TYR A 24 3.72 1.18 6.54
C TYR A 24 2.96 2.17 7.43
N ILE A 25 1.95 2.85 6.87
CA ILE A 25 1.04 3.74 7.62
C ILE A 25 0.26 2.96 8.68
N SER A 26 -0.28 1.80 8.33
CA SER A 26 -1.10 0.95 9.21
C SER A 26 -0.30 0.30 10.35
N GLU A 27 0.99 0.00 10.13
CA GLU A 27 1.90 -0.50 11.18
C GLU A 27 2.30 0.57 12.20
N ASN A 28 2.49 1.82 11.75
CA ASN A 28 2.92 2.94 12.59
C ASN A 28 1.79 3.66 13.35
N LYS A 29 0.56 3.68 12.81
CA LYS A 29 -0.68 4.16 13.46
C LYS A 29 -0.69 5.64 13.90
N GLU A 30 0.24 6.46 13.39
CA GLU A 30 0.27 7.91 13.62
C GLU A 30 -0.72 8.68 12.71
N LYS A 31 -1.00 9.94 13.05
CA LYS A 31 -1.81 10.86 12.21
C LYS A 31 -0.98 11.72 11.25
N GLU A 32 0.35 11.74 11.39
CA GLU A 32 1.26 12.63 10.65
C GLU A 32 2.54 11.88 10.21
N TYR A 33 2.95 12.06 8.96
CA TYR A 33 4.06 11.35 8.30
C TYR A 33 4.95 12.22 7.39
N TYR A 34 6.22 11.82 7.22
CA TYR A 34 7.16 12.38 6.23
C TYR A 34 7.49 11.46 5.05
N LEU A 35 7.52 11.97 3.80
CA LEU A 35 7.74 11.11 2.63
C LEU A 35 9.17 10.55 2.57
N LYS A 36 10.19 11.30 3.03
CA LYS A 36 11.55 10.76 3.19
C LYS A 36 11.60 9.59 4.16
N ASP A 37 10.77 9.58 5.21
CA ASP A 37 10.62 8.39 6.06
C ASP A 37 9.95 7.18 5.39
N ILE A 38 9.00 7.40 4.48
CA ILE A 38 8.46 6.33 3.63
C ILE A 38 9.59 5.76 2.76
N ILE A 39 10.44 6.61 2.15
CA ILE A 39 11.66 6.18 1.42
C ILE A 39 12.64 5.42 2.34
N ASN A 40 12.83 5.87 3.59
CA ASN A 40 13.67 5.16 4.56
C ASN A 40 13.14 3.76 4.92
N HIS A 41 11.80 3.58 4.95
CA HIS A 41 11.18 2.27 5.28
C HIS A 41 10.92 1.36 4.07
N LEU A 42 10.79 1.93 2.87
CA LEU A 42 10.54 1.23 1.60
C LEU A 42 11.50 1.80 0.54
N ASN A 43 12.54 1.03 0.21
CA ASN A 43 13.70 1.43 -0.61
C ASN A 43 13.46 1.77 -2.10
N TYR A 44 12.22 2.06 -2.51
CA TYR A 44 11.92 2.60 -3.85
C TYR A 44 12.48 4.05 -3.85
N LYS A 45 12.99 4.53 -5.00
CA LYS A 45 13.59 5.88 -5.11
C LYS A 45 12.56 7.02 -5.12
N GLN A 46 13.04 8.26 -5.00
CA GLN A 46 12.20 9.46 -4.79
C GLN A 46 11.01 9.58 -5.77
N PRO A 47 11.18 9.41 -7.11
CA PRO A 47 10.04 9.47 -8.04
C PRO A 47 9.00 8.37 -7.81
N GLN A 48 9.44 7.16 -7.46
CA GLN A 48 8.55 6.01 -7.22
C GLN A 48 7.69 6.20 -5.96
N VAL A 49 8.27 6.67 -4.86
CA VAL A 49 7.49 6.95 -3.63
C VAL A 49 6.58 8.16 -3.81
N VAL A 50 7.04 9.24 -4.47
CA VAL A 50 6.17 10.40 -4.78
C VAL A 50 5.03 9.96 -5.70
N LYS A 51 5.26 9.14 -6.74
CA LYS A 51 4.22 8.53 -7.58
C LYS A 51 3.19 7.73 -6.76
N ALA A 52 3.66 6.83 -5.90
CA ALA A 52 2.78 6.01 -5.04
C ALA A 52 1.93 6.89 -4.10
N VAL A 53 2.55 7.84 -3.39
CA VAL A 53 1.85 8.77 -2.49
C VAL A 53 0.89 9.68 -3.28
N LYS A 54 1.28 10.19 -4.45
CA LYS A 54 0.44 11.03 -5.31
C LYS A 54 -0.84 10.32 -5.73
N ILE A 55 -0.74 9.08 -6.22
CA ILE A 55 -1.91 8.27 -6.57
C ILE A 55 -2.77 7.99 -5.33
N LEU A 56 -2.19 7.51 -4.23
CA LEU A 56 -2.94 7.22 -3.00
C LEU A 56 -3.63 8.47 -2.42
N SER A 57 -2.99 9.63 -2.46
CA SER A 57 -3.57 10.90 -1.99
C SER A 57 -4.69 11.40 -2.91
N GLN A 58 -4.52 11.30 -4.24
CA GLN A 58 -5.59 11.62 -5.20
C GLN A 58 -6.79 10.66 -5.13
N GLU A 59 -6.56 9.40 -4.75
CA GLU A 59 -7.58 8.40 -4.42
C GLU A 59 -8.13 8.52 -2.97
N ASP A 60 -7.82 9.61 -2.27
CA ASP A 60 -8.30 9.95 -0.92
C ASP A 60 -7.89 9.03 0.25
N TYR A 61 -6.82 8.24 0.10
CA TYR A 61 -6.26 7.42 1.20
C TYR A 61 -5.54 8.17 2.31
N PHE A 62 -4.90 9.29 1.97
CA PHE A 62 -4.32 10.28 2.89
C PHE A 62 -4.30 11.72 2.38
N ASP A 63 -4.40 12.70 3.28
CA ASP A 63 -4.23 14.12 2.96
C ASP A 63 -2.74 14.50 2.88
N LYS A 64 -2.38 15.60 2.21
CA LYS A 64 -0.97 15.97 1.97
C LYS A 64 -0.77 17.48 1.79
N LYS A 65 0.33 18.03 2.34
CA LYS A 65 0.77 19.43 2.15
C LYS A 65 2.27 19.61 2.32
N ARG A 66 2.91 20.54 1.58
CA ARG A 66 4.32 20.94 1.85
C ARG A 66 4.38 21.61 3.24
N ASN A 67 5.39 21.29 4.04
CA ASN A 67 5.48 21.69 5.44
C ASN A 67 5.56 23.23 5.61
N GLU A 68 4.75 23.82 6.49
CA GLU A 68 4.75 25.28 6.65
C GLU A 68 6.06 25.81 7.25
N HIS A 69 6.76 24.99 8.06
CA HIS A 69 8.05 25.34 8.68
C HIS A 69 9.26 25.22 7.74
N ASP A 70 9.15 24.47 6.63
CA ASP A 70 10.18 24.38 5.58
C ASP A 70 9.41 23.92 4.31
N GLN A 71 9.26 24.80 3.31
CA GLN A 71 8.38 24.50 2.17
C GLN A 71 8.96 23.43 1.22
N ARG A 72 10.21 22.97 1.46
CA ARG A 72 10.80 21.80 0.79
C ARG A 72 10.11 20.51 1.21
N THR A 73 10.16 20.13 2.48
CA THR A 73 9.63 18.85 2.95
C THR A 73 8.09 18.71 2.92
N VAL A 74 7.54 17.50 2.94
CA VAL A 74 6.09 17.22 2.90
C VAL A 74 5.53 16.52 4.14
N LEU A 75 4.34 16.96 4.58
CA LEU A 75 3.55 16.30 5.60
C LEU A 75 2.42 15.52 4.91
N ILE A 76 2.30 14.24 5.25
CA ILE A 76 1.17 13.37 4.87
C ILE A 76 0.32 13.17 6.13
N LEU A 77 -0.97 13.44 6.05
CA LEU A 77 -1.90 13.50 7.17
C LEU A 77 -2.98 12.41 7.05
N VAL A 78 -3.34 11.79 8.17
CA VAL A 78 -4.31 10.68 8.23
C VAL A 78 -5.51 11.00 9.12
N ASN A 79 -6.68 11.20 8.51
CA ASN A 79 -7.96 11.35 9.21
C ASN A 79 -8.45 10.01 9.78
N ALA A 80 -9.35 10.01 10.77
CA ALA A 80 -9.87 8.78 11.38
C ALA A 80 -10.63 7.89 10.36
N GLN A 81 -11.36 8.51 9.42
CA GLN A 81 -12.02 7.82 8.31
C GLN A 81 -11.00 7.16 7.36
N GLN A 82 -9.89 7.84 7.07
CA GLN A 82 -8.77 7.30 6.29
C GLN A 82 -8.08 6.13 6.99
N ARG A 83 -7.88 6.19 8.31
CA ARG A 83 -7.32 5.05 9.07
C ARG A 83 -8.19 3.79 8.96
N LYS A 84 -9.51 3.89 9.20
CA LYS A 84 -10.39 2.70 9.08
C LYS A 84 -10.54 2.21 7.62
N LYS A 85 -10.51 3.12 6.63
CA LYS A 85 -10.42 2.78 5.19
C LYS A 85 -9.16 1.95 4.90
N ILE A 86 -8.00 2.39 5.37
CA ILE A 86 -6.71 1.69 5.24
C ILE A 86 -6.74 0.31 5.93
N GLU A 87 -7.14 0.24 7.20
CA GLU A 87 -7.20 -1.02 7.94
C GLU A 87 -8.17 -2.04 7.32
N SER A 88 -9.35 -1.60 6.86
CA SER A 88 -10.32 -2.42 6.12
C SER A 88 -9.74 -2.96 4.81
N LEU A 89 -9.14 -2.08 3.98
CA LEU A 89 -8.51 -2.47 2.72
C LEU A 89 -7.39 -3.48 2.94
N LEU A 90 -6.46 -3.21 3.87
CA LEU A 90 -5.34 -4.11 4.14
C LEU A 90 -5.78 -5.46 4.69
N SER A 91 -6.83 -5.53 5.50
CA SER A 91 -7.41 -6.81 5.96
C SER A 91 -7.93 -7.64 4.78
N ARG A 92 -8.68 -7.02 3.86
CA ARG A 92 -9.23 -7.66 2.65
C ARG A 92 -8.15 -8.10 1.66
N VAL A 93 -7.11 -7.28 1.48
CA VAL A 93 -5.95 -7.62 0.62
C VAL A 93 -5.11 -8.74 1.24
N ASN A 94 -4.88 -8.75 2.55
CA ASN A 94 -4.20 -9.87 3.22
C ASN A 94 -4.99 -11.20 3.11
N LYS A 95 -6.31 -11.17 3.31
CA LYS A 95 -7.20 -12.31 3.05
C LYS A 95 -7.07 -12.81 1.60
N ARG A 96 -7.06 -11.91 0.62
CA ARG A 96 -6.83 -12.24 -0.80
C ARG A 96 -5.44 -12.84 -1.04
N ILE A 97 -4.38 -12.27 -0.46
CA ILE A 97 -3.00 -12.79 -0.58
C ILE A 97 -2.91 -14.26 -0.11
N THR A 98 -3.46 -14.57 1.07
CA THR A 98 -3.51 -15.95 1.59
C THR A 98 -4.25 -16.94 0.67
N GLU A 99 -5.50 -16.67 0.33
CA GLU A 99 -6.28 -17.60 -0.50
C GLU A 99 -5.75 -17.73 -1.93
N ALA A 100 -5.19 -16.66 -2.52
CA ALA A 100 -4.52 -16.74 -3.80
C ALA A 100 -3.24 -17.58 -3.72
N ASN A 101 -2.37 -17.34 -2.73
CA ASN A 101 -1.12 -18.09 -2.55
C ASN A 101 -1.34 -19.59 -2.24
N ASN A 102 -2.45 -19.95 -1.58
CA ASN A 102 -2.81 -21.35 -1.35
C ASN A 102 -2.94 -22.15 -2.67
N GLU A 103 -3.48 -21.56 -3.74
CA GLU A 103 -3.58 -22.22 -5.06
C GLU A 103 -2.20 -22.49 -5.66
N ILE A 104 -1.26 -21.56 -5.52
CA ILE A 104 0.13 -21.70 -5.95
C ILE A 104 0.87 -22.80 -5.20
N GLU A 105 0.74 -22.80 -3.88
CA GLU A 105 1.24 -23.86 -2.99
C GLU A 105 0.62 -25.24 -3.29
N LEU A 106 -0.62 -25.28 -3.77
CA LEU A 106 -1.27 -26.50 -4.30
C LEU A 106 -0.66 -26.91 -5.66
N LEU A 107 -0.62 -26.00 -6.65
CA LEU A 107 -0.25 -26.31 -8.02
C LEU A 107 1.23 -26.68 -8.19
N GLU A 108 2.14 -26.11 -7.40
CA GLU A 108 3.59 -26.44 -7.48
C GLU A 108 3.89 -27.89 -7.05
N HIS A 109 3.00 -28.53 -6.27
CA HIS A 109 3.09 -29.93 -5.85
C HIS A 109 2.41 -30.95 -6.78
N HIS A 110 1.75 -30.51 -7.86
CA HIS A 110 1.14 -31.41 -8.86
C HIS A 110 2.20 -32.29 -9.55
N HIS A 111 1.96 -33.60 -9.64
CA HIS A 111 2.88 -34.61 -10.22
C HIS A 111 2.12 -35.82 -10.78
N HIS A 112 2.79 -36.60 -11.65
CA HIS A 112 2.23 -37.82 -12.27
C HIS A 112 2.02 -38.96 -11.25
N HIS A 113 1.10 -39.89 -11.55
CA HIS A 113 0.81 -41.07 -10.71
C HIS A 113 2.02 -42.02 -10.62
N HIS A 114 2.17 -42.71 -9.47
CA HIS A 114 3.21 -43.70 -9.19
C HIS A 114 2.72 -44.76 -8.17
N MET A 1 6.55 -18.90 -8.66
CA MET A 1 5.59 -17.96 -9.33
C MET A 1 5.42 -16.67 -8.52
N ASP A 2 4.93 -15.60 -9.18
CA ASP A 2 4.89 -14.22 -8.64
C ASP A 2 3.55 -13.47 -8.84
N LYS A 3 2.44 -14.20 -8.99
CA LYS A 3 1.10 -13.68 -9.35
C LYS A 3 0.58 -12.59 -8.41
N LEU A 4 0.94 -12.63 -7.12
CA LEU A 4 0.35 -11.78 -6.08
C LEU A 4 0.46 -10.26 -6.36
N LYS A 5 1.58 -9.80 -6.94
CA LYS A 5 1.76 -8.38 -7.31
C LYS A 5 0.75 -7.93 -8.38
N SER A 6 0.56 -8.76 -9.40
CA SER A 6 -0.45 -8.57 -10.45
C SER A 6 -1.88 -8.68 -9.89
N LEU A 7 -2.14 -9.65 -9.01
CA LEU A 7 -3.43 -9.82 -8.32
C LEU A 7 -3.84 -8.59 -7.51
N ILE A 8 -2.92 -7.99 -6.74
CA ILE A 8 -3.20 -6.76 -5.98
C ILE A 8 -3.46 -5.57 -6.92
N LYS A 9 -2.69 -5.43 -8.01
CA LYS A 9 -2.92 -4.41 -9.05
C LYS A 9 -4.28 -4.57 -9.74
N LYS A 10 -4.72 -5.81 -9.99
CA LYS A 10 -5.99 -6.18 -10.63
C LYS A 10 -7.21 -5.97 -9.71
N GLU A 11 -7.23 -6.62 -8.55
CA GLU A 11 -8.41 -6.64 -7.66
C GLU A 11 -8.48 -5.46 -6.67
N PHE A 12 -7.34 -4.96 -6.19
CA PHE A 12 -7.27 -3.87 -5.20
C PHE A 12 -6.99 -2.46 -5.74
N SER A 13 -6.74 -2.35 -7.05
CA SER A 13 -6.49 -1.09 -7.77
C SER A 13 -5.29 -0.26 -7.26
N ILE A 14 -4.28 -0.93 -6.69
CA ILE A 14 -3.04 -0.33 -6.15
C ILE A 14 -1.81 -1.16 -6.56
N SER A 15 -0.65 -0.51 -6.72
CA SER A 15 0.61 -1.22 -6.96
C SER A 15 1.09 -1.96 -5.71
N PHE A 16 2.04 -2.89 -5.87
CA PHE A 16 2.73 -3.51 -4.72
C PHE A 16 3.49 -2.51 -3.83
N GLU A 17 4.07 -1.47 -4.44
CA GLU A 17 4.76 -0.37 -3.73
C GLU A 17 3.77 0.47 -2.92
N GLU A 18 2.62 0.83 -3.50
CA GLU A 18 1.52 1.50 -2.80
C GLU A 18 0.98 0.64 -1.64
N PHE A 19 0.81 -0.66 -1.87
CA PHE A 19 0.52 -1.64 -0.82
C PHE A 19 1.52 -1.68 0.33
N ALA A 20 2.82 -1.61 0.03
CA ALA A 20 3.88 -1.49 1.02
C ALA A 20 3.82 -0.16 1.79
N VAL A 21 3.54 0.97 1.14
CA VAL A 21 3.37 2.29 1.80
C VAL A 21 2.17 2.26 2.74
N LEU A 22 1.04 1.69 2.31
CA LEU A 22 -0.14 1.47 3.17
C LEU A 22 0.20 0.58 4.37
N THR A 23 0.95 -0.50 4.15
CA THR A 23 1.44 -1.39 5.23
C THR A 23 2.33 -0.66 6.23
N TYR A 24 3.32 0.12 5.76
CA TYR A 24 4.12 1.00 6.62
C TYR A 24 3.34 1.95 7.53
N ILE A 25 2.32 2.62 6.97
CA ILE A 25 1.40 3.48 7.73
C ILE A 25 0.55 2.67 8.73
N SER A 26 0.06 1.49 8.34
CA SER A 26 -0.73 0.60 9.20
C SER A 26 0.08 -0.03 10.34
N GLU A 27 1.39 -0.26 10.16
CA GLU A 27 2.30 -0.71 11.22
C GLU A 27 2.59 0.39 12.27
N ASN A 28 2.71 1.64 11.81
CA ASN A 28 3.05 2.79 12.67
C ASN A 28 1.86 3.46 13.37
N LYS A 29 0.68 3.49 12.73
CA LYS A 29 -0.60 4.03 13.25
C LYS A 29 -0.56 5.50 13.72
N GLU A 30 0.39 6.29 13.24
CA GLU A 30 0.47 7.74 13.48
C GLU A 30 -0.49 8.52 12.56
N LYS A 31 -0.84 9.75 12.95
CA LYS A 31 -1.65 10.68 12.12
C LYS A 31 -0.84 11.56 11.16
N GLU A 32 0.49 11.56 11.29
CA GLU A 32 1.40 12.42 10.52
C GLU A 32 2.66 11.66 10.08
N TYR A 33 3.06 11.83 8.81
CA TYR A 33 4.23 11.20 8.19
C TYR A 33 5.01 12.13 7.26
N TYR A 34 6.30 11.86 7.04
CA TYR A 34 7.13 12.52 6.02
C TYR A 34 7.40 11.67 4.78
N LEU A 35 7.41 12.23 3.57
CA LEU A 35 7.67 11.43 2.36
C LEU A 35 9.12 10.89 2.33
N LYS A 36 10.10 11.65 2.82
CA LYS A 36 11.47 11.15 3.02
C LYS A 36 11.54 10.03 4.07
N ASP A 37 10.69 10.04 5.09
CA ASP A 37 10.56 8.90 6.01
C ASP A 37 10.01 7.63 5.37
N ILE A 38 9.02 7.76 4.49
CA ILE A 38 8.55 6.66 3.64
C ILE A 38 9.70 6.14 2.76
N ILE A 39 10.48 7.00 2.10
CA ILE A 39 11.68 6.61 1.33
C ILE A 39 12.72 5.87 2.18
N ASN A 40 12.97 6.33 3.41
CA ASN A 40 13.87 5.65 4.35
C ASN A 40 13.37 4.26 4.79
N HIS A 41 12.04 4.07 4.91
CA HIS A 41 11.45 2.76 5.27
C HIS A 41 11.24 1.82 4.05
N LEU A 42 11.07 2.39 2.86
CA LEU A 42 10.78 1.72 1.59
C LEU A 42 11.63 2.38 0.49
N ASN A 43 12.79 1.77 0.19
CA ASN A 43 13.88 2.28 -0.66
C ASN A 43 13.58 2.51 -2.16
N TYR A 44 12.32 2.65 -2.56
CA TYR A 44 11.92 3.05 -3.92
C TYR A 44 12.40 4.50 -4.19
N LYS A 45 12.59 4.84 -5.47
CA LYS A 45 13.16 6.12 -5.93
C LYS A 45 12.26 7.30 -5.56
N GLN A 46 12.82 8.51 -5.41
CA GLN A 46 12.08 9.73 -5.02
C GLN A 46 10.82 10.00 -5.88
N PRO A 47 10.87 9.91 -7.24
CA PRO A 47 9.65 10.04 -8.07
C PRO A 47 8.64 8.90 -7.87
N GLN A 48 9.10 7.65 -7.69
CA GLN A 48 8.22 6.49 -7.43
C GLN A 48 7.39 6.66 -6.15
N VAL A 49 8.01 7.12 -5.05
CA VAL A 49 7.27 7.40 -3.81
C VAL A 49 6.32 8.60 -3.94
N VAL A 50 6.71 9.68 -4.63
CA VAL A 50 5.80 10.81 -4.92
C VAL A 50 4.59 10.34 -5.74
N LYS A 51 4.81 9.52 -6.78
CA LYS A 51 3.74 8.91 -7.59
C LYS A 51 2.82 8.03 -6.73
N ALA A 52 3.37 7.12 -5.94
CA ALA A 52 2.60 6.24 -5.04
C ALA A 52 1.76 7.03 -4.03
N VAL A 53 2.34 8.04 -3.37
CA VAL A 53 1.66 8.91 -2.40
C VAL A 53 0.55 9.69 -3.13
N LYS A 54 0.84 10.33 -4.28
CA LYS A 54 -0.16 11.10 -5.04
C LYS A 54 -1.36 10.23 -5.46
N ILE A 55 -1.12 9.03 -5.98
CA ILE A 55 -2.19 8.11 -6.37
C ILE A 55 -3.03 7.66 -5.16
N LEU A 56 -2.38 7.33 -4.02
CA LEU A 56 -3.11 6.98 -2.79
C LEU A 56 -3.90 8.17 -2.21
N SER A 57 -3.40 9.41 -2.32
CA SER A 57 -4.16 10.63 -2.00
C SER A 57 -5.35 10.87 -2.93
N GLN A 58 -5.20 10.63 -4.25
CA GLN A 58 -6.30 10.67 -5.22
C GLN A 58 -7.39 9.62 -4.94
N GLU A 59 -7.00 8.45 -4.42
CA GLU A 59 -7.89 7.40 -3.89
C GLU A 59 -8.31 7.63 -2.42
N ASP A 60 -8.11 8.83 -1.89
CA ASP A 60 -8.53 9.28 -0.55
C ASP A 60 -7.91 8.61 0.69
N TYR A 61 -6.90 7.75 0.52
CA TYR A 61 -6.23 7.04 1.63
C TYR A 61 -5.52 7.91 2.66
N PHE A 62 -4.95 9.03 2.21
CA PHE A 62 -4.32 10.07 3.04
C PHE A 62 -4.26 11.47 2.41
N ASP A 63 -4.38 12.52 3.21
CA ASP A 63 -4.17 13.90 2.76
C ASP A 63 -2.68 14.26 2.73
N LYS A 64 -2.27 15.37 2.08
CA LYS A 64 -0.90 15.88 2.12
C LYS A 64 -0.82 17.40 2.06
N LYS A 65 0.19 17.98 2.71
CA LYS A 65 0.48 19.43 2.80
C LYS A 65 1.99 19.71 2.76
N ARG A 66 2.42 20.78 2.10
CA ARG A 66 3.82 21.25 2.18
C ARG A 66 4.07 21.82 3.60
N ASN A 67 5.25 21.59 4.17
CA ASN A 67 5.53 21.88 5.58
C ASN A 67 5.44 23.39 5.91
N GLU A 68 4.96 23.74 7.12
CA GLU A 68 4.73 25.15 7.48
C GLU A 68 6.02 25.96 7.67
N HIS A 69 7.12 25.32 8.10
CA HIS A 69 8.45 25.93 8.16
C HIS A 69 9.09 26.13 6.77
N ASP A 70 8.82 25.23 5.82
CA ASP A 70 9.49 25.17 4.51
C ASP A 70 8.60 24.61 3.39
N GLN A 71 8.46 25.35 2.28
CA GLN A 71 7.78 24.85 1.08
C GLN A 71 8.60 23.77 0.31
N ARG A 72 9.67 23.23 0.91
CA ARG A 72 10.44 22.07 0.44
C ARG A 72 9.76 20.76 0.83
N THR A 73 9.68 20.45 2.13
CA THR A 73 9.21 19.15 2.63
C THR A 73 7.70 18.92 2.61
N VAL A 74 7.23 17.67 2.63
CA VAL A 74 5.79 17.31 2.61
C VAL A 74 5.35 16.45 3.79
N LEU A 75 4.31 16.90 4.49
CA LEU A 75 3.61 16.14 5.51
C LEU A 75 2.46 15.37 4.84
N ILE A 76 2.29 14.11 5.22
CA ILE A 76 1.16 13.26 4.85
C ILE A 76 0.31 13.05 6.10
N LEU A 77 -0.99 13.32 5.99
CA LEU A 77 -1.95 13.39 7.10
C LEU A 77 -2.99 12.26 7.04
N VAL A 78 -3.31 11.67 8.19
CA VAL A 78 -4.22 10.52 8.33
C VAL A 78 -5.32 10.74 9.37
N ASN A 79 -6.57 10.78 8.92
CA ASN A 79 -7.78 10.80 9.78
C ASN A 79 -8.10 9.39 10.31
N ALA A 80 -8.82 9.27 11.44
CA ALA A 80 -9.27 7.98 11.98
C ALA A 80 -10.14 7.18 10.97
N GLN A 81 -10.97 7.87 10.18
CA GLN A 81 -11.75 7.28 9.07
C GLN A 81 -10.83 6.64 8.01
N GLN A 82 -9.72 7.30 7.68
CA GLN A 82 -8.69 6.78 6.78
C GLN A 82 -7.91 5.61 7.39
N ARG A 83 -7.55 5.67 8.68
CA ARG A 83 -6.85 4.55 9.35
C ARG A 83 -7.67 3.26 9.29
N LYS A 84 -8.97 3.29 9.60
CA LYS A 84 -9.82 2.08 9.51
C LYS A 84 -10.01 1.61 8.05
N LYS A 85 -10.02 2.52 7.06
CA LYS A 85 -10.01 2.16 5.62
C LYS A 85 -8.74 1.39 5.25
N ILE A 86 -7.57 1.88 5.67
CA ILE A 86 -6.25 1.24 5.44
C ILE A 86 -6.19 -0.13 6.13
N GLU A 87 -6.57 -0.22 7.40
CA GLU A 87 -6.58 -1.49 8.17
C GLU A 87 -7.55 -2.52 7.57
N SER A 88 -8.77 -2.11 7.19
CA SER A 88 -9.76 -2.93 6.49
C SER A 88 -9.23 -3.47 5.16
N LEU A 89 -8.63 -2.60 4.33
CA LEU A 89 -8.01 -2.99 3.06
C LEU A 89 -6.92 -4.04 3.29
N LEU A 90 -5.98 -3.81 4.19
CA LEU A 90 -4.86 -4.73 4.43
C LEU A 90 -5.33 -6.06 5.05
N SER A 91 -6.38 -6.06 5.87
CA SER A 91 -7.03 -7.28 6.35
C SER A 91 -7.65 -8.08 5.20
N ARG A 92 -8.38 -7.41 4.29
CA ARG A 92 -8.95 -8.01 3.07
C ARG A 92 -7.89 -8.51 2.07
N VAL A 93 -6.75 -7.82 1.96
CA VAL A 93 -5.59 -8.28 1.16
C VAL A 93 -4.99 -9.55 1.79
N ASN A 94 -4.83 -9.61 3.12
CA ASN A 94 -4.37 -10.82 3.82
C ASN A 94 -5.33 -12.02 3.66
N LYS A 95 -6.65 -11.77 3.71
CA LYS A 95 -7.67 -12.79 3.38
C LYS A 95 -7.53 -13.25 1.92
N ARG A 96 -7.40 -12.32 0.96
CA ARG A 96 -7.25 -12.64 -0.47
C ARG A 96 -5.94 -13.37 -0.79
N ILE A 97 -4.86 -13.11 -0.06
CA ILE A 97 -3.59 -13.88 -0.11
C ILE A 97 -3.80 -15.33 0.31
N THR A 98 -4.58 -15.58 1.35
CA THR A 98 -4.99 -16.94 1.78
C THR A 98 -5.82 -17.65 0.70
N GLU A 99 -6.80 -16.96 0.12
CA GLU A 99 -7.56 -17.46 -1.03
C GLU A 99 -6.69 -17.70 -2.28
N ALA A 100 -5.67 -16.86 -2.52
CA ALA A 100 -4.73 -17.00 -3.63
C ALA A 100 -3.82 -18.24 -3.47
N ASN A 101 -3.36 -18.54 -2.25
CA ASN A 101 -2.65 -19.79 -1.97
C ASN A 101 -3.54 -21.02 -2.25
N ASN A 102 -4.83 -20.95 -1.92
CA ASN A 102 -5.80 -21.99 -2.25
C ASN A 102 -6.09 -22.12 -3.76
N GLU A 103 -6.31 -21.01 -4.48
CA GLU A 103 -6.59 -21.05 -5.93
C GLU A 103 -5.38 -21.60 -6.72
N ILE A 104 -4.15 -21.30 -6.28
CA ILE A 104 -2.92 -21.83 -6.86
C ILE A 104 -2.86 -23.35 -6.74
N GLU A 105 -3.05 -23.87 -5.54
CA GLU A 105 -3.07 -25.31 -5.25
C GLU A 105 -4.21 -26.06 -5.98
N LEU A 106 -5.37 -25.41 -6.15
CA LEU A 106 -6.50 -25.95 -6.92
C LEU A 106 -6.18 -26.01 -8.43
N LEU A 107 -5.62 -24.95 -9.03
CA LEU A 107 -5.23 -24.95 -10.45
C LEU A 107 -4.09 -25.94 -10.73
N GLU A 108 -3.16 -26.11 -9.79
CA GLU A 108 -2.01 -27.04 -9.89
C GLU A 108 -2.33 -28.51 -9.53
N HIS A 109 -3.60 -28.90 -9.32
CA HIS A 109 -3.94 -30.30 -9.01
C HIS A 109 -3.55 -31.25 -10.18
N HIS A 110 -2.83 -32.34 -9.85
CA HIS A 110 -2.38 -33.39 -10.79
C HIS A 110 -2.08 -34.69 -10.03
N HIS A 111 -2.03 -35.84 -10.72
CA HIS A 111 -1.96 -37.20 -10.10
C HIS A 111 -0.79 -37.42 -9.12
N HIS A 112 0.36 -36.75 -9.33
CA HIS A 112 1.55 -36.84 -8.47
C HIS A 112 1.52 -35.95 -7.21
N HIS A 113 0.52 -35.06 -7.07
CA HIS A 113 0.34 -34.19 -5.88
C HIS A 113 0.02 -35.02 -4.62
N HIS A 114 0.46 -34.53 -3.45
CA HIS A 114 0.13 -35.13 -2.14
C HIS A 114 -1.39 -35.09 -1.83
N MET A 1 5.86 -15.99 -14.80
CA MET A 1 4.72 -15.07 -14.48
C MET A 1 4.53 -14.90 -12.97
N ASP A 2 4.04 -13.74 -12.53
CA ASP A 2 3.66 -13.44 -11.13
C ASP A 2 2.40 -12.57 -11.04
N LYS A 3 1.23 -13.21 -11.01
CA LYS A 3 -0.09 -12.54 -11.10
C LYS A 3 -0.50 -11.74 -9.86
N LEU A 4 0.17 -11.91 -8.72
CA LEU A 4 -0.25 -11.37 -7.42
C LEU A 4 -0.37 -9.84 -7.40
N LYS A 5 0.60 -9.13 -8.00
CA LYS A 5 0.60 -7.66 -8.08
C LYS A 5 -0.59 -7.14 -8.92
N SER A 6 -0.84 -7.78 -10.06
CA SER A 6 -1.99 -7.49 -10.92
C SER A 6 -3.32 -7.81 -10.24
N LEU A 7 -3.41 -8.93 -9.52
CA LEU A 7 -4.58 -9.32 -8.72
C LEU A 7 -4.91 -8.27 -7.65
N ILE A 8 -3.90 -7.77 -6.90
CA ILE A 8 -4.12 -6.72 -5.90
C ILE A 8 -4.62 -5.43 -6.56
N LYS A 9 -4.00 -4.99 -7.67
CA LYS A 9 -4.45 -3.80 -8.42
C LYS A 9 -5.88 -3.95 -8.96
N LYS A 10 -6.22 -5.11 -9.52
CA LYS A 10 -7.55 -5.44 -10.06
C LYS A 10 -8.65 -5.48 -9.00
N GLU A 11 -8.39 -6.15 -7.88
CA GLU A 11 -9.38 -6.36 -6.80
C GLU A 11 -9.52 -5.17 -5.83
N PHE A 12 -8.44 -4.40 -5.61
CA PHE A 12 -8.36 -3.38 -4.56
C PHE A 12 -8.15 -1.91 -4.99
N SER A 13 -7.94 -1.66 -6.29
CA SER A 13 -7.76 -0.32 -6.89
C SER A 13 -6.56 0.50 -6.38
N ILE A 14 -5.57 -0.14 -5.75
CA ILE A 14 -4.26 0.41 -5.38
C ILE A 14 -3.15 -0.52 -5.88
N SER A 15 -1.99 0.03 -6.26
CA SER A 15 -0.84 -0.75 -6.72
C SER A 15 -0.19 -1.55 -5.57
N PHE A 16 0.68 -2.51 -5.90
CA PHE A 16 1.48 -3.19 -4.88
C PHE A 16 2.44 -2.28 -4.07
N GLU A 17 3.02 -1.27 -4.73
CA GLU A 17 3.78 -0.19 -4.08
C GLU A 17 2.91 0.63 -3.13
N GLU A 18 1.74 1.08 -3.58
CA GLU A 18 0.76 1.81 -2.75
C GLU A 18 0.30 0.96 -1.55
N PHE A 19 0.05 -0.33 -1.75
CA PHE A 19 -0.18 -1.29 -0.68
C PHE A 19 0.95 -1.40 0.35
N ALA A 20 2.21 -1.44 -0.09
CA ALA A 20 3.37 -1.41 0.80
C ALA A 20 3.47 -0.07 1.56
N VAL A 21 3.18 1.08 0.94
CA VAL A 21 3.14 2.40 1.62
C VAL A 21 2.06 2.40 2.71
N LEU A 22 0.85 1.91 2.43
CA LEU A 22 -0.20 1.79 3.44
C LEU A 22 0.16 0.78 4.54
N THR A 23 0.84 -0.31 4.21
CA THR A 23 1.41 -1.25 5.21
C THR A 23 2.40 -0.57 6.14
N TYR A 24 3.37 0.18 5.60
CA TYR A 24 4.27 1.03 6.38
C TYR A 24 3.59 2.00 7.36
N ILE A 25 2.57 2.72 6.86
CA ILE A 25 1.74 3.66 7.66
C ILE A 25 0.95 2.92 8.76
N SER A 26 0.41 1.73 8.46
CA SER A 26 -0.34 0.92 9.42
C SER A 26 0.57 0.33 10.52
N GLU A 27 1.78 -0.10 10.19
CA GLU A 27 2.75 -0.62 11.15
C GLU A 27 3.29 0.43 12.13
N ASN A 28 3.44 1.68 11.68
CA ASN A 28 4.03 2.78 12.46
C ASN A 28 3.02 3.60 13.29
N LYS A 29 1.73 3.59 12.92
CA LYS A 29 0.60 4.15 13.71
C LYS A 29 0.69 5.66 14.06
N GLU A 30 1.49 6.44 13.34
CA GLU A 30 1.62 7.90 13.55
C GLU A 30 0.46 8.68 12.92
N LYS A 31 0.23 9.93 13.35
CA LYS A 31 -0.71 10.87 12.72
C LYS A 31 -0.16 11.55 11.46
N GLU A 32 1.17 11.68 11.37
CA GLU A 32 1.87 12.45 10.33
C GLU A 32 3.10 11.70 9.81
N TYR A 33 3.33 11.77 8.49
CA TYR A 33 4.41 11.07 7.78
C TYR A 33 5.23 11.91 6.80
N TYR A 34 6.55 11.72 6.75
CA TYR A 34 7.43 12.31 5.71
C TYR A 34 7.56 11.46 4.45
N LEU A 35 7.53 12.05 3.26
CA LEU A 35 7.72 11.30 2.00
C LEU A 35 9.16 10.73 1.92
N LYS A 36 10.16 11.49 2.40
CA LYS A 36 11.54 11.02 2.59
C LYS A 36 11.61 9.79 3.53
N ASP A 37 10.83 9.76 4.61
CA ASP A 37 10.74 8.58 5.48
C ASP A 37 10.05 7.35 4.88
N ILE A 38 9.01 7.55 4.06
CA ILE A 38 8.42 6.46 3.27
C ILE A 38 9.51 5.88 2.34
N ILE A 39 10.30 6.74 1.69
CA ILE A 39 11.46 6.33 0.87
C ILE A 39 12.56 5.65 1.70
N ASN A 40 12.84 6.10 2.93
CA ASN A 40 13.78 5.44 3.84
C ASN A 40 13.34 4.01 4.20
N HIS A 41 12.02 3.78 4.35
CA HIS A 41 11.47 2.44 4.66
C HIS A 41 11.18 1.55 3.43
N LEU A 42 10.95 2.16 2.26
CA LEU A 42 10.62 1.49 0.99
C LEU A 42 11.45 2.13 -0.14
N ASN A 43 12.45 1.40 -0.66
CA ASN A 43 13.49 1.88 -1.59
C ASN A 43 13.05 2.33 -3.02
N TYR A 44 11.76 2.64 -3.22
CA TYR A 44 11.23 3.20 -4.47
C TYR A 44 11.75 4.59 -4.87
N LYS A 45 11.76 4.91 -6.18
CA LYS A 45 12.22 6.21 -6.73
C LYS A 45 11.34 7.39 -6.27
N GLN A 46 11.95 8.57 -6.06
CA GLN A 46 11.26 9.82 -5.66
C GLN A 46 9.94 10.10 -6.41
N PRO A 47 9.93 10.26 -7.76
CA PRO A 47 8.69 10.52 -8.50
C PRO A 47 7.67 9.37 -8.40
N GLN A 48 8.10 8.11 -8.30
CA GLN A 48 7.17 6.98 -8.10
C GLN A 48 6.45 7.08 -6.74
N VAL A 49 7.17 7.33 -5.64
CA VAL A 49 6.51 7.49 -4.33
C VAL A 49 5.63 8.73 -4.24
N VAL A 50 6.03 9.86 -4.84
CA VAL A 50 5.17 11.05 -4.96
C VAL A 50 3.91 10.71 -5.75
N LYS A 51 4.01 9.98 -6.88
CA LYS A 51 2.83 9.54 -7.66
C LYS A 51 1.94 8.57 -6.87
N ALA A 52 2.51 7.61 -6.15
CA ALA A 52 1.79 6.71 -5.26
C ALA A 52 1.02 7.48 -4.16
N VAL A 53 1.66 8.48 -3.53
CA VAL A 53 1.03 9.35 -2.53
C VAL A 53 -0.09 10.18 -3.19
N LYS A 54 0.12 10.74 -4.39
CA LYS A 54 -0.94 11.47 -5.12
C LYS A 54 -2.17 10.58 -5.36
N ILE A 55 -1.97 9.37 -5.91
CA ILE A 55 -3.05 8.43 -6.19
C ILE A 55 -3.77 7.99 -4.91
N LEU A 56 -3.04 7.62 -3.85
CA LEU A 56 -3.63 7.27 -2.56
C LEU A 56 -4.41 8.43 -1.92
N SER A 57 -3.93 9.67 -2.07
CA SER A 57 -4.64 10.87 -1.59
C SER A 57 -5.90 11.17 -2.42
N GLN A 58 -5.85 10.99 -3.75
CA GLN A 58 -7.02 11.06 -4.63
C GLN A 58 -8.08 9.99 -4.31
N GLU A 59 -7.64 8.80 -3.89
CA GLU A 59 -8.47 7.71 -3.35
C GLU A 59 -8.82 7.89 -1.85
N ASP A 60 -8.58 9.08 -1.29
CA ASP A 60 -8.93 9.47 0.09
C ASP A 60 -8.23 8.76 1.26
N TYR A 61 -7.17 7.97 1.02
CA TYR A 61 -6.41 7.27 2.08
C TYR A 61 -5.67 8.16 3.07
N PHE A 62 -5.19 9.32 2.61
CA PHE A 62 -4.54 10.37 3.41
C PHE A 62 -4.57 11.77 2.79
N ASP A 63 -4.43 12.81 3.61
CA ASP A 63 -4.23 14.19 3.15
C ASP A 63 -2.72 14.52 3.02
N LYS A 64 -2.32 15.59 2.31
CA LYS A 64 -0.91 16.03 2.21
C LYS A 64 -0.73 17.55 2.08
N LYS A 65 0.40 18.05 2.62
CA LYS A 65 0.71 19.49 2.73
C LYS A 65 2.23 19.73 2.74
N ARG A 66 2.75 20.70 1.97
CA ARG A 66 4.16 21.14 2.08
C ARG A 66 4.33 21.84 3.45
N ASN A 67 5.40 21.54 4.18
CA ASN A 67 5.61 21.94 5.57
C ASN A 67 5.50 23.45 5.86
N GLU A 68 5.02 23.82 7.05
CA GLU A 68 4.80 25.21 7.46
C GLU A 68 6.11 26.01 7.58
N HIS A 69 7.19 25.39 8.09
CA HIS A 69 8.52 26.02 8.12
C HIS A 69 9.15 26.12 6.73
N ASP A 70 8.92 25.15 5.85
CA ASP A 70 9.48 25.10 4.50
C ASP A 70 8.53 24.48 3.47
N GLN A 71 8.16 25.25 2.44
CA GLN A 71 7.37 24.73 1.31
C GLN A 71 8.14 23.71 0.42
N ARG A 72 9.36 23.35 0.81
CA ARG A 72 10.17 22.26 0.26
C ARG A 72 9.67 20.89 0.72
N THR A 73 9.86 20.54 2.00
CA THR A 73 9.45 19.23 2.54
C THR A 73 7.93 18.99 2.62
N VAL A 74 7.46 17.73 2.66
CA VAL A 74 6.02 17.37 2.71
C VAL A 74 5.62 16.53 3.91
N LEU A 75 4.45 16.83 4.46
CA LEU A 75 3.78 16.02 5.48
C LEU A 75 2.56 15.36 4.85
N ILE A 76 2.37 14.07 5.15
CA ILE A 76 1.18 13.27 4.82
C ILE A 76 0.40 13.04 6.12
N LEU A 77 -0.90 13.33 6.13
CA LEU A 77 -1.76 13.38 7.32
C LEU A 77 -2.80 12.25 7.32
N VAL A 78 -2.93 11.56 8.47
CA VAL A 78 -3.81 10.39 8.65
C VAL A 78 -4.83 10.57 9.79
N ASN A 79 -6.12 10.52 9.45
CA ASN A 79 -7.24 10.60 10.40
C ASN A 79 -7.66 9.22 10.96
N ALA A 80 -8.43 9.19 12.05
CA ALA A 80 -8.89 7.95 12.68
C ALA A 80 -9.76 7.08 11.75
N GLN A 81 -10.67 7.68 10.98
CA GLN A 81 -11.47 6.96 9.98
C GLN A 81 -10.60 6.40 8.84
N GLN A 82 -9.55 7.12 8.44
CA GLN A 82 -8.55 6.63 7.48
C GLN A 82 -7.75 5.44 8.03
N ARG A 83 -7.41 5.41 9.33
CA ARG A 83 -6.80 4.24 9.97
C ARG A 83 -7.70 2.99 9.86
N LYS A 84 -9.01 3.14 10.07
CA LYS A 84 -10.01 2.04 9.91
C LYS A 84 -10.07 1.53 8.46
N LYS A 85 -10.13 2.46 7.50
CA LYS A 85 -10.08 2.16 6.05
C LYS A 85 -8.79 1.42 5.66
N ILE A 86 -7.64 1.86 6.18
CA ILE A 86 -6.32 1.24 5.95
C ILE A 86 -6.26 -0.18 6.52
N GLU A 87 -6.54 -0.38 7.81
CA GLU A 87 -6.43 -1.72 8.42
C GLU A 87 -7.46 -2.71 7.82
N SER A 88 -8.67 -2.24 7.47
CA SER A 88 -9.66 -3.01 6.72
C SER A 88 -9.17 -3.44 5.34
N LEU A 89 -8.53 -2.53 4.58
CA LEU A 89 -7.90 -2.88 3.30
C LEU A 89 -6.82 -3.96 3.51
N LEU A 90 -5.91 -3.73 4.45
CA LEU A 90 -4.74 -4.61 4.63
C LEU A 90 -5.12 -6.03 5.08
N SER A 91 -6.13 -6.20 5.93
CA SER A 91 -6.62 -7.54 6.30
C SER A 91 -7.25 -8.27 5.11
N ARG A 92 -8.15 -7.60 4.39
CA ARG A 92 -8.78 -8.12 3.15
C ARG A 92 -7.78 -8.47 2.05
N VAL A 93 -6.78 -7.61 1.81
CA VAL A 93 -5.68 -7.87 0.85
C VAL A 93 -4.87 -9.08 1.31
N ASN A 94 -4.50 -9.18 2.59
CA ASN A 94 -3.80 -10.37 3.10
C ASN A 94 -4.60 -11.67 2.94
N LYS A 95 -5.91 -11.66 3.21
CA LYS A 95 -6.81 -12.82 2.98
C LYS A 95 -6.83 -13.22 1.50
N ARG A 96 -6.96 -12.25 0.57
CA ARG A 96 -6.89 -12.50 -0.88
C ARG A 96 -5.50 -12.97 -1.37
N ILE A 97 -4.41 -12.51 -0.74
CA ILE A 97 -3.06 -13.04 -1.00
C ILE A 97 -2.98 -14.53 -0.59
N THR A 98 -3.52 -14.90 0.58
CA THR A 98 -3.69 -16.31 0.98
C THR A 98 -4.48 -17.14 -0.03
N GLU A 99 -5.66 -16.68 -0.47
CA GLU A 99 -6.45 -17.40 -1.48
C GLU A 99 -5.79 -17.47 -2.87
N ALA A 100 -5.03 -16.45 -3.27
CA ALA A 100 -4.20 -16.49 -4.47
C ALA A 100 -3.09 -17.56 -4.35
N ASN A 101 -2.42 -17.66 -3.20
CA ASN A 101 -1.46 -18.72 -2.91
C ASN A 101 -2.14 -20.11 -2.88
N ASN A 102 -3.36 -20.22 -2.35
CA ASN A 102 -4.14 -21.46 -2.37
C ASN A 102 -4.44 -21.94 -3.79
N GLU A 103 -4.94 -21.08 -4.70
CA GLU A 103 -5.21 -21.50 -6.08
C GLU A 103 -3.91 -21.85 -6.83
N ILE A 104 -2.80 -21.15 -6.56
CA ILE A 104 -1.48 -21.45 -7.12
C ILE A 104 -1.01 -22.87 -6.76
N GLU A 105 -1.14 -23.23 -5.48
CA GLU A 105 -0.84 -24.57 -4.96
C GLU A 105 -1.78 -25.66 -5.48
N LEU A 106 -3.10 -25.37 -5.58
CA LEU A 106 -4.11 -26.31 -6.10
C LEU A 106 -3.98 -26.57 -7.61
N LEU A 107 -3.42 -25.62 -8.38
CA LEU A 107 -3.04 -25.80 -9.79
C LEU A 107 -1.76 -26.64 -9.92
N GLU A 108 -1.84 -27.94 -9.60
CA GLU A 108 -0.71 -28.88 -9.62
C GLU A 108 -0.02 -28.98 -11.00
N HIS A 109 -0.72 -28.60 -12.09
CA HIS A 109 -0.15 -28.47 -13.45
C HIS A 109 0.97 -27.43 -13.58
N HIS A 110 1.19 -26.58 -12.55
CA HIS A 110 2.29 -25.59 -12.49
C HIS A 110 3.69 -26.22 -12.31
N HIS A 111 3.81 -27.46 -11.86
CA HIS A 111 5.12 -28.16 -11.76
C HIS A 111 5.63 -28.58 -13.15
N HIS A 112 6.89 -28.26 -13.46
CA HIS A 112 7.52 -28.45 -14.80
C HIS A 112 8.91 -29.15 -14.72
N HIS A 113 9.06 -30.08 -13.77
CA HIS A 113 10.31 -30.84 -13.55
C HIS A 113 10.67 -31.74 -14.76
N HIS A 114 11.97 -32.03 -14.93
CA HIS A 114 12.50 -32.93 -15.97
C HIS A 114 11.99 -34.39 -15.83
N MET A 1 5.55 -14.55 -7.42
CA MET A 1 5.08 -14.42 -8.83
C MET A 1 4.34 -13.09 -9.05
N ASP A 2 4.54 -12.42 -10.18
CA ASP A 2 3.94 -11.11 -10.48
C ASP A 2 2.42 -11.07 -10.66
N LYS A 3 1.80 -12.23 -10.95
CA LYS A 3 0.34 -12.38 -11.05
C LYS A 3 -0.40 -11.95 -9.78
N LEU A 4 0.20 -12.11 -8.60
CA LEU A 4 -0.35 -11.61 -7.33
C LEU A 4 -0.39 -10.07 -7.26
N LYS A 5 0.64 -9.39 -7.76
CA LYS A 5 0.69 -7.92 -7.83
C LYS A 5 -0.36 -7.38 -8.80
N SER A 6 -0.52 -8.05 -9.96
CA SER A 6 -1.58 -7.78 -10.94
C SER A 6 -2.98 -7.98 -10.34
N LEU A 7 -3.22 -9.08 -9.63
CA LEU A 7 -4.46 -9.36 -8.88
C LEU A 7 -4.77 -8.24 -7.85
N ILE A 8 -3.79 -7.82 -7.06
CA ILE A 8 -3.98 -6.71 -6.11
C ILE A 8 -4.40 -5.42 -6.83
N LYS A 9 -3.75 -5.05 -7.93
CA LYS A 9 -4.15 -3.87 -8.72
C LYS A 9 -5.55 -4.01 -9.34
N LYS A 10 -5.90 -5.19 -9.84
CA LYS A 10 -7.21 -5.50 -10.45
C LYS A 10 -8.37 -5.37 -9.45
N GLU A 11 -8.25 -5.97 -8.26
CA GLU A 11 -9.33 -5.99 -7.25
C GLU A 11 -9.32 -4.80 -6.28
N PHE A 12 -8.13 -4.29 -5.91
CA PHE A 12 -7.96 -3.26 -4.88
C PHE A 12 -7.61 -1.84 -5.37
N SER A 13 -7.48 -1.67 -6.69
CA SER A 13 -7.23 -0.38 -7.38
C SER A 13 -5.91 0.34 -6.99
N ILE A 14 -4.92 -0.41 -6.49
CA ILE A 14 -3.60 0.10 -6.06
C ILE A 14 -2.47 -0.83 -6.50
N SER A 15 -1.28 -0.27 -6.78
CA SER A 15 -0.08 -1.06 -7.07
C SER A 15 0.40 -1.84 -5.84
N PHE A 16 1.28 -2.83 -6.04
CA PHE A 16 1.96 -3.50 -4.93
C PHE A 16 2.83 -2.58 -4.03
N GLU A 17 3.48 -1.58 -4.65
CA GLU A 17 4.26 -0.56 -3.92
C GLU A 17 3.37 0.39 -3.13
N GLU A 18 2.23 0.83 -3.70
CA GLU A 18 1.20 1.58 -2.97
C GLU A 18 0.65 0.76 -1.80
N PHE A 19 0.38 -0.53 -2.00
CA PHE A 19 0.06 -1.48 -0.94
C PHE A 19 1.10 -1.58 0.18
N ALA A 20 2.39 -1.63 -0.18
CA ALA A 20 3.50 -1.56 0.77
C ALA A 20 3.56 -0.23 1.54
N VAL A 21 3.31 0.92 0.89
CA VAL A 21 3.23 2.24 1.56
C VAL A 21 2.09 2.24 2.58
N LEU A 22 0.89 1.74 2.23
CA LEU A 22 -0.20 1.61 3.20
C LEU A 22 0.13 0.62 4.32
N THR A 23 0.81 -0.48 4.02
CA THR A 23 1.31 -1.43 5.04
C THR A 23 2.26 -0.76 6.03
N TYR A 24 3.27 -0.03 5.54
CA TYR A 24 4.14 0.82 6.38
C TYR A 24 3.41 1.80 7.31
N ILE A 25 2.44 2.52 6.76
CA ILE A 25 1.57 3.44 7.52
C ILE A 25 0.71 2.70 8.57
N SER A 26 0.21 1.50 8.26
CA SER A 26 -0.56 0.68 9.21
C SER A 26 0.30 0.10 10.34
N GLU A 27 1.54 -0.31 10.04
CA GLU A 27 2.51 -0.80 11.04
C GLU A 27 2.89 0.27 12.07
N ASN A 28 2.98 1.53 11.63
CA ASN A 28 3.38 2.67 12.46
C ASN A 28 2.20 3.41 13.13
N LYS A 29 1.03 3.44 12.47
CA LYS A 29 -0.27 3.99 12.92
C LYS A 29 -0.22 5.38 13.57
N GLU A 30 0.69 6.24 13.10
CA GLU A 30 0.77 7.66 13.47
C GLU A 30 -0.24 8.53 12.71
N LYS A 31 -0.54 9.73 13.22
CA LYS A 31 -1.37 10.74 12.54
C LYS A 31 -0.64 11.49 11.42
N GLU A 32 0.70 11.51 11.45
CA GLU A 32 1.56 12.35 10.60
C GLU A 32 2.79 11.57 10.07
N TYR A 33 3.14 11.79 8.80
CA TYR A 33 4.25 11.15 8.07
C TYR A 33 5.03 12.10 7.14
N TYR A 34 6.29 11.78 6.87
CA TYR A 34 7.12 12.44 5.83
C TYR A 34 7.40 11.58 4.60
N LEU A 35 7.38 12.14 3.38
CA LEU A 35 7.67 11.36 2.17
C LEU A 35 9.10 10.78 2.21
N LYS A 36 10.10 11.56 2.68
CA LYS A 36 11.46 11.04 2.85
C LYS A 36 11.54 9.86 3.82
N ASP A 37 10.75 9.85 4.89
CA ASP A 37 10.61 8.67 5.76
C ASP A 37 9.93 7.44 5.13
N ILE A 38 8.93 7.64 4.26
CA ILE A 38 8.38 6.55 3.45
C ILE A 38 9.50 5.98 2.55
N ILE A 39 10.28 6.85 1.90
CA ILE A 39 11.45 6.46 1.09
C ILE A 39 12.55 5.75 1.92
N ASN A 40 12.79 6.20 3.16
CA ASN A 40 13.73 5.55 4.09
C ASN A 40 13.29 4.10 4.44
N HIS A 41 11.98 3.88 4.66
CA HIS A 41 11.45 2.54 4.98
C HIS A 41 11.16 1.66 3.75
N LEU A 42 10.95 2.25 2.58
CA LEU A 42 10.65 1.61 1.29
C LEU A 42 11.53 2.25 0.20
N ASN A 43 12.68 1.62 -0.07
CA ASN A 43 13.78 2.12 -0.91
C ASN A 43 13.50 2.29 -2.43
N TYR A 44 12.23 2.37 -2.85
CA TYR A 44 11.85 2.69 -4.24
C TYR A 44 12.33 4.12 -4.55
N LYS A 45 12.62 4.40 -5.83
CA LYS A 45 13.04 5.75 -6.29
C LYS A 45 11.96 6.82 -6.03
N GLN A 46 12.40 8.05 -5.72
CA GLN A 46 11.51 9.11 -5.24
C GLN A 46 10.32 9.47 -6.17
N PRO A 47 10.48 9.62 -7.50
CA PRO A 47 9.33 9.91 -8.39
C PRO A 47 8.23 8.84 -8.32
N GLN A 48 8.59 7.56 -8.20
CA GLN A 48 7.67 6.44 -8.00
C GLN A 48 6.93 6.55 -6.66
N VAL A 49 7.60 6.94 -5.56
CA VAL A 49 6.92 7.22 -4.28
C VAL A 49 6.03 8.48 -4.30
N VAL A 50 6.43 9.55 -5.01
CA VAL A 50 5.58 10.73 -5.26
C VAL A 50 4.32 10.28 -6.00
N LYS A 51 4.43 9.49 -7.07
CA LYS A 51 3.28 8.92 -7.79
C LYS A 51 2.40 8.09 -6.86
N ALA A 52 2.98 7.19 -6.07
CA ALA A 52 2.26 6.36 -5.10
C ALA A 52 1.46 7.21 -4.10
N VAL A 53 2.08 8.24 -3.51
CA VAL A 53 1.44 9.16 -2.55
C VAL A 53 0.33 9.95 -3.26
N LYS A 54 0.55 10.47 -4.47
CA LYS A 54 -0.49 11.16 -5.25
C LYS A 54 -1.71 10.26 -5.51
N ILE A 55 -1.50 9.06 -6.06
CA ILE A 55 -2.58 8.10 -6.34
C ILE A 55 -3.31 7.69 -5.06
N LEU A 56 -2.60 7.36 -3.98
CA LEU A 56 -3.22 7.01 -2.71
C LEU A 56 -4.02 8.17 -2.10
N SER A 57 -3.55 9.41 -2.23
CA SER A 57 -4.27 10.60 -1.79
C SER A 57 -5.51 10.89 -2.66
N GLN A 58 -5.43 10.68 -3.98
CA GLN A 58 -6.57 10.74 -4.90
C GLN A 58 -7.64 9.66 -4.58
N GLU A 59 -7.19 8.48 -4.15
CA GLU A 59 -8.03 7.40 -3.59
C GLU A 59 -8.41 7.61 -2.11
N ASP A 60 -8.25 8.83 -1.59
CA ASP A 60 -8.63 9.28 -0.24
C ASP A 60 -7.91 8.66 0.97
N TYR A 61 -6.92 7.77 0.77
CA TYR A 61 -6.21 7.08 1.85
C TYR A 61 -5.45 7.96 2.85
N PHE A 62 -4.95 9.09 2.38
CA PHE A 62 -4.33 10.15 3.18
C PHE A 62 -4.41 11.56 2.58
N ASP A 63 -4.35 12.58 3.41
CA ASP A 63 -4.21 13.97 2.97
C ASP A 63 -2.71 14.33 2.89
N LYS A 64 -2.31 15.37 2.15
CA LYS A 64 -0.91 15.86 2.15
C LYS A 64 -0.79 17.37 1.90
N LYS A 65 0.29 17.98 2.42
CA LYS A 65 0.60 19.42 2.29
C LYS A 65 2.11 19.70 2.40
N ARG A 66 2.63 20.72 1.72
CA ARG A 66 4.02 21.18 1.95
C ARG A 66 4.04 21.91 3.32
N ASN A 67 5.09 21.69 4.11
CA ASN A 67 5.17 22.12 5.51
C ASN A 67 5.14 23.66 5.67
N GLU A 68 4.54 24.19 6.74
CA GLU A 68 4.43 25.63 6.98
C GLU A 68 5.79 26.34 7.13
N HIS A 69 6.71 25.76 7.93
CA HIS A 69 8.09 26.27 8.09
C HIS A 69 8.87 26.28 6.76
N ASP A 70 8.65 25.27 5.91
CA ASP A 70 9.37 25.10 4.65
C ASP A 70 8.51 24.53 3.53
N GLN A 71 8.32 25.30 2.45
CA GLN A 71 7.49 24.83 1.32
C GLN A 71 8.20 23.70 0.52
N ARG A 72 9.41 23.30 0.94
CA ARG A 72 10.16 22.12 0.47
C ARG A 72 9.54 20.81 0.97
N THR A 73 9.65 20.48 2.26
CA THR A 73 9.24 19.15 2.79
C THR A 73 7.72 18.91 2.86
N VAL A 74 7.25 17.66 2.71
CA VAL A 74 5.82 17.31 2.67
C VAL A 74 5.34 16.50 3.85
N LEU A 75 4.28 16.98 4.50
CA LEU A 75 3.54 16.25 5.53
C LEU A 75 2.43 15.46 4.85
N ILE A 76 2.31 14.18 5.20
CA ILE A 76 1.23 13.27 4.82
C ILE A 76 0.43 12.96 6.09
N LEU A 77 -0.88 13.18 6.08
CA LEU A 77 -1.75 13.15 7.26
C LEU A 77 -2.78 12.02 7.17
N VAL A 78 -3.05 11.38 8.31
CA VAL A 78 -3.97 10.23 8.45
C VAL A 78 -5.00 10.44 9.55
N ASN A 79 -6.25 10.72 9.18
CA ASN A 79 -7.37 10.84 10.13
C ASN A 79 -7.91 9.45 10.55
N ALA A 80 -8.84 9.40 11.51
CA ALA A 80 -9.38 8.14 12.06
C ALA A 80 -10.10 7.29 10.99
N GLN A 81 -10.93 7.90 10.13
CA GLN A 81 -11.61 7.19 9.04
C GLN A 81 -10.62 6.62 8.01
N GLN A 82 -9.56 7.36 7.71
CA GLN A 82 -8.44 6.89 6.87
C GLN A 82 -7.69 5.72 7.48
N ARG A 83 -7.42 5.73 8.80
CA ARG A 83 -6.81 4.58 9.50
C ARG A 83 -7.73 3.35 9.42
N LYS A 84 -9.04 3.51 9.64
CA LYS A 84 -10.02 2.41 9.52
C LYS A 84 -10.11 1.86 8.09
N LYS A 85 -10.06 2.73 7.07
CA LYS A 85 -9.99 2.32 5.65
C LYS A 85 -8.73 1.49 5.36
N ILE A 86 -7.57 1.95 5.85
CA ILE A 86 -6.28 1.24 5.70
C ILE A 86 -6.30 -0.12 6.40
N GLU A 87 -6.70 -0.20 7.67
CA GLU A 87 -6.76 -1.47 8.41
C GLU A 87 -7.77 -2.47 7.80
N SER A 88 -8.95 -1.99 7.38
CA SER A 88 -9.95 -2.79 6.66
C SER A 88 -9.42 -3.33 5.32
N LEU A 89 -8.78 -2.47 4.51
CA LEU A 89 -8.12 -2.87 3.25
C LEU A 89 -7.09 -3.96 3.50
N LEU A 90 -6.13 -3.73 4.39
CA LEU A 90 -4.98 -4.63 4.56
C LEU A 90 -5.41 -5.99 5.12
N SER A 91 -6.46 -6.06 5.94
CA SER A 91 -7.07 -7.33 6.35
C SER A 91 -7.65 -8.10 5.15
N ARG A 92 -8.42 -7.42 4.28
CA ARG A 92 -9.02 -8.00 3.06
C ARG A 92 -7.96 -8.44 2.03
N VAL A 93 -6.90 -7.64 1.85
CA VAL A 93 -5.76 -7.99 0.97
C VAL A 93 -4.99 -9.18 1.53
N ASN A 94 -4.71 -9.24 2.83
CA ASN A 94 -4.06 -10.42 3.44
C ASN A 94 -4.91 -11.70 3.31
N LYS A 95 -6.24 -11.60 3.46
CA LYS A 95 -7.15 -12.72 3.14
C LYS A 95 -7.03 -13.13 1.67
N ARG A 96 -7.13 -12.19 0.72
CA ARG A 96 -7.03 -12.49 -0.72
C ARG A 96 -5.67 -13.08 -1.12
N ILE A 97 -4.57 -12.63 -0.51
CA ILE A 97 -3.23 -13.24 -0.65
C ILE A 97 -3.25 -14.71 -0.17
N THR A 98 -3.89 -14.99 0.96
CA THR A 98 -4.09 -16.37 1.47
C THR A 98 -4.94 -17.24 0.55
N GLU A 99 -6.06 -16.73 0.04
CA GLU A 99 -6.88 -17.46 -0.95
C GLU A 99 -6.12 -17.71 -2.26
N ALA A 100 -5.38 -16.71 -2.76
CA ALA A 100 -4.55 -16.83 -3.97
C ALA A 100 -3.45 -17.89 -3.82
N ASN A 101 -2.77 -17.95 -2.67
CA ASN A 101 -1.79 -19.01 -2.37
C ASN A 101 -2.42 -20.41 -2.34
N ASN A 102 -3.62 -20.54 -1.74
CA ASN A 102 -4.37 -21.80 -1.78
C ASN A 102 -4.78 -22.20 -3.20
N GLU A 103 -5.27 -21.27 -4.03
CA GLU A 103 -5.57 -21.53 -5.45
C GLU A 103 -4.34 -21.95 -6.25
N ILE A 104 -3.19 -21.29 -6.08
CA ILE A 104 -1.93 -21.66 -6.73
C ILE A 104 -1.51 -23.09 -6.41
N GLU A 105 -1.57 -23.44 -5.13
CA GLU A 105 -1.32 -24.79 -4.62
C GLU A 105 -2.29 -25.84 -5.18
N LEU A 106 -3.59 -25.51 -5.28
CA LEU A 106 -4.62 -26.38 -5.85
C LEU A 106 -4.51 -26.54 -7.38
N LEU A 107 -3.98 -25.53 -8.08
CA LEU A 107 -3.71 -25.57 -9.52
C LEU A 107 -2.47 -26.42 -9.85
N GLU A 108 -1.38 -26.32 -9.07
CA GLU A 108 -0.13 -27.03 -9.35
C GLU A 108 -0.14 -28.52 -8.94
N HIS A 109 -1.03 -28.94 -8.02
CA HIS A 109 -1.19 -30.36 -7.64
C HIS A 109 -2.61 -30.72 -7.15
N HIS A 110 -3.04 -31.95 -7.42
CA HIS A 110 -4.31 -32.53 -6.95
C HIS A 110 -4.27 -32.87 -5.45
N HIS A 111 -5.44 -33.03 -4.82
CA HIS A 111 -5.60 -33.55 -3.44
C HIS A 111 -4.94 -34.94 -3.28
N HIS A 112 -4.37 -35.22 -2.11
CA HIS A 112 -3.70 -36.49 -1.75
C HIS A 112 -3.76 -36.77 -0.23
N HIS A 113 -3.54 -38.02 0.17
CA HIS A 113 -3.46 -38.43 1.60
C HIS A 113 -2.27 -37.79 2.32
N HIS A 114 -2.43 -37.52 3.62
CA HIS A 114 -1.34 -37.04 4.50
C HIS A 114 -0.22 -38.09 4.69
N MET A 1 5.53 -15.69 -6.30
CA MET A 1 5.28 -15.41 -7.74
C MET A 1 4.98 -13.92 -7.98
N ASP A 2 5.54 -13.32 -9.02
CA ASP A 2 5.36 -11.87 -9.33
C ASP A 2 3.93 -11.44 -9.69
N LYS A 3 3.13 -12.35 -10.28
CA LYS A 3 1.72 -12.11 -10.68
C LYS A 3 0.80 -11.71 -9.52
N LEU A 4 1.20 -11.96 -8.27
CA LEU A 4 0.49 -11.49 -7.08
C LEU A 4 0.37 -9.96 -7.03
N LYS A 5 1.38 -9.22 -7.52
CA LYS A 5 1.32 -7.74 -7.63
C LYS A 5 0.25 -7.28 -8.62
N SER A 6 0.18 -7.94 -9.78
CA SER A 6 -0.84 -7.70 -10.82
C SER A 6 -2.25 -8.03 -10.30
N LEU A 7 -2.40 -9.14 -9.58
CA LEU A 7 -3.66 -9.53 -8.91
C LEU A 7 -4.11 -8.45 -7.92
N ILE A 8 -3.21 -7.95 -7.07
CA ILE A 8 -3.53 -6.88 -6.11
C ILE A 8 -3.94 -5.60 -6.84
N LYS A 9 -3.22 -5.18 -7.89
CA LYS A 9 -3.61 -3.98 -8.69
C LYS A 9 -4.97 -4.14 -9.36
N LYS A 10 -5.25 -5.31 -9.97
CA LYS A 10 -6.53 -5.64 -10.62
C LYS A 10 -7.73 -5.66 -9.65
N GLU A 11 -7.56 -6.31 -8.50
CA GLU A 11 -8.65 -6.56 -7.55
C GLU A 11 -8.86 -5.44 -6.52
N PHE A 12 -7.81 -4.67 -6.18
CA PHE A 12 -7.84 -3.64 -5.12
C PHE A 12 -7.58 -2.18 -5.55
N SER A 13 -7.30 -1.94 -6.84
CA SER A 13 -7.07 -0.62 -7.46
C SER A 13 -5.88 0.19 -6.90
N ILE A 14 -4.95 -0.46 -6.19
CA ILE A 14 -3.65 0.09 -5.74
C ILE A 14 -2.56 -0.96 -6.02
N SER A 15 -1.33 -0.54 -6.30
CA SER A 15 -0.19 -1.46 -6.52
C SER A 15 0.22 -2.18 -5.23
N PHE A 16 0.99 -3.27 -5.35
CA PHE A 16 1.60 -3.90 -4.17
C PHE A 16 2.49 -2.98 -3.32
N GLU A 17 3.29 -2.15 -3.98
CA GLU A 17 4.14 -1.11 -3.34
C GLU A 17 3.29 -0.02 -2.66
N GLU A 18 2.20 0.46 -3.28
CA GLU A 18 1.23 1.34 -2.63
C GLU A 18 0.59 0.67 -1.40
N PHE A 19 0.19 -0.60 -1.53
CA PHE A 19 -0.23 -1.42 -0.40
C PHE A 19 0.79 -1.55 0.73
N ALA A 20 2.08 -1.69 0.41
CA ALA A 20 3.16 -1.66 1.39
C ALA A 20 3.32 -0.29 2.08
N VAL A 21 3.15 0.83 1.36
CA VAL A 21 3.13 2.18 1.97
C VAL A 21 1.96 2.30 2.96
N LEU A 22 0.75 1.84 2.59
CA LEU A 22 -0.39 1.81 3.50
C LEU A 22 -0.15 0.86 4.70
N THR A 23 0.51 -0.27 4.50
CA THR A 23 0.94 -1.18 5.58
C THR A 23 1.91 -0.52 6.54
N TYR A 24 2.95 0.17 6.05
CA TYR A 24 3.81 1.02 6.87
C TYR A 24 3.09 2.03 7.77
N ILE A 25 2.14 2.76 7.18
CA ILE A 25 1.26 3.72 7.87
C ILE A 25 0.36 3.02 8.91
N SER A 26 -0.21 1.85 8.58
CA SER A 26 -1.08 1.08 9.48
C SER A 26 -0.33 0.48 10.67
N GLU A 27 0.91 0.01 10.48
CA GLU A 27 1.77 -0.53 11.53
C GLU A 27 2.22 0.53 12.55
N ASN A 28 2.49 1.75 12.07
CA ASN A 28 2.90 2.89 12.90
C ASN A 28 1.71 3.67 13.54
N LYS A 29 0.55 3.67 12.89
CA LYS A 29 -0.75 4.24 13.32
C LYS A 29 -0.71 5.68 13.85
N GLU A 30 0.23 6.50 13.38
CA GLU A 30 0.27 7.94 13.61
C GLU A 30 -0.69 8.69 12.67
N LYS A 31 -1.01 9.96 12.99
CA LYS A 31 -1.78 10.85 12.10
C LYS A 31 -0.92 11.68 11.15
N GLU A 32 0.41 11.66 11.30
CA GLU A 32 1.37 12.51 10.57
C GLU A 32 2.62 11.73 10.14
N TYR A 33 3.06 11.91 8.89
CA TYR A 33 4.18 11.21 8.26
C TYR A 33 5.05 12.09 7.34
N TYR A 34 6.31 11.70 7.10
CA TYR A 34 7.19 12.28 6.09
C TYR A 34 7.45 11.37 4.89
N LEU A 35 7.49 11.90 3.65
CA LEU A 35 7.71 11.04 2.48
C LEU A 35 9.13 10.43 2.48
N LYS A 36 10.14 11.17 2.93
CA LYS A 36 11.48 10.62 3.14
C LYS A 36 11.50 9.49 4.18
N ASP A 37 10.67 9.56 5.22
CA ASP A 37 10.48 8.42 6.13
C ASP A 37 9.80 7.18 5.52
N ILE A 38 8.87 7.37 4.59
CA ILE A 38 8.32 6.26 3.79
C ILE A 38 9.47 5.62 2.99
N ILE A 39 10.33 6.43 2.35
CA ILE A 39 11.54 5.94 1.65
C ILE A 39 12.52 5.22 2.61
N ASN A 40 12.71 5.74 3.84
CA ASN A 40 13.57 5.11 4.85
C ASN A 40 13.04 3.72 5.28
N HIS A 41 11.71 3.53 5.35
CA HIS A 41 11.09 2.24 5.67
C HIS A 41 10.85 1.31 4.47
N LEU A 42 10.76 1.86 3.26
CA LEU A 42 10.49 1.15 1.99
C LEU A 42 11.42 1.70 0.89
N ASN A 43 12.47 0.95 0.57
CA ASN A 43 13.61 1.35 -0.29
C ASN A 43 13.32 1.59 -1.80
N TYR A 44 12.05 1.82 -2.20
CA TYR A 44 11.67 2.16 -3.57
C TYR A 44 12.28 3.55 -3.91
N LYS A 45 12.51 3.82 -5.20
CA LYS A 45 13.18 5.06 -5.69
C LYS A 45 12.35 6.31 -5.37
N GLN A 46 13.00 7.47 -5.17
CA GLN A 46 12.35 8.72 -4.76
C GLN A 46 11.13 9.12 -5.66
N PRO A 47 11.22 9.12 -7.00
CA PRO A 47 10.06 9.40 -7.86
C PRO A 47 8.95 8.34 -7.76
N GLN A 48 9.28 7.07 -7.53
CA GLN A 48 8.29 6.00 -7.35
C GLN A 48 7.48 6.16 -6.06
N VAL A 49 8.11 6.55 -4.93
CA VAL A 49 7.36 6.86 -3.70
C VAL A 49 6.50 8.12 -3.87
N VAL A 50 7.01 9.15 -4.55
CA VAL A 50 6.21 10.35 -4.90
C VAL A 50 5.00 9.96 -5.76
N LYS A 51 5.17 9.11 -6.79
CA LYS A 51 4.08 8.58 -7.63
C LYS A 51 3.07 7.79 -6.79
N ALA A 52 3.53 6.87 -5.94
CA ALA A 52 2.68 6.08 -5.06
C ALA A 52 1.86 6.95 -4.10
N VAL A 53 2.49 7.92 -3.44
CA VAL A 53 1.82 8.87 -2.52
C VAL A 53 0.83 9.73 -3.31
N LYS A 54 1.20 10.26 -4.49
CA LYS A 54 0.28 11.05 -5.32
C LYS A 54 -0.97 10.25 -5.73
N ILE A 55 -0.80 9.03 -6.21
CA ILE A 55 -1.92 8.15 -6.59
C ILE A 55 -2.79 7.79 -5.36
N LEU A 56 -2.19 7.40 -4.24
CA LEU A 56 -2.93 7.11 -3.01
C LEU A 56 -3.69 8.34 -2.47
N SER A 57 -3.10 9.54 -2.56
CA SER A 57 -3.75 10.79 -2.17
C SER A 57 -4.89 11.17 -3.13
N GLN A 58 -4.74 10.95 -4.45
CA GLN A 58 -5.83 11.09 -5.44
C GLN A 58 -6.99 10.11 -5.19
N GLU A 59 -6.67 8.89 -4.73
CA GLU A 59 -7.64 7.90 -4.24
C GLU A 59 -8.13 8.14 -2.78
N ASP A 60 -7.84 9.32 -2.22
CA ASP A 60 -8.26 9.79 -0.89
C ASP A 60 -7.72 9.06 0.35
N TYR A 61 -6.72 8.17 0.20
CA TYR A 61 -6.11 7.42 1.32
C TYR A 61 -5.41 8.27 2.40
N PHE A 62 -4.83 9.40 2.00
CA PHE A 62 -4.21 10.42 2.84
C PHE A 62 -4.16 11.82 2.22
N ASP A 63 -4.13 12.85 3.08
CA ASP A 63 -3.93 14.24 2.65
C ASP A 63 -2.42 14.59 2.68
N LYS A 64 -1.98 15.67 2.04
CA LYS A 64 -0.56 16.11 2.11
C LYS A 64 -0.36 17.62 1.91
N LYS A 65 0.74 18.17 2.46
CA LYS A 65 1.17 19.57 2.30
C LYS A 65 2.68 19.74 2.48
N ARG A 66 3.31 20.76 1.88
CA ARG A 66 4.72 21.12 2.18
C ARG A 66 4.83 21.59 3.65
N ASN A 67 5.97 21.33 4.29
CA ASN A 67 6.17 21.53 5.72
C ASN A 67 6.12 23.02 6.17
N GLU A 68 5.81 23.27 7.45
CA GLU A 68 5.66 24.62 8.00
C GLU A 68 7.00 25.37 8.15
N HIS A 69 8.08 24.67 8.57
CA HIS A 69 9.45 25.22 8.60
C HIS A 69 10.03 25.44 7.20
N ASP A 70 9.67 24.60 6.23
CA ASP A 70 10.29 24.55 4.91
C ASP A 70 9.33 24.15 3.78
N GLN A 71 9.18 24.98 2.75
CA GLN A 71 8.30 24.70 1.60
C GLN A 71 8.85 23.62 0.63
N ARG A 72 9.81 22.80 1.06
CA ARG A 72 10.44 21.70 0.29
C ARG A 72 9.98 20.31 0.78
N THR A 73 10.19 19.95 2.05
CA THR A 73 9.74 18.66 2.59
C THR A 73 8.22 18.50 2.70
N VAL A 74 7.67 17.28 2.62
CA VAL A 74 6.22 17.03 2.62
C VAL A 74 5.69 16.26 3.84
N LEU A 75 4.65 16.82 4.46
CA LEU A 75 3.87 16.17 5.50
C LEU A 75 2.72 15.42 4.82
N ILE A 76 2.50 14.17 5.21
CA ILE A 76 1.35 13.34 4.83
C ILE A 76 0.48 13.16 6.07
N LEU A 77 -0.82 13.41 5.95
CA LEU A 77 -1.78 13.50 7.06
C LEU A 77 -2.89 12.43 6.92
N VAL A 78 -3.29 11.85 8.05
CA VAL A 78 -4.28 10.77 8.13
C VAL A 78 -5.42 11.08 9.10
N ASN A 79 -6.65 11.25 8.59
CA ASN A 79 -7.85 11.40 9.41
C ASN A 79 -8.44 10.04 9.84
N ALA A 80 -9.45 10.04 10.73
CA ALA A 80 -10.04 8.82 11.27
C ALA A 80 -10.68 7.92 10.19
N GLN A 81 -11.43 8.50 9.24
CA GLN A 81 -12.06 7.75 8.14
C GLN A 81 -11.03 7.11 7.20
N GLN A 82 -9.92 7.81 6.95
CA GLN A 82 -8.76 7.27 6.23
C GLN A 82 -8.11 6.09 6.97
N ARG A 83 -7.99 6.17 8.30
CA ARG A 83 -7.48 5.05 9.13
C ARG A 83 -8.41 3.81 9.04
N LYS A 84 -9.73 4.02 9.03
CA LYS A 84 -10.75 2.95 8.81
C LYS A 84 -10.60 2.31 7.42
N LYS A 85 -10.49 3.14 6.36
CA LYS A 85 -10.27 2.68 4.97
C LYS A 85 -8.99 1.83 4.87
N ILE A 86 -7.91 2.28 5.49
CA ILE A 86 -6.61 1.58 5.52
C ILE A 86 -6.71 0.21 6.18
N GLU A 87 -7.21 0.11 7.42
CA GLU A 87 -7.27 -1.20 8.11
C GLU A 87 -8.28 -2.16 7.44
N SER A 88 -9.39 -1.64 6.89
CA SER A 88 -10.36 -2.41 6.10
C SER A 88 -9.71 -3.01 4.84
N LEU A 89 -9.00 -2.19 4.05
CA LEU A 89 -8.26 -2.65 2.87
C LEU A 89 -7.23 -3.71 3.26
N LEU A 90 -6.38 -3.44 4.25
CA LEU A 90 -5.27 -4.31 4.61
C LEU A 90 -5.75 -5.66 5.14
N SER A 91 -6.85 -5.71 5.89
CA SER A 91 -7.49 -6.97 6.31
C SER A 91 -7.96 -7.79 5.10
N ARG A 92 -8.67 -7.16 4.16
CA ARG A 92 -9.18 -7.79 2.93
C ARG A 92 -8.06 -8.27 2.00
N VAL A 93 -7.02 -7.46 1.81
CA VAL A 93 -5.84 -7.81 0.98
C VAL A 93 -5.08 -8.97 1.62
N ASN A 94 -4.82 -8.97 2.93
CA ASN A 94 -4.14 -10.11 3.59
C ASN A 94 -4.94 -11.42 3.46
N LYS A 95 -6.26 -11.39 3.69
CA LYS A 95 -7.15 -12.55 3.49
C LYS A 95 -7.12 -13.03 2.02
N ARG A 96 -7.20 -12.11 1.06
CA ARG A 96 -7.17 -12.43 -0.38
C ARG A 96 -5.79 -12.93 -0.86
N ILE A 97 -4.68 -12.50 -0.26
CA ILE A 97 -3.34 -13.09 -0.51
C ILE A 97 -3.29 -14.57 -0.10
N THR A 98 -3.91 -14.94 1.03
CA THR A 98 -4.11 -16.36 1.40
C THR A 98 -4.90 -17.15 0.37
N GLU A 99 -6.03 -16.62 -0.11
CA GLU A 99 -6.78 -17.22 -1.22
C GLU A 99 -5.94 -17.36 -2.49
N ALA A 100 -5.21 -16.30 -2.90
CA ALA A 100 -4.39 -16.30 -4.10
C ALA A 100 -3.34 -17.42 -4.08
N ASN A 101 -2.63 -17.57 -2.96
CA ASN A 101 -1.69 -18.68 -2.75
C ASN A 101 -2.38 -20.07 -2.84
N ASN A 102 -3.62 -20.19 -2.34
CA ASN A 102 -4.42 -21.40 -2.52
C ASN A 102 -4.85 -21.67 -3.98
N GLU A 103 -5.16 -20.65 -4.80
CA GLU A 103 -5.42 -20.86 -6.24
C GLU A 103 -4.19 -21.45 -6.94
N ILE A 104 -3.00 -20.94 -6.60
CA ILE A 104 -1.71 -21.36 -7.12
C ILE A 104 -1.35 -22.81 -6.71
N GLU A 105 -1.57 -23.15 -5.45
CA GLU A 105 -1.48 -24.52 -4.93
C GLU A 105 -2.45 -25.46 -5.67
N LEU A 106 -3.73 -25.08 -5.77
CA LEU A 106 -4.78 -25.87 -6.43
C LEU A 106 -4.45 -26.12 -7.91
N LEU A 107 -3.87 -25.12 -8.60
CA LEU A 107 -3.39 -25.23 -9.98
C LEU A 107 -2.23 -26.25 -10.12
N GLU A 108 -1.28 -26.23 -9.19
CA GLU A 108 -0.15 -27.18 -9.17
C GLU A 108 -0.54 -28.60 -8.74
N HIS A 109 -1.59 -28.77 -7.93
CA HIS A 109 -2.05 -30.09 -7.45
C HIS A 109 -2.58 -31.02 -8.56
N HIS A 110 -2.91 -30.48 -9.76
CA HIS A 110 -3.37 -31.24 -10.94
C HIS A 110 -2.26 -32.05 -11.66
N HIS A 111 -1.31 -32.65 -10.92
CA HIS A 111 -0.07 -33.28 -11.45
C HIS A 111 -0.30 -34.38 -12.50
N HIS A 112 -1.43 -35.10 -12.43
CA HIS A 112 -1.81 -36.16 -13.38
C HIS A 112 -2.30 -35.66 -14.76
N HIS A 113 -2.57 -34.36 -14.92
CA HIS A 113 -3.01 -33.75 -16.19
C HIS A 113 -1.93 -33.84 -17.28
N HIS A 114 -2.35 -33.98 -18.54
CA HIS A 114 -1.47 -33.92 -19.73
C HIS A 114 -0.76 -32.56 -19.87
N MET A 1 6.47 -14.44 -5.78
CA MET A 1 6.47 -14.37 -7.28
C MET A 1 5.68 -13.15 -7.77
N ASP A 2 6.06 -12.58 -8.93
CA ASP A 2 5.43 -11.38 -9.52
C ASP A 2 3.95 -11.50 -9.90
N LYS A 3 3.45 -12.73 -10.12
CA LYS A 3 2.03 -13.03 -10.39
C LYS A 3 1.11 -12.51 -9.27
N LEU A 4 1.54 -12.57 -8.00
CA LEU A 4 0.80 -12.02 -6.86
C LEU A 4 0.72 -10.50 -6.90
N LYS A 5 1.84 -9.82 -7.22
CA LYS A 5 1.89 -8.35 -7.36
C LYS A 5 1.01 -7.85 -8.50
N SER A 6 1.03 -8.57 -9.63
CA SER A 6 0.11 -8.34 -10.76
C SER A 6 -1.36 -8.53 -10.37
N LEU A 7 -1.69 -9.62 -9.66
CA LEU A 7 -3.03 -9.87 -9.12
C LEU A 7 -3.50 -8.77 -8.15
N ILE A 8 -2.64 -8.29 -7.25
CA ILE A 8 -2.97 -7.17 -6.35
C ILE A 8 -3.27 -5.89 -7.15
N LYS A 9 -2.45 -5.56 -8.16
CA LYS A 9 -2.66 -4.37 -9.00
C LYS A 9 -3.92 -4.46 -9.87
N LYS A 10 -4.25 -5.66 -10.37
CA LYS A 10 -5.48 -5.97 -11.12
C LYS A 10 -6.75 -5.87 -10.25
N GLU A 11 -6.75 -6.50 -9.08
CA GLU A 11 -7.94 -6.66 -8.23
C GLU A 11 -8.18 -5.48 -7.25
N PHE A 12 -7.11 -4.92 -6.66
CA PHE A 12 -7.17 -3.82 -5.69
C PHE A 12 -6.88 -2.39 -6.22
N SER A 13 -6.52 -2.28 -7.50
CA SER A 13 -6.16 -1.03 -8.18
C SER A 13 -4.98 -0.25 -7.55
N ILE A 14 -4.04 -0.97 -6.91
CA ILE A 14 -2.84 -0.41 -6.27
C ILE A 14 -1.57 -1.23 -6.58
N SER A 15 -0.45 -0.56 -6.78
CA SER A 15 0.86 -1.22 -6.96
C SER A 15 1.30 -1.93 -5.67
N PHE A 16 2.29 -2.84 -5.79
CA PHE A 16 2.90 -3.44 -4.60
C PHE A 16 3.63 -2.46 -3.67
N GLU A 17 4.20 -1.39 -4.24
CA GLU A 17 4.75 -0.25 -3.47
C GLU A 17 3.66 0.59 -2.79
N GLU A 18 2.55 0.90 -3.47
CA GLU A 18 1.39 1.54 -2.83
C GLU A 18 0.86 0.68 -1.66
N PHE A 19 0.78 -0.64 -1.86
CA PHE A 19 0.50 -1.61 -0.80
C PHE A 19 1.51 -1.62 0.37
N ALA A 20 2.81 -1.54 0.06
CA ALA A 20 3.88 -1.43 1.05
C ALA A 20 3.79 -0.12 1.85
N VAL A 21 3.50 1.02 1.20
CA VAL A 21 3.30 2.33 1.86
C VAL A 21 2.09 2.25 2.81
N LEU A 22 0.96 1.71 2.35
CA LEU A 22 -0.22 1.47 3.19
C LEU A 22 0.14 0.59 4.40
N THR A 23 0.87 -0.50 4.18
CA THR A 23 1.35 -1.40 5.24
C THR A 23 2.25 -0.70 6.25
N TYR A 24 3.27 0.04 5.80
CA TYR A 24 4.10 0.88 6.67
C TYR A 24 3.34 1.86 7.57
N ILE A 25 2.39 2.59 6.98
CA ILE A 25 1.51 3.52 7.70
C ILE A 25 0.60 2.79 8.69
N SER A 26 0.08 1.61 8.34
CA SER A 26 -0.75 0.78 9.22
C SER A 26 0.03 0.19 10.41
N GLU A 27 1.27 -0.24 10.19
CA GLU A 27 2.15 -0.78 11.23
C GLU A 27 2.54 0.28 12.29
N ASN A 28 2.73 1.52 11.86
CA ASN A 28 3.17 2.62 12.71
C ASN A 28 2.01 3.43 13.33
N LYS A 29 0.87 3.51 12.63
CA LYS A 29 -0.41 4.12 13.05
C LYS A 29 -0.31 5.50 13.72
N GLU A 30 0.62 6.34 13.25
CA GLU A 30 0.76 7.74 13.66
C GLU A 30 -0.23 8.66 12.92
N LYS A 31 -0.52 9.84 13.50
CA LYS A 31 -1.35 10.88 12.86
C LYS A 31 -0.64 11.63 11.73
N GLU A 32 0.70 11.64 11.74
CA GLU A 32 1.55 12.45 10.86
C GLU A 32 2.77 11.66 10.35
N TYR A 33 3.12 11.86 9.07
CA TYR A 33 4.25 11.22 8.37
C TYR A 33 5.03 12.17 7.44
N TYR A 34 6.32 11.89 7.21
CA TYR A 34 7.16 12.55 6.19
C TYR A 34 7.46 11.67 4.98
N LEU A 35 7.52 12.22 3.77
CA LEU A 35 7.77 11.39 2.58
C LEU A 35 9.22 10.86 2.54
N LYS A 36 10.20 11.62 3.05
CA LYS A 36 11.56 11.11 3.25
C LYS A 36 11.62 9.99 4.30
N ASP A 37 10.75 10.00 5.30
CA ASP A 37 10.60 8.86 6.23
C ASP A 37 10.05 7.59 5.59
N ILE A 38 9.08 7.73 4.68
CA ILE A 38 8.61 6.63 3.83
C ILE A 38 9.77 6.09 2.97
N ILE A 39 10.56 6.97 2.33
CA ILE A 39 11.76 6.57 1.56
C ILE A 39 12.79 5.82 2.43
N ASN A 40 13.00 6.25 3.68
CA ASN A 40 13.87 5.55 4.64
C ASN A 40 13.35 4.15 5.02
N HIS A 41 12.03 3.98 5.19
CA HIS A 41 11.41 2.67 5.50
C HIS A 41 11.20 1.76 4.28
N LEU A 42 11.07 2.32 3.08
CA LEU A 42 10.80 1.65 1.81
C LEU A 42 11.71 2.26 0.72
N ASN A 43 12.79 1.54 0.38
CA ASN A 43 13.92 2.00 -0.45
C ASN A 43 13.62 2.30 -1.95
N TYR A 44 12.36 2.53 -2.33
CA TYR A 44 11.98 3.04 -3.66
C TYR A 44 12.46 4.47 -3.96
N LYS A 45 12.73 4.80 -5.22
CA LYS A 45 13.28 6.13 -5.59
C LYS A 45 12.26 7.27 -5.43
N GLN A 46 12.75 8.49 -5.19
CA GLN A 46 11.99 9.68 -4.81
C GLN A 46 10.73 9.93 -5.67
N PRO A 47 10.78 10.02 -7.02
CA PRO A 47 9.58 10.27 -7.84
C PRO A 47 8.54 9.14 -7.76
N GLN A 48 8.95 7.87 -7.67
CA GLN A 48 8.01 6.76 -7.54
C GLN A 48 7.31 6.72 -6.17
N VAL A 49 8.02 7.06 -5.08
CA VAL A 49 7.36 7.24 -3.77
C VAL A 49 6.39 8.42 -3.78
N VAL A 50 6.76 9.56 -4.39
CA VAL A 50 5.85 10.71 -4.57
C VAL A 50 4.62 10.29 -5.35
N LYS A 51 4.74 9.59 -6.49
CA LYS A 51 3.57 9.14 -7.27
C LYS A 51 2.71 8.14 -6.48
N ALA A 52 3.32 7.15 -5.80
CA ALA A 52 2.59 6.19 -4.96
C ALA A 52 1.77 6.88 -3.86
N VAL A 53 2.38 7.81 -3.12
CA VAL A 53 1.70 8.62 -2.09
C VAL A 53 0.62 9.50 -2.75
N LYS A 54 0.90 10.17 -3.87
CA LYS A 54 -0.06 11.03 -4.58
C LYS A 54 -1.33 10.29 -5.01
N ILE A 55 -1.18 9.12 -5.63
CA ILE A 55 -2.32 8.27 -6.03
C ILE A 55 -3.15 7.85 -4.79
N LEU A 56 -2.49 7.44 -3.71
CA LEU A 56 -3.19 7.08 -2.46
C LEU A 56 -3.89 8.30 -1.81
N SER A 57 -3.32 9.50 -1.89
CA SER A 57 -3.99 10.75 -1.50
C SER A 57 -5.21 11.09 -2.37
N GLN A 58 -5.12 10.90 -3.70
CA GLN A 58 -6.26 11.07 -4.61
C GLN A 58 -7.39 10.06 -4.34
N GLU A 59 -7.06 8.86 -3.91
CA GLU A 59 -7.98 7.83 -3.41
C GLU A 59 -8.35 8.01 -1.91
N ASP A 60 -8.08 9.19 -1.34
CA ASP A 60 -8.44 9.60 0.03
C ASP A 60 -7.81 8.86 1.22
N TYR A 61 -6.87 7.94 0.99
CA TYR A 61 -6.22 7.15 2.06
C TYR A 61 -5.45 7.98 3.11
N PHE A 62 -4.85 9.08 2.67
CA PHE A 62 -4.18 10.07 3.52
C PHE A 62 -4.11 11.49 2.94
N ASP A 63 -4.28 12.51 3.78
CA ASP A 63 -4.19 13.92 3.38
C ASP A 63 -2.73 14.42 3.27
N LYS A 64 -2.48 15.56 2.58
CA LYS A 64 -1.15 16.13 2.38
C LYS A 64 -1.10 17.66 2.40
N LYS A 65 0.06 18.21 2.84
CA LYS A 65 0.39 19.64 2.73
C LYS A 65 1.90 19.85 2.60
N ARG A 66 2.32 20.83 1.79
CA ARG A 66 3.72 21.28 1.74
C ARG A 66 3.98 22.08 3.03
N ASN A 67 5.10 21.84 3.70
CA ASN A 67 5.38 22.35 5.05
C ASN A 67 5.35 23.90 5.11
N GLU A 68 4.51 24.48 5.99
CA GLU A 68 4.42 25.94 6.15
C GLU A 68 5.72 26.61 6.63
N HIS A 69 6.64 25.83 7.22
CA HIS A 69 7.97 26.28 7.65
C HIS A 69 9.04 26.22 6.54
N ASP A 70 8.84 25.39 5.50
CA ASP A 70 9.76 25.29 4.36
C ASP A 70 8.95 24.67 3.18
N GLN A 71 8.83 25.40 2.07
CA GLN A 71 8.02 24.96 0.94
C GLN A 71 8.68 23.85 0.07
N ARG A 72 9.70 23.15 0.58
CA ARG A 72 10.30 21.96 -0.07
C ARG A 72 9.77 20.67 0.57
N THR A 73 9.76 20.56 1.89
CA THR A 73 9.28 19.36 2.58
C THR A 73 7.75 19.13 2.59
N VAL A 74 7.28 17.90 2.78
CA VAL A 74 5.85 17.52 2.80
C VAL A 74 5.42 16.75 4.05
N LEU A 75 4.24 17.10 4.59
CA LEU A 75 3.56 16.34 5.64
C LEU A 75 2.42 15.54 5.03
N ILE A 76 2.30 14.29 5.47
CA ILE A 76 1.20 13.35 5.17
C ILE A 76 0.40 13.13 6.45
N LEU A 77 -0.93 13.22 6.39
CA LEU A 77 -1.83 13.24 7.55
C LEU A 77 -2.82 12.07 7.50
N VAL A 78 -3.07 11.43 8.65
CA VAL A 78 -3.97 10.28 8.80
C VAL A 78 -5.02 10.45 9.91
N ASN A 79 -6.27 10.69 9.53
CA ASN A 79 -7.41 10.76 10.46
C ASN A 79 -7.88 9.34 10.88
N ALA A 80 -8.72 9.23 11.91
CA ALA A 80 -9.20 7.96 12.43
C ALA A 80 -9.95 7.12 11.37
N GLN A 81 -10.85 7.75 10.59
CA GLN A 81 -11.58 7.10 9.49
C GLN A 81 -10.63 6.60 8.40
N GLN A 82 -9.57 7.35 8.09
CA GLN A 82 -8.50 6.93 7.18
C GLN A 82 -7.72 5.73 7.70
N ARG A 83 -7.37 5.69 9.00
CA ARG A 83 -6.73 4.51 9.59
C ARG A 83 -7.62 3.26 9.48
N LYS A 84 -8.93 3.40 9.75
CA LYS A 84 -9.90 2.30 9.59
C LYS A 84 -10.05 1.85 8.13
N LYS A 85 -10.02 2.78 7.17
CA LYS A 85 -10.00 2.46 5.72
C LYS A 85 -8.75 1.66 5.33
N ILE A 86 -7.57 2.09 5.80
CA ILE A 86 -6.28 1.41 5.56
C ILE A 86 -6.26 0.01 6.18
N GLU A 87 -6.64 -0.13 7.45
CA GLU A 87 -6.69 -1.41 8.16
C GLU A 87 -7.69 -2.40 7.54
N SER A 88 -8.89 -1.91 7.15
CA SER A 88 -9.90 -2.69 6.44
C SER A 88 -9.40 -3.21 5.09
N LEU A 89 -8.81 -2.33 4.27
CA LEU A 89 -8.18 -2.70 3.00
C LEU A 89 -7.09 -3.76 3.19
N LEU A 90 -6.14 -3.55 4.11
CA LEU A 90 -5.03 -4.48 4.33
C LEU A 90 -5.50 -5.84 4.87
N SER A 91 -6.56 -5.87 5.69
CA SER A 91 -7.20 -7.13 6.13
C SER A 91 -7.81 -7.90 4.96
N ARG A 92 -8.55 -7.21 4.08
CA ARG A 92 -9.15 -7.77 2.86
C ARG A 92 -8.09 -8.25 1.86
N VAL A 93 -7.00 -7.49 1.71
CA VAL A 93 -5.85 -7.85 0.85
C VAL A 93 -5.16 -9.09 1.41
N ASN A 94 -4.90 -9.19 2.72
CA ASN A 94 -4.31 -10.40 3.31
C ASN A 94 -5.20 -11.65 3.16
N LYS A 95 -6.52 -11.52 3.36
CA LYS A 95 -7.49 -12.59 3.08
C LYS A 95 -7.46 -13.02 1.61
N ARG A 96 -7.50 -12.06 0.68
CA ARG A 96 -7.47 -12.32 -0.77
C ARG A 96 -6.13 -12.88 -1.26
N ILE A 97 -5.00 -12.50 -0.65
CA ILE A 97 -3.69 -13.12 -0.89
C ILE A 97 -3.69 -14.60 -0.46
N THR A 98 -4.34 -14.93 0.66
CA THR A 98 -4.55 -16.32 1.10
C THR A 98 -5.41 -17.11 0.11
N GLU A 99 -6.51 -16.55 -0.38
CA GLU A 99 -7.29 -17.15 -1.48
C GLU A 99 -6.46 -17.34 -2.76
N ALA A 100 -5.69 -16.33 -3.17
CA ALA A 100 -4.88 -16.35 -4.39
C ALA A 100 -3.83 -17.49 -4.36
N ASN A 101 -3.15 -17.69 -3.22
CA ASN A 101 -2.23 -18.82 -3.06
C ASN A 101 -2.95 -20.18 -3.16
N ASN A 102 -4.11 -20.32 -2.53
CA ASN A 102 -4.91 -21.55 -2.56
C ASN A 102 -5.49 -21.86 -3.95
N GLU A 103 -6.08 -20.88 -4.64
CA GLU A 103 -6.69 -21.07 -5.96
C GLU A 103 -5.63 -21.32 -7.05
N ILE A 104 -4.42 -20.77 -6.92
CA ILE A 104 -3.27 -21.11 -7.78
C ILE A 104 -2.88 -22.58 -7.63
N GLU A 105 -2.66 -23.03 -6.41
CA GLU A 105 -2.33 -24.44 -6.10
C GLU A 105 -3.43 -25.42 -6.53
N LEU A 106 -4.71 -25.02 -6.39
CA LEU A 106 -5.88 -25.77 -6.81
C LEU A 106 -5.97 -25.95 -8.35
N LEU A 107 -5.45 -24.98 -9.12
CA LEU A 107 -5.35 -25.06 -10.59
C LEU A 107 -4.11 -25.86 -11.04
N GLU A 108 -2.96 -25.66 -10.39
CA GLU A 108 -1.68 -26.31 -10.75
C GLU A 108 -1.60 -27.79 -10.33
N HIS A 109 -2.19 -28.16 -9.19
CA HIS A 109 -2.03 -29.47 -8.51
C HIS A 109 -3.38 -30.02 -8.00
N HIS A 110 -3.39 -31.30 -7.59
CA HIS A 110 -4.56 -32.01 -7.04
C HIS A 110 -4.16 -32.99 -5.90
N HIS A 111 -5.16 -33.45 -5.14
CA HIS A 111 -5.00 -34.49 -4.11
C HIS A 111 -4.62 -35.87 -4.70
N HIS A 112 -4.21 -36.81 -3.85
CA HIS A 112 -3.97 -38.23 -4.21
C HIS A 112 -5.25 -38.96 -4.64
N HIS A 113 -5.12 -40.18 -5.18
CA HIS A 113 -6.25 -41.09 -5.48
C HIS A 113 -7.06 -41.49 -4.22
N HIS A 114 -8.29 -41.95 -4.40
CA HIS A 114 -9.20 -42.40 -3.34
C HIS A 114 -10.15 -43.52 -3.86
N MET A 1 6.34 -14.35 -5.73
CA MET A 1 5.40 -14.56 -6.86
C MET A 1 4.90 -13.23 -7.42
N ASP A 2 5.36 -12.82 -8.61
CA ASP A 2 4.97 -11.54 -9.25
C ASP A 2 3.48 -11.38 -9.60
N LYS A 3 2.79 -12.50 -9.86
CA LYS A 3 1.34 -12.54 -10.16
C LYS A 3 0.47 -11.91 -9.07
N LEU A 4 0.92 -11.92 -7.81
CA LEU A 4 0.23 -11.25 -6.69
C LEU A 4 0.14 -9.72 -6.89
N LYS A 5 1.15 -9.09 -7.51
CA LYS A 5 1.12 -7.64 -7.80
C LYS A 5 0.05 -7.30 -8.84
N SER A 6 -0.08 -8.13 -9.87
CA SER A 6 -1.16 -8.06 -10.87
C SER A 6 -2.54 -8.29 -10.24
N LEU A 7 -2.68 -9.30 -9.38
CA LEU A 7 -3.91 -9.58 -8.62
C LEU A 7 -4.35 -8.38 -7.76
N ILE A 8 -3.42 -7.75 -7.01
CA ILE A 8 -3.73 -6.58 -6.17
C ILE A 8 -4.13 -5.37 -7.03
N LYS A 9 -3.44 -5.14 -8.16
CA LYS A 9 -3.84 -4.09 -9.13
C LYS A 9 -5.22 -4.34 -9.75
N LYS A 10 -5.56 -5.59 -10.06
CA LYS A 10 -6.84 -6.02 -10.64
C LYS A 10 -8.02 -5.87 -9.67
N GLU A 11 -7.90 -6.41 -8.45
CA GLU A 11 -9.01 -6.50 -7.49
C GLU A 11 -9.07 -5.35 -6.45
N PHE A 12 -7.93 -4.75 -6.09
CA PHE A 12 -7.84 -3.68 -5.08
C PHE A 12 -7.64 -2.24 -5.57
N SER A 13 -7.48 -2.07 -6.90
CA SER A 13 -7.29 -0.77 -7.58
C SER A 13 -6.07 0.05 -7.11
N ILE A 14 -5.04 -0.64 -6.58
CA ILE A 14 -3.75 -0.07 -6.14
C ILE A 14 -2.62 -1.00 -6.56
N SER A 15 -1.39 -0.49 -6.72
CA SER A 15 -0.22 -1.36 -6.94
C SER A 15 0.19 -2.07 -5.64
N PHE A 16 0.97 -3.16 -5.75
CA PHE A 16 1.58 -3.77 -4.57
C PHE A 16 2.58 -2.86 -3.82
N GLU A 17 3.24 -1.96 -4.56
CA GLU A 17 4.17 -0.98 -3.98
C GLU A 17 3.39 0.07 -3.16
N GLU A 18 2.25 0.54 -3.67
CA GLU A 18 1.29 1.37 -2.92
C GLU A 18 0.76 0.63 -1.68
N PHE A 19 0.43 -0.66 -1.81
CA PHE A 19 0.14 -1.53 -0.66
C PHE A 19 1.24 -1.63 0.40
N ALA A 20 2.51 -1.68 -0.01
CA ALA A 20 3.65 -1.62 0.90
C ALA A 20 3.74 -0.25 1.61
N VAL A 21 3.50 0.87 0.93
CA VAL A 21 3.43 2.21 1.55
C VAL A 21 2.31 2.28 2.60
N LEU A 22 1.12 1.76 2.26
CA LEU A 22 0.00 1.64 3.22
C LEU A 22 0.37 0.74 4.40
N THR A 23 1.06 -0.37 4.17
CA THR A 23 1.57 -1.27 5.22
C THR A 23 2.56 -0.57 6.14
N TYR A 24 3.53 0.18 5.60
CA TYR A 24 4.39 1.06 6.41
C TYR A 24 3.68 2.01 7.38
N ILE A 25 2.65 2.70 6.88
CA ILE A 25 1.78 3.59 7.67
C ILE A 25 0.98 2.78 8.72
N SER A 26 0.41 1.63 8.33
CA SER A 26 -0.36 0.76 9.23
C SER A 26 0.48 0.13 10.35
N GLU A 27 1.76 -0.19 10.09
CA GLU A 27 2.68 -0.72 11.11
C GLU A 27 3.14 0.34 12.13
N ASN A 28 3.32 1.59 11.69
CA ASN A 28 3.80 2.69 12.53
C ASN A 28 2.71 3.41 13.33
N LYS A 29 1.47 3.46 12.82
CA LYS A 29 0.27 3.99 13.50
C LYS A 29 0.36 5.44 14.00
N GLU A 30 1.20 6.27 13.37
CA GLU A 30 1.23 7.73 13.60
C GLU A 30 0.09 8.44 12.83
N LYS A 31 -0.23 9.69 13.18
CA LYS A 31 -1.15 10.54 12.40
C LYS A 31 -0.46 11.42 11.34
N GLU A 32 0.88 11.53 11.40
CA GLU A 32 1.70 12.42 10.57
C GLU A 32 2.96 11.70 10.06
N TYR A 33 3.28 11.88 8.78
CA TYR A 33 4.38 11.21 8.06
C TYR A 33 5.16 12.13 7.10
N TYR A 34 6.43 11.81 6.83
CA TYR A 34 7.26 12.44 5.78
C TYR A 34 7.52 11.54 4.56
N LEU A 35 7.47 12.08 3.33
CA LEU A 35 7.71 11.25 2.14
C LEU A 35 9.16 10.74 2.07
N LYS A 36 10.14 11.53 2.53
CA LYS A 36 11.53 11.07 2.72
C LYS A 36 11.62 9.90 3.70
N ASP A 37 10.81 9.87 4.77
CA ASP A 37 10.70 8.69 5.62
C ASP A 37 10.07 7.45 4.99
N ILE A 38 9.10 7.63 4.09
CA ILE A 38 8.59 6.51 3.27
C ILE A 38 9.74 5.97 2.40
N ILE A 39 10.55 6.82 1.77
CA ILE A 39 11.76 6.41 1.02
C ILE A 39 12.78 5.71 1.93
N ASN A 40 12.99 6.20 3.16
CA ASN A 40 13.89 5.58 4.14
C ASN A 40 13.44 4.15 4.53
N HIS A 41 12.13 3.91 4.66
CA HIS A 41 11.58 2.57 4.99
C HIS A 41 11.34 1.65 3.79
N LEU A 42 11.12 2.21 2.59
CA LEU A 42 10.83 1.51 1.33
C LEU A 42 11.66 2.16 0.21
N ASN A 43 12.74 1.48 -0.20
CA ASN A 43 13.80 1.96 -1.10
C ASN A 43 13.42 2.26 -2.58
N TYR A 44 12.15 2.48 -2.91
CA TYR A 44 11.71 2.97 -4.22
C TYR A 44 12.27 4.40 -4.44
N LYS A 45 12.50 4.79 -5.70
CA LYS A 45 13.07 6.11 -6.06
C LYS A 45 12.08 7.24 -5.74
N GLN A 46 12.60 8.43 -5.42
CA GLN A 46 11.85 9.64 -5.05
C GLN A 46 10.59 9.92 -5.91
N PRO A 47 10.66 10.07 -7.25
CA PRO A 47 9.47 10.30 -8.09
C PRO A 47 8.46 9.14 -8.08
N GLN A 48 8.90 7.88 -7.94
CA GLN A 48 7.95 6.75 -7.81
C GLN A 48 7.20 6.77 -6.46
N VAL A 49 7.86 7.15 -5.36
CA VAL A 49 7.15 7.37 -4.08
C VAL A 49 6.17 8.54 -4.18
N VAL A 50 6.53 9.64 -4.84
CA VAL A 50 5.59 10.76 -5.12
C VAL A 50 4.40 10.25 -5.94
N LYS A 51 4.60 9.48 -7.01
CA LYS A 51 3.50 8.89 -7.81
C LYS A 51 2.59 8.00 -6.96
N ALA A 52 3.16 7.09 -6.16
CA ALA A 52 2.41 6.22 -5.26
C ALA A 52 1.59 7.01 -4.21
N VAL A 53 2.21 7.98 -3.54
CA VAL A 53 1.56 8.83 -2.53
C VAL A 53 0.46 9.67 -3.20
N LYS A 54 0.71 10.26 -4.36
CA LYS A 54 -0.26 11.08 -5.10
C LYS A 54 -1.49 10.26 -5.51
N ILE A 55 -1.30 9.07 -6.07
CA ILE A 55 -2.40 8.16 -6.45
C ILE A 55 -3.20 7.72 -5.21
N LEU A 56 -2.54 7.30 -4.13
CA LEU A 56 -3.22 6.94 -2.87
C LEU A 56 -3.98 8.11 -2.24
N SER A 57 -3.44 9.33 -2.32
CA SER A 57 -4.10 10.54 -1.84
C SER A 57 -5.29 10.94 -2.72
N GLN A 58 -5.21 10.78 -4.05
CA GLN A 58 -6.34 10.92 -4.98
C GLN A 58 -7.46 9.90 -4.72
N GLU A 59 -7.09 8.68 -4.33
CA GLU A 59 -8.01 7.63 -3.84
C GLU A 59 -8.43 7.82 -2.36
N ASP A 60 -8.13 8.98 -1.77
CA ASP A 60 -8.51 9.38 -0.40
C ASP A 60 -7.90 8.61 0.78
N TYR A 61 -6.91 7.72 0.56
CA TYR A 61 -6.26 6.94 1.62
C TYR A 61 -5.51 7.73 2.70
N PHE A 62 -4.91 8.86 2.29
CA PHE A 62 -4.28 9.85 3.16
C PHE A 62 -4.29 11.28 2.61
N ASP A 63 -4.35 12.29 3.48
CA ASP A 63 -4.20 13.70 3.10
C ASP A 63 -2.72 14.12 2.99
N LYS A 64 -2.41 15.25 2.33
CA LYS A 64 -1.05 15.81 2.35
C LYS A 64 -1.01 17.34 2.20
N LYS A 65 0.08 17.95 2.68
CA LYS A 65 0.43 19.37 2.46
C LYS A 65 1.95 19.59 2.52
N ARG A 66 2.47 20.61 1.85
CA ARG A 66 3.89 21.00 2.06
C ARG A 66 4.00 21.66 3.44
N ASN A 67 5.08 21.37 4.16
CA ASN A 67 5.29 21.71 5.58
C ASN A 67 4.99 23.18 5.92
N GLU A 68 4.22 23.43 6.99
CA GLU A 68 3.83 24.78 7.41
C GLU A 68 5.02 25.67 7.81
N HIS A 69 6.18 25.06 8.10
CA HIS A 69 7.46 25.73 8.41
C HIS A 69 8.47 25.75 7.25
N ASP A 70 8.22 25.03 6.14
CA ASP A 70 9.15 24.91 5.01
C ASP A 70 8.36 24.48 3.74
N GLN A 71 8.38 25.31 2.69
CA GLN A 71 7.51 25.12 1.53
C GLN A 71 8.00 24.09 0.49
N ARG A 72 9.04 23.28 0.76
CA ARG A 72 9.39 22.14 -0.11
C ARG A 72 9.03 20.78 0.48
N THR A 73 9.37 20.49 1.73
CA THR A 73 9.14 19.17 2.34
C THR A 73 7.66 18.81 2.57
N VAL A 74 7.24 17.55 2.49
CA VAL A 74 5.81 17.16 2.51
C VAL A 74 5.35 16.36 3.73
N LEU A 75 4.31 16.86 4.39
CA LEU A 75 3.58 16.16 5.44
C LEU A 75 2.44 15.36 4.80
N ILE A 76 2.35 14.08 5.17
CA ILE A 76 1.23 13.18 4.86
C ILE A 76 0.45 12.95 6.16
N LEU A 77 -0.88 13.10 6.13
CA LEU A 77 -1.76 13.13 7.30
C LEU A 77 -2.81 12.00 7.25
N VAL A 78 -3.15 11.45 8.41
CA VAL A 78 -4.11 10.34 8.56
C VAL A 78 -5.25 10.66 9.53
N ASN A 79 -6.47 10.84 8.98
CA ASN A 79 -7.71 10.96 9.75
C ASN A 79 -8.16 9.59 10.32
N ALA A 80 -8.99 9.56 11.36
CA ALA A 80 -9.52 8.31 11.95
C ALA A 80 -10.33 7.45 10.94
N GLN A 81 -11.04 8.10 10.00
CA GLN A 81 -11.74 7.42 8.90
C GLN A 81 -10.75 6.76 7.92
N GLN A 82 -9.64 7.45 7.62
CA GLN A 82 -8.54 6.92 6.81
C GLN A 82 -7.83 5.75 7.50
N ARG A 83 -7.60 5.82 8.83
CA ARG A 83 -7.00 4.73 9.61
C ARG A 83 -7.80 3.42 9.50
N LYS A 84 -9.12 3.46 9.72
CA LYS A 84 -9.97 2.25 9.57
C LYS A 84 -10.09 1.77 8.12
N LYS A 85 -10.10 2.70 7.14
CA LYS A 85 -10.03 2.37 5.69
C LYS A 85 -8.75 1.63 5.32
N ILE A 86 -7.58 2.10 5.80
CA ILE A 86 -6.27 1.45 5.62
C ILE A 86 -6.26 0.04 6.24
N GLU A 87 -6.64 -0.09 7.51
CA GLU A 87 -6.63 -1.37 8.22
C GLU A 87 -7.64 -2.39 7.65
N SER A 88 -8.84 -1.96 7.25
CA SER A 88 -9.83 -2.78 6.56
C SER A 88 -9.30 -3.33 5.23
N LEU A 89 -8.72 -2.46 4.39
CA LEU A 89 -8.08 -2.86 3.13
C LEU A 89 -6.96 -3.88 3.37
N LEU A 90 -6.02 -3.61 4.28
CA LEU A 90 -4.87 -4.47 4.53
C LEU A 90 -5.30 -5.83 5.10
N SER A 91 -6.34 -5.89 5.94
CA SER A 91 -6.95 -7.15 6.38
C SER A 91 -7.50 -7.97 5.21
N ARG A 92 -8.26 -7.32 4.31
CA ARG A 92 -8.83 -7.95 3.10
C ARG A 92 -7.77 -8.43 2.11
N VAL A 93 -6.70 -7.65 1.89
CA VAL A 93 -5.55 -8.07 1.05
C VAL A 93 -4.83 -9.26 1.68
N ASN A 94 -4.59 -9.26 3.00
CA ASN A 94 -3.99 -10.40 3.69
C ASN A 94 -4.84 -11.69 3.58
N LYS A 95 -6.18 -11.60 3.74
CA LYS A 95 -7.08 -12.73 3.47
C LYS A 95 -6.99 -13.18 2.01
N ARG A 96 -7.04 -12.25 1.04
CA ARG A 96 -6.98 -12.58 -0.40
C ARG A 96 -5.67 -13.23 -0.82
N ILE A 97 -4.55 -12.87 -0.19
CA ILE A 97 -3.24 -13.57 -0.34
C ILE A 97 -3.36 -15.04 0.09
N THR A 98 -4.00 -15.32 1.23
CA THR A 98 -4.34 -16.69 1.65
C THR A 98 -5.25 -17.43 0.67
N GLU A 99 -6.36 -16.82 0.25
CA GLU A 99 -7.28 -17.44 -0.72
C GLU A 99 -6.64 -17.66 -2.11
N ALA A 100 -5.73 -16.77 -2.54
CA ALA A 100 -4.94 -16.96 -3.76
C ALA A 100 -4.02 -18.17 -3.66
N ASN A 101 -3.35 -18.36 -2.51
CA ASN A 101 -2.59 -19.58 -2.23
C ASN A 101 -3.48 -20.84 -2.20
N ASN A 102 -4.67 -20.76 -1.59
CA ASN A 102 -5.65 -21.86 -1.57
C ASN A 102 -6.10 -22.26 -2.99
N GLU A 103 -6.54 -21.31 -3.82
CA GLU A 103 -7.00 -21.62 -5.19
C GLU A 103 -5.85 -22.09 -6.10
N ILE A 104 -4.62 -21.61 -5.89
CA ILE A 104 -3.41 -22.09 -6.58
C ILE A 104 -3.13 -23.57 -6.26
N GLU A 105 -3.12 -23.92 -4.98
CA GLU A 105 -2.90 -25.29 -4.52
C GLU A 105 -3.99 -26.28 -5.01
N LEU A 106 -5.24 -25.82 -5.08
CA LEU A 106 -6.35 -26.57 -5.67
C LEU A 106 -6.21 -26.74 -7.19
N LEU A 107 -5.80 -25.69 -7.91
CA LEU A 107 -5.56 -25.70 -9.36
C LEU A 107 -4.38 -26.61 -9.76
N GLU A 108 -3.27 -26.56 -9.00
CA GLU A 108 -2.05 -27.32 -9.23
C GLU A 108 -2.12 -28.81 -8.82
N HIS A 109 -3.22 -29.27 -8.22
CA HIS A 109 -3.44 -30.68 -7.83
C HIS A 109 -3.54 -31.61 -9.07
N HIS A 110 -2.40 -32.13 -9.52
CA HIS A 110 -2.25 -33.01 -10.70
C HIS A 110 -1.02 -33.94 -10.59
N HIS A 111 -0.91 -34.93 -11.49
CA HIS A 111 0.22 -35.88 -11.57
C HIS A 111 1.58 -35.18 -11.77
N HIS A 112 2.64 -35.69 -11.11
CA HIS A 112 3.99 -35.07 -11.08
C HIS A 112 4.69 -35.11 -12.45
N HIS A 113 4.57 -36.23 -13.19
CA HIS A 113 5.03 -36.37 -14.57
C HIS A 113 4.18 -35.50 -15.51
N HIS A 114 4.77 -34.88 -16.53
CA HIS A 114 4.03 -34.14 -17.56
C HIS A 114 3.12 -35.06 -18.41
N MET A 1 6.76 -13.99 -7.73
CA MET A 1 6.32 -13.79 -9.16
C MET A 1 5.34 -12.63 -9.30
N ASP A 2 5.30 -11.98 -10.47
CA ASP A 2 4.45 -10.80 -10.74
C ASP A 2 2.93 -11.00 -10.73
N LYS A 3 2.46 -12.25 -10.87
CA LYS A 3 1.03 -12.62 -10.84
C LYS A 3 0.30 -12.12 -9.60
N LEU A 4 0.97 -12.14 -8.43
CA LEU A 4 0.37 -11.68 -7.16
C LEU A 4 0.15 -10.17 -7.14
N LYS A 5 1.13 -9.34 -7.53
CA LYS A 5 0.96 -7.88 -7.60
C LYS A 5 -0.01 -7.46 -8.71
N SER A 6 -0.04 -8.20 -9.83
CA SER A 6 -1.07 -8.04 -10.88
C SER A 6 -2.48 -8.31 -10.34
N LEU A 7 -2.67 -9.41 -9.60
CA LEU A 7 -3.93 -9.74 -8.92
C LEU A 7 -4.35 -8.65 -7.90
N ILE A 8 -3.41 -8.16 -7.08
CA ILE A 8 -3.68 -7.07 -6.13
C ILE A 8 -4.12 -5.79 -6.87
N LYS A 9 -3.44 -5.40 -7.95
CA LYS A 9 -3.82 -4.24 -8.78
C LYS A 9 -5.19 -4.41 -9.43
N LYS A 10 -5.50 -5.60 -9.94
CA LYS A 10 -6.79 -5.96 -10.57
C LYS A 10 -7.96 -5.92 -9.56
N GLU A 11 -7.78 -6.52 -8.38
CA GLU A 11 -8.86 -6.72 -7.40
C GLU A 11 -9.03 -5.57 -6.39
N PHE A 12 -7.93 -4.89 -6.01
CA PHE A 12 -7.91 -3.85 -4.96
C PHE A 12 -7.69 -2.39 -5.40
N SER A 13 -7.46 -2.17 -6.71
CA SER A 13 -7.21 -0.86 -7.32
C SER A 13 -5.99 -0.09 -6.76
N ILE A 14 -5.03 -0.81 -6.17
CA ILE A 14 -3.73 -0.29 -5.67
C ILE A 14 -2.61 -1.27 -6.08
N SER A 15 -1.39 -0.77 -6.29
CA SER A 15 -0.22 -1.64 -6.53
C SER A 15 0.21 -2.37 -5.24
N PHE A 16 1.03 -3.41 -5.37
CA PHE A 16 1.68 -4.04 -4.20
C PHE A 16 2.57 -3.11 -3.38
N GLU A 17 3.28 -2.22 -4.07
CA GLU A 17 4.12 -1.16 -3.49
C GLU A 17 3.27 -0.12 -2.74
N GLU A 18 2.15 0.32 -3.30
CA GLU A 18 1.15 1.16 -2.60
C GLU A 18 0.58 0.43 -1.37
N PHE A 19 0.26 -0.86 -1.51
CA PHE A 19 -0.08 -1.73 -0.38
C PHE A 19 0.96 -1.79 0.75
N ALA A 20 2.24 -1.87 0.40
CA ALA A 20 3.35 -1.79 1.34
C ALA A 20 3.45 -0.41 2.02
N VAL A 21 3.22 0.70 1.29
CA VAL A 21 3.15 2.06 1.88
C VAL A 21 1.99 2.15 2.88
N LEU A 22 0.80 1.65 2.55
CA LEU A 22 -0.33 1.59 3.49
C LEU A 22 -0.01 0.69 4.70
N THR A 23 0.65 -0.44 4.50
CA THR A 23 1.15 -1.32 5.58
C THR A 23 2.11 -0.59 6.52
N TYR A 24 3.13 0.08 5.99
CA TYR A 24 4.01 0.97 6.75
C TYR A 24 3.30 2.01 7.64
N ILE A 25 2.31 2.70 7.06
CA ILE A 25 1.46 3.68 7.75
C ILE A 25 0.60 3.02 8.84
N SER A 26 0.03 1.84 8.59
CA SER A 26 -0.78 1.13 9.60
C SER A 26 0.04 0.57 10.76
N GLU A 27 1.23 0.03 10.50
CA GLU A 27 2.12 -0.57 11.51
C GLU A 27 2.69 0.48 12.49
N ASN A 28 3.05 1.65 11.98
CA ASN A 28 3.54 2.78 12.80
C ASN A 28 2.39 3.57 13.46
N LYS A 29 1.22 3.60 12.83
CA LYS A 29 -0.07 4.12 13.35
C LYS A 29 -0.03 5.57 13.88
N GLU A 30 0.86 6.41 13.33
CA GLU A 30 0.93 7.84 13.62
C GLU A 30 -0.12 8.65 12.83
N LYS A 31 -0.42 9.87 13.31
CA LYS A 31 -1.28 10.84 12.59
C LYS A 31 -0.57 11.54 11.43
N GLU A 32 0.77 11.60 11.44
CA GLU A 32 1.59 12.41 10.53
C GLU A 32 2.81 11.62 10.02
N TYR A 33 3.15 11.79 8.74
CA TYR A 33 4.26 11.12 8.03
C TYR A 33 5.05 12.01 7.08
N TYR A 34 6.33 11.69 6.84
CA TYR A 34 7.18 12.29 5.79
C TYR A 34 7.39 11.40 4.58
N LEU A 35 7.38 11.94 3.35
CA LEU A 35 7.61 11.11 2.14
C LEU A 35 9.04 10.54 2.10
N LYS A 36 10.04 11.31 2.55
CA LYS A 36 11.41 10.78 2.74
C LYS A 36 11.46 9.66 3.78
N ASP A 37 10.62 9.69 4.83
CA ASP A 37 10.47 8.54 5.73
C ASP A 37 9.83 7.29 5.12
N ILE A 38 8.88 7.46 4.20
CA ILE A 38 8.35 6.34 3.40
C ILE A 38 9.52 5.74 2.58
N ILE A 39 10.35 6.57 1.94
CA ILE A 39 11.57 6.13 1.23
C ILE A 39 12.58 5.44 2.18
N ASN A 40 12.76 5.94 3.40
CA ASN A 40 13.63 5.33 4.41
C ASN A 40 13.16 3.92 4.83
N HIS A 41 11.84 3.70 4.93
CA HIS A 41 11.25 2.39 5.31
C HIS A 41 11.00 1.44 4.13
N LEU A 42 10.82 1.96 2.91
CA LEU A 42 10.55 1.23 1.67
C LEU A 42 11.42 1.81 0.55
N ASN A 43 12.42 1.05 0.09
CA ASN A 43 13.51 1.48 -0.81
C ASN A 43 13.12 1.82 -2.27
N TYR A 44 11.84 2.10 -2.55
CA TYR A 44 11.37 2.55 -3.88
C TYR A 44 11.92 3.98 -4.13
N LYS A 45 12.16 4.32 -5.40
CA LYS A 45 12.82 5.57 -5.82
C LYS A 45 11.90 6.80 -5.61
N GLN A 46 12.50 7.97 -5.36
CA GLN A 46 11.80 9.23 -5.00
C GLN A 46 10.59 9.58 -5.91
N PRO A 47 10.72 9.69 -7.25
CA PRO A 47 9.57 10.00 -8.12
C PRO A 47 8.47 8.92 -8.08
N GLN A 48 8.83 7.64 -8.01
CA GLN A 48 7.87 6.54 -7.87
C GLN A 48 7.12 6.56 -6.53
N VAL A 49 7.76 6.94 -5.42
CA VAL A 49 7.04 7.17 -4.15
C VAL A 49 6.11 8.39 -4.24
N VAL A 50 6.52 9.48 -4.90
CA VAL A 50 5.61 10.62 -5.17
C VAL A 50 4.41 10.15 -5.99
N LYS A 51 4.60 9.35 -7.05
CA LYS A 51 3.51 8.77 -7.84
C LYS A 51 2.57 7.91 -6.98
N ALA A 52 3.11 7.02 -6.15
CA ALA A 52 2.32 6.18 -5.23
C ALA A 52 1.50 7.02 -4.22
N VAL A 53 2.13 8.02 -3.60
CA VAL A 53 1.48 8.94 -2.64
C VAL A 53 0.42 9.78 -3.36
N LYS A 54 0.70 10.31 -4.55
CA LYS A 54 -0.26 11.08 -5.36
C LYS A 54 -1.52 10.25 -5.67
N ILE A 55 -1.34 9.02 -6.15
CA ILE A 55 -2.45 8.09 -6.45
C ILE A 55 -3.23 7.72 -5.18
N LEU A 56 -2.56 7.33 -4.10
CA LEU A 56 -3.24 6.99 -2.84
C LEU A 56 -4.00 8.19 -2.24
N SER A 57 -3.46 9.40 -2.34
CA SER A 57 -4.14 10.64 -1.91
C SER A 57 -5.34 10.98 -2.80
N GLN A 58 -5.23 10.80 -4.13
CA GLN A 58 -6.36 10.92 -5.07
C GLN A 58 -7.48 9.90 -4.80
N GLU A 59 -7.12 8.69 -4.37
CA GLU A 59 -8.03 7.65 -3.87
C GLU A 59 -8.45 7.84 -2.39
N ASP A 60 -8.22 9.03 -1.84
CA ASP A 60 -8.61 9.48 -0.50
C ASP A 60 -7.97 8.79 0.73
N TYR A 61 -6.97 7.92 0.53
CA TYR A 61 -6.31 7.18 1.62
C TYR A 61 -5.56 8.02 2.67
N PHE A 62 -5.03 9.17 2.25
CA PHE A 62 -4.42 10.18 3.12
C PHE A 62 -4.48 11.62 2.61
N ASP A 63 -4.51 12.57 3.52
CA ASP A 63 -4.37 14.00 3.22
C ASP A 63 -2.88 14.38 3.10
N LYS A 64 -2.55 15.54 2.52
CA LYS A 64 -1.15 16.00 2.39
C LYS A 64 -1.01 17.52 2.26
N LYS A 65 0.14 18.05 2.70
CA LYS A 65 0.56 19.46 2.54
C LYS A 65 2.09 19.58 2.53
N ARG A 66 2.66 20.56 1.83
CA ARG A 66 4.11 20.87 1.96
C ARG A 66 4.37 21.50 3.35
N ASN A 67 5.53 21.19 3.91
CA ASN A 67 5.92 21.49 5.29
C ASN A 67 5.91 23.00 5.65
N GLU A 68 5.65 23.30 6.92
CA GLU A 68 5.52 24.68 7.42
C GLU A 68 6.89 25.32 7.74
N HIS A 69 7.90 24.51 8.10
CA HIS A 69 9.30 24.94 8.23
C HIS A 69 9.92 25.31 6.87
N ASP A 70 9.61 24.54 5.82
CA ASP A 70 10.24 24.66 4.50
C ASP A 70 9.28 24.23 3.38
N GLN A 71 9.18 25.02 2.31
CA GLN A 71 8.31 24.69 1.17
C GLN A 71 8.77 23.49 0.32
N ARG A 72 9.89 22.82 0.65
CA ARG A 72 10.34 21.60 -0.04
C ARG A 72 9.61 20.36 0.48
N THR A 73 9.84 20.02 1.74
CA THR A 73 9.38 18.76 2.34
C THR A 73 7.86 18.56 2.38
N VAL A 74 7.34 17.34 2.45
CA VAL A 74 5.90 17.04 2.47
C VAL A 74 5.42 16.24 3.68
N LEU A 75 4.37 16.75 4.33
CA LEU A 75 3.62 16.06 5.38
C LEU A 75 2.45 15.30 4.74
N ILE A 76 2.30 14.04 5.11
CA ILE A 76 1.16 13.17 4.78
C ILE A 76 0.40 12.92 6.09
N LEU A 77 -0.92 13.17 6.09
CA LEU A 77 -1.76 13.19 7.30
C LEU A 77 -2.86 12.12 7.22
N VAL A 78 -3.14 11.47 8.35
CA VAL A 78 -4.11 10.36 8.46
C VAL A 78 -5.23 10.65 9.46
N ASN A 79 -6.45 10.84 8.95
CA ASN A 79 -7.68 10.98 9.75
C ASN A 79 -8.17 9.62 10.28
N ALA A 80 -9.02 9.60 11.31
CA ALA A 80 -9.56 8.36 11.89
C ALA A 80 -10.38 7.54 10.87
N GLN A 81 -11.13 8.22 9.99
CA GLN A 81 -11.86 7.61 8.85
C GLN A 81 -10.90 6.89 7.88
N GLN A 82 -9.76 7.53 7.57
CA GLN A 82 -8.69 6.94 6.75
C GLN A 82 -8.00 5.77 7.44
N ARG A 83 -7.73 5.85 8.75
CA ARG A 83 -7.10 4.74 9.49
C ARG A 83 -7.99 3.48 9.47
N LYS A 84 -9.29 3.58 9.75
CA LYS A 84 -10.18 2.40 9.72
C LYS A 84 -10.39 1.86 8.29
N LYS A 85 -10.41 2.72 7.27
CA LYS A 85 -10.39 2.31 5.84
C LYS A 85 -9.14 1.49 5.52
N ILE A 86 -7.96 1.99 5.92
CA ILE A 86 -6.66 1.32 5.73
C ILE A 86 -6.60 -0.01 6.48
N GLU A 87 -6.92 -0.05 7.78
CA GLU A 87 -6.88 -1.27 8.59
C GLU A 87 -7.85 -2.37 8.09
N SER A 88 -9.06 -1.98 7.68
CA SER A 88 -10.03 -2.88 7.04
C SER A 88 -9.49 -3.44 5.71
N LEU A 89 -8.98 -2.56 4.83
CA LEU A 89 -8.40 -2.96 3.54
C LEU A 89 -7.20 -3.90 3.71
N LEU A 90 -6.25 -3.58 4.58
CA LEU A 90 -5.04 -4.39 4.80
C LEU A 90 -5.39 -5.80 5.33
N SER A 91 -6.38 -5.93 6.21
CA SER A 91 -6.87 -7.24 6.65
C SER A 91 -7.44 -8.06 5.49
N ARG A 92 -8.29 -7.44 4.65
CA ARG A 92 -8.90 -8.05 3.46
C ARG A 92 -7.85 -8.46 2.42
N VAL A 93 -6.87 -7.60 2.12
CA VAL A 93 -5.77 -7.89 1.20
C VAL A 93 -4.90 -9.04 1.74
N ASN A 94 -4.53 -9.05 3.03
CA ASN A 94 -3.74 -10.15 3.60
C ASN A 94 -4.48 -11.50 3.54
N LYS A 95 -5.76 -11.55 3.91
CA LYS A 95 -6.62 -12.74 3.74
C LYS A 95 -6.70 -13.19 2.28
N ARG A 96 -6.94 -12.25 1.34
CA ARG A 96 -7.02 -12.56 -0.10
C ARG A 96 -5.69 -12.98 -0.70
N ILE A 97 -4.54 -12.49 -0.22
CA ILE A 97 -3.21 -12.99 -0.61
C ILE A 97 -3.06 -14.48 -0.29
N THR A 98 -3.51 -14.93 0.89
CA THR A 98 -3.60 -16.36 1.23
C THR A 98 -4.49 -17.16 0.28
N GLU A 99 -5.73 -16.73 0.06
CA GLU A 99 -6.65 -17.43 -0.84
C GLU A 99 -6.25 -17.38 -2.32
N ALA A 100 -5.56 -16.32 -2.77
CA ALA A 100 -4.94 -16.24 -4.08
C ALA A 100 -3.82 -17.29 -4.25
N ASN A 101 -2.97 -17.48 -3.24
CA ASN A 101 -1.99 -18.57 -3.23
C ASN A 101 -2.67 -19.96 -3.25
N ASN A 102 -3.75 -20.14 -2.46
CA ASN A 102 -4.52 -21.38 -2.45
C ASN A 102 -5.14 -21.71 -3.82
N GLU A 103 -5.82 -20.77 -4.47
CA GLU A 103 -6.46 -21.00 -5.77
C GLU A 103 -5.40 -21.15 -6.90
N ILE A 104 -4.25 -20.48 -6.80
CA ILE A 104 -3.12 -20.68 -7.74
C ILE A 104 -2.60 -22.12 -7.70
N GLU A 105 -2.30 -22.61 -6.50
CA GLU A 105 -1.86 -23.99 -6.29
C GLU A 105 -2.92 -25.03 -6.72
N LEU A 106 -4.20 -24.75 -6.45
CA LEU A 106 -5.35 -25.56 -6.87
C LEU A 106 -5.49 -25.64 -8.41
N LEU A 107 -5.24 -24.53 -9.12
CA LEU A 107 -5.24 -24.49 -10.59
C LEU A 107 -3.98 -25.17 -11.19
N GLU A 108 -2.80 -25.00 -10.58
CA GLU A 108 -1.55 -25.64 -11.01
C GLU A 108 -1.53 -27.16 -10.78
N HIS A 109 -2.23 -27.66 -9.76
CA HIS A 109 -2.47 -29.09 -9.53
C HIS A 109 -3.32 -29.70 -10.66
N HIS A 110 -2.68 -30.31 -11.67
CA HIS A 110 -3.34 -30.87 -12.86
C HIS A 110 -4.16 -32.14 -12.52
N HIS A 111 -5.33 -32.32 -13.13
CA HIS A 111 -6.33 -33.36 -12.75
C HIS A 111 -5.83 -34.81 -12.86
N HIS A 112 -4.84 -35.08 -13.72
CA HIS A 112 -4.20 -36.40 -13.88
C HIS A 112 -3.32 -36.82 -12.68
N HIS A 113 -2.79 -35.86 -11.91
CA HIS A 113 -1.93 -36.12 -10.73
C HIS A 113 -2.71 -36.74 -9.57
N HIS A 114 -2.07 -37.64 -8.81
CA HIS A 114 -2.61 -38.19 -7.55
C HIS A 114 -2.77 -37.08 -6.47
N MET A 1 6.27 -14.75 -6.49
CA MET A 1 5.87 -14.90 -7.93
C MET A 1 5.00 -13.72 -8.39
N ASP A 2 5.07 -13.35 -9.67
CA ASP A 2 4.35 -12.20 -10.25
C ASP A 2 2.81 -12.26 -10.19
N LYS A 3 2.23 -13.48 -10.14
CA LYS A 3 0.79 -13.75 -9.95
C LYS A 3 0.20 -12.99 -8.76
N LEU A 4 0.93 -12.89 -7.65
CA LEU A 4 0.48 -12.21 -6.42
C LEU A 4 0.37 -10.68 -6.62
N LYS A 5 1.42 -10.06 -7.16
CA LYS A 5 1.46 -8.62 -7.44
C LYS A 5 0.44 -8.22 -8.52
N SER A 6 0.31 -9.05 -9.56
CA SER A 6 -0.72 -8.93 -10.61
C SER A 6 -2.13 -9.00 -10.03
N LEU A 7 -2.41 -9.97 -9.15
CA LEU A 7 -3.69 -10.08 -8.44
C LEU A 7 -4.03 -8.83 -7.62
N ILE A 8 -3.07 -8.25 -6.88
CA ILE A 8 -3.30 -7.00 -6.15
C ILE A 8 -3.62 -5.84 -7.12
N LYS A 9 -2.87 -5.69 -8.22
CA LYS A 9 -3.16 -4.67 -9.25
C LYS A 9 -4.56 -4.83 -9.86
N LYS A 10 -4.95 -6.06 -10.21
CA LYS A 10 -6.27 -6.38 -10.77
C LYS A 10 -7.44 -6.17 -9.80
N GLU A 11 -7.33 -6.67 -8.58
CA GLU A 11 -8.44 -6.71 -7.61
C GLU A 11 -8.57 -5.45 -6.74
N PHE A 12 -7.47 -4.74 -6.48
CA PHE A 12 -7.41 -3.60 -5.55
C PHE A 12 -7.09 -2.22 -6.13
N SER A 13 -6.80 -2.16 -7.43
CA SER A 13 -6.44 -0.93 -8.17
C SER A 13 -5.22 -0.17 -7.59
N ILE A 14 -4.29 -0.90 -6.97
CA ILE A 14 -3.05 -0.37 -6.38
C ILE A 14 -1.85 -1.24 -6.77
N SER A 15 -0.65 -0.66 -6.86
CA SER A 15 0.60 -1.40 -7.03
C SER A 15 1.01 -2.13 -5.75
N PHE A 16 1.96 -3.09 -5.86
CA PHE A 16 2.59 -3.70 -4.69
C PHE A 16 3.37 -2.73 -3.79
N GLU A 17 4.02 -1.73 -4.40
CA GLU A 17 4.67 -0.62 -3.68
C GLU A 17 3.64 0.23 -2.92
N GLU A 18 2.54 0.63 -3.56
CA GLU A 18 1.44 1.34 -2.91
C GLU A 18 0.84 0.53 -1.75
N PHE A 19 0.64 -0.78 -1.94
CA PHE A 19 0.30 -1.72 -0.87
C PHE A 19 1.27 -1.74 0.32
N ALA A 20 2.58 -1.75 0.04
CA ALA A 20 3.62 -1.65 1.06
C ALA A 20 3.60 -0.30 1.80
N VAL A 21 3.38 0.83 1.09
CA VAL A 21 3.26 2.17 1.70
C VAL A 21 2.05 2.22 2.64
N LEU A 22 0.88 1.71 2.21
CA LEU A 22 -0.31 1.60 3.05
C LEU A 22 -0.06 0.70 4.27
N THR A 23 0.62 -0.44 4.07
CA THR A 23 1.03 -1.34 5.16
C THR A 23 1.95 -0.65 6.18
N TYR A 24 2.99 0.05 5.74
CA TYR A 24 3.83 0.89 6.60
C TYR A 24 3.08 1.90 7.47
N ILE A 25 2.17 2.64 6.86
CA ILE A 25 1.29 3.60 7.54
C ILE A 25 0.36 2.91 8.55
N SER A 26 -0.20 1.74 8.20
CA SER A 26 -1.08 0.96 9.09
C SER A 26 -0.35 0.34 10.29
N GLU A 27 0.88 -0.14 10.09
CA GLU A 27 1.73 -0.69 11.17
C GLU A 27 2.15 0.37 12.20
N ASN A 28 2.39 1.59 11.75
CA ASN A 28 2.86 2.71 12.60
C ASN A 28 1.73 3.56 13.20
N LYS A 29 0.53 3.58 12.55
CA LYS A 29 -0.75 4.17 13.00
C LYS A 29 -0.69 5.61 13.57
N GLU A 30 0.31 6.39 13.17
CA GLU A 30 0.48 7.79 13.57
C GLU A 30 -0.42 8.73 12.73
N LYS A 31 -0.77 9.91 13.25
CA LYS A 31 -1.56 10.93 12.54
C LYS A 31 -0.80 11.66 11.42
N GLU A 32 0.53 11.64 11.47
CA GLU A 32 1.43 12.44 10.62
C GLU A 32 2.66 11.62 10.16
N TYR A 33 3.06 11.80 8.90
CA TYR A 33 4.19 11.15 8.25
C TYR A 33 5.01 12.06 7.33
N TYR A 34 6.28 11.72 7.07
CA TYR A 34 7.13 12.36 6.06
C TYR A 34 7.41 11.49 4.84
N LEU A 35 7.41 12.02 3.61
CA LEU A 35 7.69 11.21 2.42
C LEU A 35 9.11 10.62 2.49
N LYS A 36 10.11 11.38 2.96
CA LYS A 36 11.47 10.84 3.15
C LYS A 36 11.50 9.69 4.16
N ASP A 37 10.67 9.71 5.21
CA ASP A 37 10.51 8.54 6.08
C ASP A 37 9.84 7.31 5.47
N ILE A 38 8.88 7.49 4.56
CA ILE A 38 8.35 6.38 3.74
C ILE A 38 9.49 5.81 2.88
N ILE A 39 10.30 6.67 2.25
CA ILE A 39 11.50 6.26 1.49
C ILE A 39 12.55 5.55 2.38
N ASN A 40 12.74 6.00 3.62
CA ASN A 40 13.63 5.36 4.60
C ASN A 40 13.15 3.95 4.98
N HIS A 41 11.83 3.73 5.09
CA HIS A 41 11.24 2.41 5.39
C HIS A 41 11.07 1.50 4.15
N LEU A 42 10.92 2.09 2.96
CA LEU A 42 10.71 1.42 1.68
C LEU A 42 11.63 2.07 0.63
N ASN A 43 12.80 1.45 0.40
CA ASN A 43 13.94 1.96 -0.39
C ASN A 43 13.74 2.24 -1.90
N TYR A 44 12.50 2.42 -2.37
CA TYR A 44 12.16 2.89 -3.71
C TYR A 44 12.72 4.29 -4.07
N LYS A 45 12.89 4.59 -5.36
CA LYS A 45 13.43 5.87 -5.86
C LYS A 45 12.47 7.03 -5.53
N GLN A 46 13.00 8.25 -5.34
CA GLN A 46 12.20 9.43 -4.95
C GLN A 46 10.95 9.67 -5.83
N PRO A 47 11.02 9.63 -7.19
CA PRO A 47 9.83 9.80 -8.04
C PRO A 47 8.80 8.66 -7.91
N GLN A 48 9.24 7.41 -7.70
CA GLN A 48 8.34 6.26 -7.50
C GLN A 48 7.46 6.48 -6.25
N VAL A 49 8.06 6.84 -5.11
CA VAL A 49 7.31 7.11 -3.88
C VAL A 49 6.42 8.35 -3.97
N VAL A 50 6.84 9.42 -4.65
CA VAL A 50 5.97 10.57 -4.97
C VAL A 50 4.76 10.07 -5.76
N LYS A 51 4.94 9.30 -6.83
CA LYS A 51 3.81 8.80 -7.65
C LYS A 51 2.86 7.90 -6.84
N ALA A 52 3.39 6.99 -6.03
CA ALA A 52 2.59 6.16 -5.13
C ALA A 52 1.74 6.99 -4.15
N VAL A 53 2.35 7.98 -3.49
CA VAL A 53 1.68 8.88 -2.53
C VAL A 53 0.68 9.78 -3.27
N LYS A 54 0.98 10.30 -4.47
CA LYS A 54 0.05 11.09 -5.28
C LYS A 54 -1.24 10.34 -5.58
N ILE A 55 -1.13 9.14 -6.14
CA ILE A 55 -2.31 8.32 -6.51
C ILE A 55 -3.15 7.96 -5.27
N LEU A 56 -2.52 7.54 -4.16
CA LEU A 56 -3.24 7.21 -2.92
C LEU A 56 -3.87 8.45 -2.27
N SER A 57 -3.23 9.61 -2.32
CA SER A 57 -3.80 10.87 -1.83
C SER A 57 -4.98 11.34 -2.71
N GLN A 58 -4.90 11.18 -4.04
CA GLN A 58 -6.00 11.43 -4.98
C GLN A 58 -7.20 10.47 -4.77
N GLU A 59 -6.93 9.24 -4.37
CA GLU A 59 -7.93 8.24 -3.91
C GLU A 59 -8.32 8.41 -2.43
N ASP A 60 -8.03 9.57 -1.84
CA ASP A 60 -8.40 9.98 -0.48
C ASP A 60 -7.80 9.21 0.72
N TYR A 61 -6.87 8.26 0.50
CA TYR A 61 -6.24 7.48 1.57
C TYR A 61 -5.46 8.27 2.62
N PHE A 62 -4.87 9.40 2.20
CA PHE A 62 -4.19 10.38 3.07
C PHE A 62 -4.17 11.82 2.55
N ASP A 63 -4.30 12.81 3.43
CA ASP A 63 -4.10 14.22 3.10
C ASP A 63 -2.61 14.60 3.03
N LYS A 64 -2.23 15.72 2.40
CA LYS A 64 -0.82 16.08 2.13
C LYS A 64 -0.59 17.59 2.01
N LYS A 65 0.50 18.13 2.59
CA LYS A 65 0.92 19.54 2.46
C LYS A 65 2.43 19.74 2.66
N ARG A 66 3.03 20.75 2.01
CA ARG A 66 4.43 21.16 2.30
C ARG A 66 4.50 21.74 3.73
N ASN A 67 5.60 21.54 4.45
CA ASN A 67 5.73 21.89 5.85
C ASN A 67 5.76 23.43 6.07
N GLU A 68 5.23 23.89 7.21
CA GLU A 68 5.13 25.32 7.52
C GLU A 68 6.49 26.01 7.71
N HIS A 69 7.44 25.34 8.38
CA HIS A 69 8.80 25.87 8.63
C HIS A 69 9.73 25.82 7.42
N ASP A 70 9.41 25.00 6.41
CA ASP A 70 10.18 24.84 5.17
C ASP A 70 9.29 24.31 4.03
N GLN A 71 9.05 25.12 3.00
CA GLN A 71 8.11 24.76 1.92
C GLN A 71 8.65 23.68 0.96
N ARG A 72 9.81 23.07 1.25
CA ARG A 72 10.35 21.89 0.55
C ARG A 72 9.77 20.56 1.08
N THR A 73 9.99 20.22 2.35
CA THR A 73 9.58 18.92 2.90
C THR A 73 8.06 18.71 3.04
N VAL A 74 7.55 17.48 2.92
CA VAL A 74 6.10 17.20 2.86
C VAL A 74 5.55 16.39 4.02
N LEU A 75 4.49 16.89 4.65
CA LEU A 75 3.70 16.18 5.63
C LEU A 75 2.57 15.43 4.93
N ILE A 76 2.39 14.16 5.29
CA ILE A 76 1.28 13.30 4.90
C ILE A 76 0.44 13.05 6.16
N LEU A 77 -0.88 13.26 6.07
CA LEU A 77 -1.80 13.29 7.21
C LEU A 77 -2.83 12.15 7.14
N VAL A 78 -3.14 11.54 8.28
CA VAL A 78 -4.08 10.41 8.41
C VAL A 78 -5.14 10.63 9.49
N ASN A 79 -6.39 10.90 9.06
CA ASN A 79 -7.57 10.98 9.92
C ASN A 79 -8.05 9.58 10.36
N ALA A 80 -8.84 9.47 11.42
CA ALA A 80 -9.42 8.19 11.88
C ALA A 80 -10.29 7.50 10.82
N GLN A 81 -11.00 8.28 9.98
CA GLN A 81 -11.78 7.77 8.84
C GLN A 81 -10.87 7.13 7.77
N GLN A 82 -9.71 7.74 7.52
CA GLN A 82 -8.67 7.18 6.65
C GLN A 82 -8.01 5.93 7.25
N ARG A 83 -7.75 5.91 8.57
CA ARG A 83 -7.20 4.73 9.26
C ARG A 83 -8.13 3.51 9.12
N LYS A 84 -9.45 3.66 9.31
CA LYS A 84 -10.40 2.54 9.11
C LYS A 84 -10.51 2.10 7.64
N LYS A 85 -10.42 3.05 6.67
CA LYS A 85 -10.33 2.72 5.23
C LYS A 85 -9.09 1.89 4.92
N ILE A 86 -7.92 2.32 5.42
CA ILE A 86 -6.61 1.67 5.26
C ILE A 86 -6.62 0.24 5.85
N GLU A 87 -6.97 0.09 7.13
CA GLU A 87 -6.89 -1.22 7.80
C GLU A 87 -7.95 -2.21 7.27
N SER A 88 -9.14 -1.74 6.86
CA SER A 88 -10.14 -2.54 6.16
C SER A 88 -9.60 -3.08 4.82
N LEU A 89 -9.02 -2.19 4.00
CA LEU A 89 -8.38 -2.56 2.73
C LEU A 89 -7.30 -3.62 2.97
N LEU A 90 -6.38 -3.37 3.90
CA LEU A 90 -5.26 -4.28 4.17
C LEU A 90 -5.72 -5.62 4.75
N SER A 91 -6.78 -5.66 5.56
CA SER A 91 -7.39 -6.92 6.02
C SER A 91 -7.97 -7.73 4.85
N ARG A 92 -8.73 -7.09 3.96
CA ARG A 92 -9.28 -7.71 2.74
C ARG A 92 -8.19 -8.16 1.76
N VAL A 93 -7.13 -7.38 1.60
CA VAL A 93 -5.94 -7.74 0.78
C VAL A 93 -5.24 -8.96 1.40
N ASN A 94 -5.03 -9.01 2.73
CA ASN A 94 -4.46 -10.19 3.39
C ASN A 94 -5.31 -11.45 3.21
N LYS A 95 -6.64 -11.37 3.26
CA LYS A 95 -7.52 -12.51 2.92
C LYS A 95 -7.35 -12.93 1.47
N ARG A 96 -7.36 -12.00 0.50
CA ARG A 96 -7.14 -12.33 -0.93
C ARG A 96 -5.73 -12.87 -1.22
N ILE A 97 -4.70 -12.44 -0.51
CA ILE A 97 -3.34 -13.04 -0.54
C ILE A 97 -3.40 -14.50 -0.04
N THR A 98 -4.14 -14.76 1.04
CA THR A 98 -4.40 -16.12 1.52
C THR A 98 -5.15 -16.97 0.49
N GLU A 99 -6.21 -16.44 -0.13
CA GLU A 99 -6.92 -17.15 -1.22
C GLU A 99 -6.02 -17.40 -2.44
N ALA A 100 -5.15 -16.47 -2.82
CA ALA A 100 -4.16 -16.66 -3.88
C ALA A 100 -3.23 -17.85 -3.56
N ASN A 101 -2.70 -17.90 -2.33
CA ASN A 101 -1.90 -19.02 -1.84
C ASN A 101 -2.70 -20.35 -1.81
N ASN A 102 -4.01 -20.29 -1.53
CA ASN A 102 -4.90 -21.45 -1.62
C ASN A 102 -5.00 -22.00 -3.07
N GLU A 103 -5.04 -21.13 -4.10
CA GLU A 103 -4.99 -21.60 -5.51
C GLU A 103 -3.69 -22.36 -5.80
N ILE A 104 -2.56 -21.81 -5.33
CA ILE A 104 -1.21 -22.30 -5.63
C ILE A 104 -1.00 -23.73 -5.13
N GLU A 105 -1.43 -24.00 -3.90
CA GLU A 105 -1.40 -25.35 -3.33
C GLU A 105 -2.46 -26.31 -3.93
N LEU A 106 -3.61 -25.79 -4.40
CA LEU A 106 -4.66 -26.60 -5.06
C LEU A 106 -4.29 -27.00 -6.50
N LEU A 107 -3.48 -26.21 -7.20
CA LEU A 107 -2.96 -26.48 -8.56
C LEU A 107 -1.84 -27.54 -8.58
N GLU A 108 -2.10 -28.71 -7.97
CA GLU A 108 -1.12 -29.81 -7.78
C GLU A 108 -0.50 -30.34 -9.09
N HIS A 109 -1.21 -30.21 -10.22
CA HIS A 109 -0.73 -30.62 -11.56
C HIS A 109 0.36 -29.69 -12.13
N HIS A 110 0.63 -28.53 -11.52
CA HIS A 110 1.67 -27.56 -11.94
C HIS A 110 3.09 -28.02 -11.54
N HIS A 111 3.52 -29.19 -12.03
CA HIS A 111 4.80 -29.83 -11.71
C HIS A 111 6.02 -29.05 -12.23
N HIS A 112 7.20 -29.28 -11.64
CA HIS A 112 8.48 -28.61 -11.96
C HIS A 112 9.63 -29.61 -12.20
N HIS A 113 9.31 -30.78 -12.76
CA HIS A 113 10.23 -31.91 -13.02
C HIS A 113 9.82 -32.71 -14.27
N HIS A 114 10.70 -33.61 -14.73
CA HIS A 114 10.40 -34.59 -15.80
C HIS A 114 9.24 -35.54 -15.42
N MET A 1 5.83 -16.59 -9.93
CA MET A 1 4.36 -16.50 -10.17
C MET A 1 3.93 -15.03 -10.37
N ASP A 2 3.26 -14.73 -11.49
CA ASP A 2 2.77 -13.38 -11.84
C ASP A 2 1.36 -13.02 -11.33
N LYS A 3 0.54 -14.03 -10.97
CA LYS A 3 -0.88 -13.89 -10.58
C LYS A 3 -1.12 -12.84 -9.51
N LEU A 4 -0.32 -12.83 -8.43
CA LEU A 4 -0.56 -12.03 -7.23
C LEU A 4 -0.55 -10.51 -7.48
N LYS A 5 0.40 -10.03 -8.30
CA LYS A 5 0.53 -8.61 -8.66
C LYS A 5 -0.70 -8.12 -9.44
N SER A 6 -1.10 -8.88 -10.48
CA SER A 6 -2.28 -8.62 -11.29
C SER A 6 -3.58 -8.70 -10.49
N LEU A 7 -3.70 -9.71 -9.60
CA LEU A 7 -4.84 -9.90 -8.71
C LEU A 7 -5.07 -8.70 -7.79
N ILE A 8 -4.02 -8.19 -7.13
CA ILE A 8 -4.15 -7.03 -6.24
C ILE A 8 -4.59 -5.79 -7.03
N LYS A 9 -4.01 -5.54 -8.22
CA LYS A 9 -4.42 -4.44 -9.11
C LYS A 9 -5.87 -4.57 -9.58
N LYS A 10 -6.31 -5.79 -9.94
CA LYS A 10 -7.65 -6.11 -10.44
C LYS A 10 -8.74 -5.96 -9.37
N GLU A 11 -8.57 -6.59 -8.20
CA GLU A 11 -9.60 -6.66 -7.16
C GLU A 11 -9.56 -5.51 -6.14
N PHE A 12 -8.39 -4.91 -5.88
CA PHE A 12 -8.21 -3.86 -4.86
C PHE A 12 -7.99 -2.42 -5.36
N SER A 13 -7.91 -2.23 -6.68
CA SER A 13 -7.73 -0.93 -7.36
C SER A 13 -6.48 -0.13 -6.93
N ILE A 14 -5.41 -0.83 -6.52
CA ILE A 14 -4.12 -0.28 -6.08
C ILE A 14 -2.95 -1.06 -6.69
N SER A 15 -1.82 -0.40 -6.92
CA SER A 15 -0.57 -1.10 -7.30
C SER A 15 0.01 -1.89 -6.11
N PHE A 16 0.93 -2.83 -6.39
CA PHE A 16 1.68 -3.51 -5.33
C PHE A 16 2.56 -2.60 -4.47
N GLU A 17 3.16 -1.58 -5.09
CA GLU A 17 3.91 -0.51 -4.42
C GLU A 17 3.00 0.37 -3.55
N GLU A 18 1.82 0.76 -4.02
CA GLU A 18 0.79 1.42 -3.19
C GLU A 18 0.36 0.54 -2.02
N PHE A 19 0.20 -0.77 -2.23
CA PHE A 19 -0.01 -1.75 -1.15
C PHE A 19 1.11 -1.78 -0.09
N ALA A 20 2.37 -1.74 -0.53
CA ALA A 20 3.52 -1.62 0.36
C ALA A 20 3.53 -0.29 1.13
N VAL A 21 3.20 0.84 0.49
CA VAL A 21 3.08 2.16 1.15
C VAL A 21 1.96 2.11 2.20
N LEU A 22 0.77 1.59 1.86
CA LEU A 22 -0.33 1.41 2.81
C LEU A 22 0.08 0.52 4.00
N THR A 23 0.80 -0.57 3.75
CA THR A 23 1.37 -1.44 4.78
C THR A 23 2.36 -0.71 5.69
N TYR A 24 3.25 0.11 5.12
CA TYR A 24 4.10 1.02 5.92
C TYR A 24 3.34 1.97 6.87
N ILE A 25 2.27 2.58 6.35
CA ILE A 25 1.36 3.44 7.13
C ILE A 25 0.65 2.65 8.25
N SER A 26 0.18 1.42 8.01
CA SER A 26 -0.50 0.62 9.04
C SER A 26 0.45 0.03 10.10
N GLU A 27 1.67 -0.36 9.71
CA GLU A 27 2.70 -0.84 10.65
C GLU A 27 3.14 0.24 11.65
N ASN A 28 3.19 1.50 11.21
CA ASN A 28 3.56 2.65 12.06
C ASN A 28 2.37 3.33 12.76
N LYS A 29 1.18 3.34 12.12
CA LYS A 29 -0.13 3.86 12.58
C LYS A 29 -0.14 5.28 13.17
N GLU A 30 0.84 6.11 12.83
CA GLU A 30 1.03 7.47 13.33
C GLU A 30 0.10 8.49 12.63
N LYS A 31 -0.17 9.63 13.27
CA LYS A 31 -1.00 10.73 12.73
C LYS A 31 -0.36 11.47 11.55
N GLU A 32 0.97 11.43 11.42
CA GLU A 32 1.73 12.22 10.45
C GLU A 32 3.03 11.54 9.99
N TYR A 33 3.41 11.80 8.72
CA TYR A 33 4.51 11.19 7.99
C TYR A 33 5.21 12.13 7.01
N TYR A 34 6.46 11.81 6.62
CA TYR A 34 7.20 12.47 5.53
C TYR A 34 7.35 11.61 4.27
N LEU A 35 7.28 12.19 3.06
CA LEU A 35 7.50 11.43 1.82
C LEU A 35 8.93 10.83 1.79
N LYS A 36 9.93 11.58 2.24
CA LYS A 36 11.31 11.10 2.40
C LYS A 36 11.40 9.88 3.32
N ASP A 37 10.63 9.83 4.41
CA ASP A 37 10.54 8.62 5.25
C ASP A 37 9.85 7.40 4.63
N ILE A 38 8.80 7.62 3.83
CA ILE A 38 8.21 6.53 3.01
C ILE A 38 9.31 5.99 2.08
N ILE A 39 10.07 6.86 1.42
CA ILE A 39 11.21 6.50 0.56
C ILE A 39 12.34 5.80 1.33
N ASN A 40 12.65 6.23 2.56
CA ASN A 40 13.62 5.56 3.44
C ASN A 40 13.21 4.11 3.75
N HIS A 41 11.91 3.86 3.96
CA HIS A 41 11.39 2.51 4.22
C HIS A 41 11.09 1.68 2.95
N LEU A 42 10.84 2.34 1.82
CA LEU A 42 10.50 1.75 0.52
C LEU A 42 11.29 2.48 -0.58
N ASN A 43 12.44 1.93 -0.95
CA ASN A 43 13.48 2.53 -1.82
C ASN A 43 13.10 2.80 -3.31
N TYR A 44 11.81 2.88 -3.64
CA TYR A 44 11.33 3.25 -4.99
C TYR A 44 11.75 4.70 -5.32
N LYS A 45 11.85 5.03 -6.62
CA LYS A 45 12.22 6.35 -7.15
C LYS A 45 11.22 7.47 -6.75
N GLN A 46 11.74 8.70 -6.55
CA GLN A 46 10.96 9.87 -6.08
C GLN A 46 9.65 10.12 -6.86
N PRO A 47 9.64 10.27 -8.21
CA PRO A 47 8.41 10.54 -8.95
C PRO A 47 7.34 9.46 -8.79
N GLN A 48 7.72 8.18 -8.73
CA GLN A 48 6.79 7.07 -8.50
C GLN A 48 6.17 7.11 -7.10
N VAL A 49 6.93 7.42 -6.04
CA VAL A 49 6.33 7.62 -4.70
C VAL A 49 5.45 8.86 -4.61
N VAL A 50 5.81 9.97 -5.27
CA VAL A 50 4.93 11.14 -5.41
C VAL A 50 3.61 10.72 -6.08
N LYS A 51 3.68 10.00 -7.22
CA LYS A 51 2.50 9.49 -7.95
C LYS A 51 1.63 8.56 -7.08
N ALA A 52 2.24 7.61 -6.38
CA ALA A 52 1.55 6.71 -5.45
C ALA A 52 0.84 7.46 -4.31
N VAL A 53 1.52 8.44 -3.69
CA VAL A 53 0.96 9.26 -2.61
C VAL A 53 -0.16 10.15 -3.16
N LYS A 54 0.00 10.78 -4.33
CA LYS A 54 -1.08 11.55 -4.98
C LYS A 54 -2.32 10.70 -5.26
N ILE A 55 -2.16 9.51 -5.85
CA ILE A 55 -3.27 8.58 -6.14
C ILE A 55 -3.96 8.12 -4.86
N LEU A 56 -3.20 7.66 -3.85
CA LEU A 56 -3.78 7.24 -2.56
C LEU A 56 -4.48 8.39 -1.82
N SER A 57 -3.96 9.61 -1.91
CA SER A 57 -4.58 10.81 -1.34
C SER A 57 -5.87 11.20 -2.09
N GLN A 58 -5.89 11.12 -3.43
CA GLN A 58 -7.09 11.30 -4.26
C GLN A 58 -8.17 10.24 -3.99
N GLU A 59 -7.76 9.01 -3.67
CA GLU A 59 -8.61 7.92 -3.17
C GLU A 59 -8.94 8.01 -1.66
N ASP A 60 -8.68 9.18 -1.05
CA ASP A 60 -8.99 9.53 0.35
C ASP A 60 -8.24 8.80 1.49
N TYR A 61 -7.24 7.97 1.17
CA TYR A 61 -6.48 7.20 2.18
C TYR A 61 -5.66 8.03 3.17
N PHE A 62 -5.11 9.16 2.71
CA PHE A 62 -4.42 10.17 3.52
C PHE A 62 -4.50 11.61 3.01
N ASP A 63 -4.46 12.60 3.90
CA ASP A 63 -4.32 14.01 3.55
C ASP A 63 -2.83 14.41 3.35
N LYS A 64 -2.52 15.55 2.74
CA LYS A 64 -1.14 16.04 2.57
C LYS A 64 -1.05 17.57 2.47
N LYS A 65 0.09 18.13 2.91
CA LYS A 65 0.43 19.57 2.78
C LYS A 65 1.95 19.80 2.75
N ARG A 66 2.42 20.82 2.03
CA ARG A 66 3.83 21.27 2.11
C ARG A 66 4.10 21.77 3.54
N ASN A 67 5.29 21.51 4.09
CA ASN A 67 5.57 21.74 5.51
C ASN A 67 5.49 23.23 5.90
N GLU A 68 5.08 23.50 7.15
CA GLU A 68 4.81 24.87 7.61
C GLU A 68 6.10 25.68 7.90
N HIS A 69 7.20 25.00 8.28
CA HIS A 69 8.52 25.61 8.42
C HIS A 69 9.20 25.90 7.06
N ASP A 70 8.95 25.07 6.04
CA ASP A 70 9.66 25.09 4.76
C ASP A 70 8.79 24.62 3.58
N GLN A 71 8.74 25.40 2.50
CA GLN A 71 8.05 25.00 1.26
C GLN A 71 8.80 23.91 0.45
N ARG A 72 9.89 23.33 1.00
CA ARG A 72 10.57 22.15 0.44
C ARG A 72 9.87 20.85 0.82
N THR A 73 9.85 20.48 2.10
CA THR A 73 9.33 19.18 2.58
C THR A 73 7.80 19.00 2.56
N VAL A 74 7.29 17.77 2.61
CA VAL A 74 5.84 17.46 2.61
C VAL A 74 5.39 16.59 3.78
N LEU A 75 4.32 17.01 4.45
CA LEU A 75 3.62 16.22 5.46
C LEU A 75 2.49 15.42 4.79
N ILE A 76 2.36 14.15 5.17
CA ILE A 76 1.24 13.26 4.83
C ILE A 76 0.54 12.93 6.16
N LEU A 77 -0.77 13.17 6.26
CA LEU A 77 -1.56 13.11 7.49
C LEU A 77 -2.64 12.02 7.46
N VAL A 78 -2.86 11.37 8.61
CA VAL A 78 -3.80 10.24 8.77
C VAL A 78 -4.76 10.43 9.95
N ASN A 79 -6.06 10.50 9.64
CA ASN A 79 -7.15 10.56 10.63
C ASN A 79 -7.51 9.15 11.17
N ALA A 80 -8.22 9.06 12.29
CA ALA A 80 -8.62 7.78 12.88
C ALA A 80 -9.51 6.94 11.94
N GLN A 81 -10.42 7.57 11.20
CA GLN A 81 -11.26 6.93 10.18
C GLN A 81 -10.42 6.38 9.03
N GLN A 82 -9.37 7.11 8.61
CA GLN A 82 -8.39 6.65 7.62
C GLN A 82 -7.55 5.46 8.13
N ARG A 83 -7.16 5.45 9.41
CA ARG A 83 -6.48 4.29 10.02
C ARG A 83 -7.36 3.03 9.94
N LYS A 84 -8.65 3.15 10.31
CA LYS A 84 -9.63 2.05 10.21
C LYS A 84 -9.89 1.59 8.78
N LYS A 85 -9.99 2.53 7.82
CA LYS A 85 -10.10 2.23 6.38
C LYS A 85 -8.90 1.45 5.85
N ILE A 86 -7.68 1.90 6.17
CA ILE A 86 -6.43 1.24 5.77
C ILE A 86 -6.32 -0.16 6.40
N GLU A 87 -6.61 -0.30 7.70
CA GLU A 87 -6.63 -1.61 8.39
C GLU A 87 -7.65 -2.59 7.79
N SER A 88 -8.88 -2.14 7.51
CA SER A 88 -9.93 -2.92 6.85
C SER A 88 -9.48 -3.41 5.46
N LEU A 89 -8.95 -2.51 4.63
CA LEU A 89 -8.40 -2.84 3.31
C LEU A 89 -7.28 -3.88 3.42
N LEU A 90 -6.26 -3.63 4.24
CA LEU A 90 -5.11 -4.52 4.35
C LEU A 90 -5.44 -5.89 4.96
N SER A 91 -6.42 -5.97 5.86
CA SER A 91 -6.97 -7.25 6.34
C SER A 91 -7.58 -8.07 5.20
N ARG A 92 -8.41 -7.44 4.36
CA ARG A 92 -9.04 -8.07 3.18
C ARG A 92 -8.01 -8.47 2.13
N VAL A 93 -7.01 -7.62 1.86
CA VAL A 93 -5.88 -7.90 0.94
C VAL A 93 -5.07 -9.09 1.45
N ASN A 94 -4.66 -9.12 2.73
CA ASN A 94 -3.90 -10.25 3.29
C ASN A 94 -4.69 -11.57 3.28
N LYS A 95 -5.99 -11.54 3.57
CA LYS A 95 -6.88 -12.70 3.44
C LYS A 95 -6.95 -13.22 2.00
N ARG A 96 -7.15 -12.33 1.02
CA ARG A 96 -7.17 -12.71 -0.41
C ARG A 96 -5.81 -13.18 -0.93
N ILE A 97 -4.70 -12.61 -0.45
CA ILE A 97 -3.33 -13.10 -0.72
C ILE A 97 -3.15 -14.53 -0.17
N THR A 98 -3.62 -14.81 1.05
CA THR A 98 -3.61 -16.17 1.63
C THR A 98 -4.40 -17.18 0.80
N GLU A 99 -5.61 -16.82 0.38
CA GLU A 99 -6.42 -17.65 -0.54
C GLU A 99 -5.72 -17.86 -1.89
N ALA A 100 -5.16 -16.81 -2.48
CA ALA A 100 -4.42 -16.88 -3.75
C ALA A 100 -3.19 -17.80 -3.65
N ASN A 101 -2.40 -17.67 -2.58
CA ASN A 101 -1.24 -18.53 -2.31
C ASN A 101 -1.64 -20.01 -2.16
N ASN A 102 -2.82 -20.30 -1.61
CA ASN A 102 -3.37 -21.65 -1.59
C ASN A 102 -3.70 -22.20 -3.00
N GLU A 103 -4.13 -21.38 -3.97
CA GLU A 103 -4.29 -21.82 -5.37
C GLU A 103 -2.94 -22.25 -5.95
N ILE A 104 -1.90 -21.45 -5.71
CA ILE A 104 -0.54 -21.66 -6.20
C ILE A 104 0.05 -22.95 -5.63
N GLU A 105 -0.08 -23.15 -4.31
CA GLU A 105 0.32 -24.37 -3.60
C GLU A 105 -0.47 -25.62 -4.02
N LEU A 106 -1.75 -25.47 -4.39
CA LEU A 106 -2.58 -26.55 -4.94
C LEU A 106 -2.14 -26.94 -6.37
N LEU A 107 -1.88 -25.97 -7.24
CA LEU A 107 -1.42 -26.21 -8.62
C LEU A 107 0.01 -26.79 -8.67
N GLU A 108 0.90 -26.32 -7.79
CA GLU A 108 2.30 -26.77 -7.69
C GLU A 108 2.54 -27.90 -6.66
N HIS A 109 1.47 -28.59 -6.22
CA HIS A 109 1.57 -29.81 -5.41
C HIS A 109 2.43 -30.88 -6.12
N HIS A 110 3.11 -31.74 -5.36
CA HIS A 110 4.15 -32.68 -5.85
C HIS A 110 3.70 -33.49 -7.09
N HIS A 111 4.34 -33.23 -8.23
CA HIS A 111 3.93 -33.74 -9.56
C HIS A 111 4.30 -35.22 -9.82
N HIS A 112 5.42 -35.68 -9.25
CA HIS A 112 5.93 -37.07 -9.35
C HIS A 112 6.83 -37.45 -8.16
N HIS A 113 7.13 -38.74 -8.01
CA HIS A 113 8.14 -39.26 -7.06
C HIS A 113 9.56 -38.78 -7.38
N HIS A 114 10.48 -38.89 -6.40
CA HIS A 114 11.90 -38.53 -6.53
C HIS A 114 12.80 -39.41 -5.64
N MET A 1 7.47 -16.25 -5.35
CA MET A 1 6.38 -16.21 -6.38
C MET A 1 5.91 -14.77 -6.61
N ASP A 2 6.01 -14.28 -7.86
CA ASP A 2 5.69 -12.89 -8.26
C ASP A 2 4.26 -12.62 -8.75
N LYS A 3 3.56 -13.65 -9.24
CA LYS A 3 2.21 -13.56 -9.83
C LYS A 3 1.15 -12.95 -8.90
N LEU A 4 1.35 -13.08 -7.58
CA LEU A 4 0.54 -12.40 -6.55
C LEU A 4 0.53 -10.87 -6.68
N LYS A 5 1.65 -10.24 -7.06
CA LYS A 5 1.75 -8.78 -7.23
C LYS A 5 0.89 -8.28 -8.40
N SER A 6 0.90 -9.02 -9.51
CA SER A 6 0.00 -8.80 -10.66
C SER A 6 -1.47 -8.98 -10.27
N LEU A 7 -1.80 -10.03 -9.51
CA LEU A 7 -3.14 -10.25 -8.97
C LEU A 7 -3.62 -9.10 -8.07
N ILE A 8 -2.76 -8.58 -7.17
CA ILE A 8 -3.09 -7.42 -6.33
C ILE A 8 -3.35 -6.17 -7.19
N LYS A 9 -2.53 -5.91 -8.21
CA LYS A 9 -2.72 -4.79 -9.16
C LYS A 9 -4.03 -4.90 -9.94
N LYS A 10 -4.39 -6.11 -10.40
CA LYS A 10 -5.67 -6.39 -11.09
C LYS A 10 -6.91 -6.25 -10.19
N GLU A 11 -6.87 -6.83 -8.99
CA GLU A 11 -8.05 -6.96 -8.11
C GLU A 11 -8.26 -5.79 -7.14
N PHE A 12 -7.18 -5.15 -6.67
CA PHE A 12 -7.20 -4.04 -5.69
C PHE A 12 -6.93 -2.63 -6.22
N SER A 13 -6.58 -2.51 -7.51
CA SER A 13 -6.25 -1.24 -8.19
C SER A 13 -5.07 -0.44 -7.56
N ILE A 14 -4.14 -1.14 -6.89
CA ILE A 14 -2.92 -0.57 -6.28
C ILE A 14 -1.71 -1.45 -6.60
N SER A 15 -0.53 -0.85 -6.74
CA SER A 15 0.73 -1.61 -6.93
C SER A 15 1.15 -2.32 -5.63
N PHE A 16 2.09 -3.26 -5.73
CA PHE A 16 2.73 -3.85 -4.53
C PHE A 16 3.49 -2.85 -3.64
N GLU A 17 4.14 -1.86 -4.26
CA GLU A 17 4.76 -0.73 -3.52
C GLU A 17 3.70 0.11 -2.81
N GLU A 18 2.61 0.48 -3.49
CA GLU A 18 1.49 1.21 -2.87
C GLU A 18 0.87 0.43 -1.71
N PHE A 19 0.73 -0.89 -1.86
CA PHE A 19 0.36 -1.80 -0.76
C PHE A 19 1.33 -1.80 0.43
N ALA A 20 2.63 -1.83 0.18
CA ALA A 20 3.67 -1.69 1.21
C ALA A 20 3.65 -0.29 1.88
N VAL A 21 3.41 0.79 1.14
CA VAL A 21 3.25 2.16 1.69
C VAL A 21 2.02 2.22 2.59
N LEU A 22 0.87 1.70 2.16
CA LEU A 22 -0.34 1.60 2.99
C LEU A 22 -0.06 0.77 4.27
N THR A 23 0.64 -0.36 4.13
CA THR A 23 1.07 -1.18 5.27
C THR A 23 1.94 -0.40 6.25
N TYR A 24 2.94 0.35 5.77
CA TYR A 24 3.72 1.27 6.60
C TYR A 24 2.91 2.27 7.44
N ILE A 25 1.93 2.93 6.81
CA ILE A 25 0.99 3.86 7.50
C ILE A 25 0.16 3.11 8.56
N SER A 26 -0.34 1.91 8.25
CA SER A 26 -1.18 1.11 9.15
C SER A 26 -0.40 0.53 10.35
N GLU A 27 0.85 0.09 10.14
CA GLU A 27 1.71 -0.45 11.20
C GLU A 27 2.14 0.61 12.23
N ASN A 28 2.39 1.84 11.77
CA ASN A 28 2.79 2.96 12.62
C ASN A 28 1.60 3.70 13.28
N LYS A 29 0.44 3.73 12.61
CA LYS A 29 -0.87 4.20 13.11
C LYS A 29 -0.88 5.65 13.65
N GLU A 30 0.04 6.50 13.19
CA GLU A 30 0.05 7.95 13.45
C GLU A 30 -0.92 8.70 12.54
N LYS A 31 -1.25 9.96 12.90
CA LYS A 31 -2.01 10.89 12.03
C LYS A 31 -1.14 11.73 11.09
N GLU A 32 0.17 11.80 11.32
CA GLU A 32 1.12 12.62 10.55
C GLU A 32 2.41 11.86 10.20
N TYR A 33 2.93 12.08 8.99
CA TYR A 33 4.06 11.38 8.38
C TYR A 33 4.96 12.24 7.47
N TYR A 34 6.21 11.83 7.26
CA TYR A 34 7.13 12.41 6.27
C TYR A 34 7.39 11.50 5.07
N LEU A 35 7.45 12.02 3.84
CA LEU A 35 7.76 11.18 2.67
C LEU A 35 9.20 10.63 2.73
N LYS A 36 10.14 11.41 3.28
CA LYS A 36 11.50 10.97 3.61
C LYS A 36 11.52 9.79 4.60
N ASP A 37 10.59 9.73 5.54
CA ASP A 37 10.41 8.56 6.41
C ASP A 37 9.94 7.31 5.67
N ILE A 38 9.07 7.46 4.66
CA ILE A 38 8.71 6.37 3.74
C ILE A 38 9.93 5.88 2.95
N ILE A 39 10.80 6.78 2.44
CA ILE A 39 12.10 6.41 1.84
C ILE A 39 12.98 5.60 2.82
N ASN A 40 13.01 6.00 4.10
CA ASN A 40 13.77 5.28 5.13
C ASN A 40 13.18 3.90 5.49
N HIS A 41 11.85 3.72 5.42
CA HIS A 41 11.18 2.45 5.74
C HIS A 41 11.01 1.48 4.55
N LEU A 42 10.98 2.00 3.32
CA LEU A 42 10.84 1.24 2.07
C LEU A 42 11.91 1.71 1.07
N ASN A 43 12.84 0.83 0.68
CA ASN A 43 14.05 1.14 -0.09
C ASN A 43 13.85 1.53 -1.59
N TYR A 44 12.64 1.95 -1.97
CA TYR A 44 12.34 2.50 -3.29
C TYR A 44 12.98 3.86 -3.61
N LYS A 45 13.21 4.17 -4.89
CA LYS A 45 13.80 5.46 -5.33
C LYS A 45 12.84 6.63 -5.00
N GLN A 46 13.40 7.83 -4.79
CA GLN A 46 12.62 9.04 -4.44
C GLN A 46 11.41 9.30 -5.36
N PRO A 47 11.54 9.37 -6.71
CA PRO A 47 10.38 9.58 -7.59
C PRO A 47 9.37 8.42 -7.55
N GLN A 48 9.80 7.16 -7.37
CA GLN A 48 8.88 6.02 -7.19
C GLN A 48 8.02 6.17 -5.92
N VAL A 49 8.61 6.55 -4.77
CA VAL A 49 7.83 6.80 -3.55
C VAL A 49 6.86 7.98 -3.73
N VAL A 50 7.31 9.07 -4.37
CA VAL A 50 6.46 10.22 -4.70
C VAL A 50 5.32 9.79 -5.62
N LYS A 51 5.57 8.98 -6.65
CA LYS A 51 4.55 8.40 -7.54
C LYS A 51 3.53 7.56 -6.77
N ALA A 52 3.97 6.66 -5.90
CA ALA A 52 3.09 5.84 -5.07
C ALA A 52 2.21 6.70 -4.14
N VAL A 53 2.79 7.66 -3.42
CA VAL A 53 2.07 8.59 -2.53
C VAL A 53 1.11 9.47 -3.33
N LYS A 54 1.52 9.98 -4.49
CA LYS A 54 0.69 10.79 -5.39
C LYS A 54 -0.56 10.03 -5.85
N ILE A 55 -0.41 8.79 -6.31
CA ILE A 55 -1.54 7.93 -6.70
C ILE A 55 -2.44 7.62 -5.49
N LEU A 56 -1.88 7.19 -4.37
CA LEU A 56 -2.67 6.90 -3.16
C LEU A 56 -3.43 8.13 -2.63
N SER A 57 -2.81 9.32 -2.70
CA SER A 57 -3.46 10.57 -2.29
C SER A 57 -4.57 11.00 -3.28
N GLN A 58 -4.36 10.86 -4.58
CA GLN A 58 -5.40 11.06 -5.60
C GLN A 58 -6.56 10.04 -5.48
N GLU A 59 -6.26 8.83 -5.02
CA GLU A 59 -7.24 7.79 -4.63
C GLU A 59 -7.83 7.99 -3.21
N ASP A 60 -7.62 9.17 -2.61
CA ASP A 60 -8.13 9.61 -1.30
C ASP A 60 -7.64 8.90 -0.02
N TYR A 61 -6.66 7.98 -0.12
CA TYR A 61 -6.12 7.24 1.04
C TYR A 61 -5.46 8.10 2.13
N PHE A 62 -4.75 9.14 1.72
CA PHE A 62 -4.15 10.16 2.59
C PHE A 62 -4.05 11.56 1.97
N ASP A 63 -4.06 12.60 2.80
CA ASP A 63 -3.82 13.98 2.37
C ASP A 63 -2.33 14.33 2.44
N LYS A 64 -1.85 15.36 1.74
CA LYS A 64 -0.48 15.87 1.96
C LYS A 64 -0.35 17.38 1.66
N LYS A 65 0.54 18.04 2.43
CA LYS A 65 0.86 19.48 2.34
C LYS A 65 2.37 19.70 2.45
N ARG A 66 2.95 20.62 1.68
CA ARG A 66 4.35 21.05 1.87
C ARG A 66 4.45 21.83 3.19
N ASN A 67 5.49 21.56 3.98
CA ASN A 67 5.63 22.05 5.36
C ASN A 67 5.72 23.60 5.47
N GLU A 68 5.11 24.17 6.51
CA GLU A 68 5.04 25.63 6.69
C GLU A 68 6.42 26.27 6.94
N HIS A 69 7.26 25.63 7.75
CA HIS A 69 8.61 26.14 8.12
C HIS A 69 9.66 25.95 7.02
N ASP A 70 9.41 25.07 6.05
CA ASP A 70 10.27 24.84 4.88
C ASP A 70 9.42 24.23 3.74
N GLN A 71 9.20 24.96 2.65
CA GLN A 71 8.28 24.46 1.61
C GLN A 71 8.89 23.28 0.81
N ARG A 72 10.18 22.95 1.00
CA ARG A 72 10.84 21.79 0.37
C ARG A 72 10.25 20.45 0.87
N THR A 73 10.14 20.21 2.17
CA THR A 73 9.60 18.95 2.74
C THR A 73 8.07 18.80 2.76
N VAL A 74 7.55 17.57 2.79
CA VAL A 74 6.10 17.25 2.81
C VAL A 74 5.58 16.54 4.07
N LEU A 75 4.44 17.01 4.57
CA LEU A 75 3.65 16.37 5.61
C LEU A 75 2.54 15.55 4.95
N ILE A 76 2.57 14.23 5.14
CA ILE A 76 1.47 13.33 4.77
C ILE A 76 0.57 13.21 6.01
N LEU A 77 -0.74 13.31 5.81
CA LEU A 77 -1.74 13.44 6.88
C LEU A 77 -2.89 12.44 6.72
N VAL A 78 -3.36 11.91 7.85
CA VAL A 78 -4.37 10.83 7.92
C VAL A 78 -5.55 11.17 8.84
N ASN A 79 -6.73 11.37 8.26
CA ASN A 79 -8.00 11.52 8.99
C ASN A 79 -8.43 10.17 9.60
N ALA A 80 -9.23 10.17 10.67
CA ALA A 80 -9.77 8.94 11.28
C ALA A 80 -10.54 8.04 10.27
N GLN A 81 -11.30 8.65 9.35
CA GLN A 81 -11.99 7.95 8.25
C GLN A 81 -11.00 7.25 7.31
N GLN A 82 -9.91 7.93 6.96
CA GLN A 82 -8.81 7.36 6.17
C GLN A 82 -8.11 6.22 6.91
N ARG A 83 -7.82 6.39 8.21
CA ARG A 83 -7.13 5.38 9.04
C ARG A 83 -7.88 4.05 9.07
N LYS A 84 -9.20 4.08 9.33
CA LYS A 84 -10.02 2.84 9.33
C LYS A 84 -10.25 2.26 7.93
N LYS A 85 -10.33 3.10 6.88
CA LYS A 85 -10.37 2.61 5.48
C LYS A 85 -9.07 1.92 5.03
N ILE A 86 -7.91 2.45 5.43
CA ILE A 86 -6.60 1.80 5.22
C ILE A 86 -6.56 0.43 5.92
N GLU A 87 -6.95 0.37 7.20
CA GLU A 87 -7.02 -0.88 7.97
C GLU A 87 -7.96 -1.93 7.36
N SER A 88 -9.17 -1.51 6.95
CA SER A 88 -10.16 -2.36 6.28
C SER A 88 -9.63 -2.91 4.95
N LEU A 89 -9.06 -2.05 4.09
CA LEU A 89 -8.42 -2.44 2.83
C LEU A 89 -7.32 -3.47 3.07
N LEU A 90 -6.38 -3.21 3.99
CA LEU A 90 -5.26 -4.10 4.27
C LEU A 90 -5.71 -5.44 4.88
N SER A 91 -6.74 -5.46 5.72
CA SER A 91 -7.34 -6.71 6.23
C SER A 91 -7.91 -7.56 5.09
N ARG A 92 -8.67 -6.94 4.17
CA ARG A 92 -9.23 -7.59 2.97
C ARG A 92 -8.16 -8.09 2.01
N VAL A 93 -7.10 -7.31 1.78
CA VAL A 93 -5.93 -7.71 0.96
C VAL A 93 -5.21 -8.88 1.62
N ASN A 94 -4.93 -8.86 2.92
CA ASN A 94 -4.27 -9.99 3.61
C ASN A 94 -5.09 -11.28 3.57
N LYS A 95 -6.41 -11.20 3.81
CA LYS A 95 -7.34 -12.35 3.65
C LYS A 95 -7.32 -12.90 2.23
N ARG A 96 -7.42 -12.01 1.22
CA ARG A 96 -7.38 -12.37 -0.20
C ARG A 96 -6.02 -12.91 -0.64
N ILE A 97 -4.90 -12.46 -0.07
CA ILE A 97 -3.56 -13.03 -0.33
C ILE A 97 -3.51 -14.52 0.06
N THR A 98 -4.06 -14.90 1.21
CA THR A 98 -4.20 -16.31 1.60
C THR A 98 -4.99 -17.15 0.60
N GLU A 99 -6.17 -16.69 0.19
CA GLU A 99 -6.98 -17.35 -0.84
C GLU A 99 -6.28 -17.40 -2.21
N ALA A 100 -5.62 -16.31 -2.62
CA ALA A 100 -4.89 -16.19 -3.88
C ALA A 100 -3.68 -17.14 -3.94
N ASN A 101 -2.89 -17.24 -2.87
CA ASN A 101 -1.78 -18.19 -2.79
C ASN A 101 -2.25 -19.64 -2.97
N ASN A 102 -3.37 -20.01 -2.33
CA ASN A 102 -3.99 -21.33 -2.51
C ASN A 102 -4.51 -21.56 -3.93
N GLU A 103 -5.29 -20.62 -4.50
CA GLU A 103 -5.85 -20.80 -5.86
C GLU A 103 -4.75 -20.81 -6.94
N ILE A 104 -3.66 -20.06 -6.76
CA ILE A 104 -2.48 -20.08 -7.63
C ILE A 104 -1.82 -21.46 -7.64
N GLU A 105 -1.53 -22.01 -6.46
CA GLU A 105 -0.96 -23.34 -6.32
C GLU A 105 -1.86 -24.43 -6.93
N LEU A 106 -3.16 -24.35 -6.69
CA LEU A 106 -4.16 -25.28 -7.27
C LEU A 106 -4.22 -25.17 -8.80
N LEU A 107 -4.12 -23.96 -9.36
CA LEU A 107 -4.12 -23.70 -10.80
C LEU A 107 -2.84 -24.16 -11.50
N GLU A 108 -1.67 -23.78 -10.97
CA GLU A 108 -0.36 -24.04 -11.59
C GLU A 108 0.13 -25.49 -11.39
N HIS A 109 -0.24 -26.13 -10.28
CA HIS A 109 0.18 -27.48 -9.88
C HIS A 109 -1.03 -28.42 -9.64
N HIS A 110 -1.88 -28.55 -10.67
CA HIS A 110 -3.16 -29.29 -10.68
C HIS A 110 -3.03 -30.83 -10.62
N HIS A 111 -2.28 -31.37 -9.65
CA HIS A 111 -2.06 -32.82 -9.47
C HIS A 111 -3.35 -33.56 -9.09
N HIS A 112 -3.56 -34.76 -9.65
CA HIS A 112 -4.80 -35.56 -9.46
C HIS A 112 -4.82 -36.44 -8.19
N HIS A 113 -3.64 -36.76 -7.62
CA HIS A 113 -3.50 -37.59 -6.42
C HIS A 113 -4.00 -36.90 -5.13
N HIS A 114 -4.36 -37.71 -4.13
CA HIS A 114 -4.82 -37.29 -2.79
C HIS A 114 -5.99 -36.28 -2.83
N MET A 1 4.90 -16.29 -6.01
CA MET A 1 4.86 -16.15 -7.50
C MET A 1 4.40 -14.74 -7.91
N ASP A 2 5.04 -14.14 -8.92
CA ASP A 2 4.84 -12.71 -9.28
C ASP A 2 3.42 -12.29 -9.68
N LYS A 3 2.60 -13.22 -10.19
CA LYS A 3 1.19 -13.01 -10.55
C LYS A 3 0.31 -12.48 -9.41
N LEU A 4 0.74 -12.66 -8.15
CA LEU A 4 0.07 -12.08 -6.96
C LEU A 4 0.03 -10.54 -7.02
N LYS A 5 1.09 -9.89 -7.53
CA LYS A 5 1.14 -8.42 -7.69
C LYS A 5 0.15 -7.94 -8.75
N SER A 6 0.03 -8.68 -9.86
CA SER A 6 -0.96 -8.44 -10.92
C SER A 6 -2.40 -8.62 -10.39
N LEU A 7 -2.66 -9.67 -9.61
CA LEU A 7 -3.95 -9.88 -8.93
C LEU A 7 -4.31 -8.70 -8.01
N ILE A 8 -3.36 -8.23 -7.19
CA ILE A 8 -3.58 -7.05 -6.32
C ILE A 8 -3.88 -5.80 -7.15
N LYS A 9 -3.14 -5.54 -8.23
CA LYS A 9 -3.40 -4.42 -9.16
C LYS A 9 -4.80 -4.49 -9.80
N LYS A 10 -5.25 -5.69 -10.22
CA LYS A 10 -6.56 -5.93 -10.83
C LYS A 10 -7.73 -5.74 -9.85
N GLU A 11 -7.67 -6.35 -8.66
CA GLU A 11 -8.79 -6.38 -7.72
C GLU A 11 -8.81 -5.23 -6.69
N PHE A 12 -7.65 -4.71 -6.28
CA PHE A 12 -7.51 -3.70 -5.23
C PHE A 12 -7.32 -2.23 -5.66
N SER A 13 -7.25 -1.99 -6.98
CA SER A 13 -7.10 -0.66 -7.61
C SER A 13 -5.85 0.14 -7.19
N ILE A 14 -4.83 -0.54 -6.63
CA ILE A 14 -3.53 0.01 -6.21
C ILE A 14 -2.42 -0.97 -6.64
N SER A 15 -1.22 -0.47 -6.91
CA SER A 15 -0.06 -1.30 -7.21
C SER A 15 0.49 -2.00 -5.96
N PHE A 16 1.36 -3.01 -6.14
CA PHE A 16 2.10 -3.61 -5.03
C PHE A 16 3.05 -2.63 -4.30
N GLU A 17 3.67 -1.71 -5.06
CA GLU A 17 4.44 -0.56 -4.57
C GLU A 17 3.60 0.36 -3.67
N GLU A 18 2.39 0.73 -4.11
CA GLU A 18 1.44 1.50 -3.31
C GLU A 18 0.94 0.74 -2.07
N PHE A 19 0.65 -0.55 -2.20
CA PHE A 19 0.38 -1.43 -1.07
C PHE A 19 1.50 -1.53 -0.02
N ALA A 20 2.76 -1.52 -0.45
CA ALA A 20 3.92 -1.45 0.44
C ALA A 20 3.97 -0.12 1.23
N VAL A 21 3.60 1.02 0.62
CA VAL A 21 3.46 2.30 1.35
C VAL A 21 2.38 2.22 2.44
N LEU A 22 1.21 1.63 2.14
CA LEU A 22 0.16 1.41 3.15
C LEU A 22 0.62 0.44 4.25
N THR A 23 1.36 -0.61 3.89
CA THR A 23 2.00 -1.51 4.86
C THR A 23 2.98 -0.79 5.79
N TYR A 24 3.90 0.01 5.24
CA TYR A 24 4.78 0.90 6.01
C TYR A 24 4.07 1.84 7.00
N ILE A 25 3.02 2.51 6.53
CA ILE A 25 2.17 3.40 7.34
C ILE A 25 1.42 2.64 8.44
N SER A 26 0.96 1.41 8.19
CA SER A 26 0.32 0.58 9.21
C SER A 26 1.31 0.04 10.24
N GLU A 27 2.50 -0.41 9.82
CA GLU A 27 3.54 -0.94 10.72
C GLU A 27 4.07 0.11 11.71
N ASN A 28 4.15 1.37 11.27
CA ASN A 28 4.57 2.50 12.12
C ASN A 28 3.42 3.13 12.94
N LYS A 29 2.18 3.08 12.42
CA LYS A 29 0.92 3.46 13.08
C LYS A 29 0.89 4.92 13.62
N GLU A 30 1.68 5.82 13.04
CA GLU A 30 1.67 7.26 13.36
C GLU A 30 0.53 7.99 12.65
N LYS A 31 0.23 9.24 13.05
CA LYS A 31 -0.73 10.12 12.34
C LYS A 31 -0.09 11.00 11.26
N GLU A 32 1.24 11.16 11.30
CA GLU A 32 1.99 12.10 10.45
C GLU A 32 3.26 11.44 9.88
N TYR A 33 3.52 11.66 8.58
CA TYR A 33 4.60 11.03 7.81
C TYR A 33 5.40 11.98 6.91
N TYR A 34 6.70 11.71 6.72
CA TYR A 34 7.56 12.37 5.74
C TYR A 34 7.80 11.59 4.46
N LEU A 35 7.73 12.20 3.27
CA LEU A 35 7.93 11.51 2.00
C LEU A 35 9.38 10.99 1.87
N LYS A 36 10.38 11.75 2.37
CA LYS A 36 11.77 11.26 2.49
C LYS A 36 11.88 10.03 3.38
N ASP A 37 11.13 9.94 4.47
CA ASP A 37 11.06 8.72 5.29
C ASP A 37 10.38 7.51 4.65
N ILE A 38 9.35 7.71 3.84
CA ILE A 38 8.78 6.63 3.02
C ILE A 38 9.88 6.11 2.05
N ILE A 39 10.64 7.01 1.41
CA ILE A 39 11.79 6.64 0.57
C ILE A 39 12.90 5.92 1.36
N ASN A 40 13.19 6.37 2.58
CA ASN A 40 14.19 5.72 3.46
C ASN A 40 13.80 4.27 3.80
N HIS A 41 12.50 4.00 4.04
CA HIS A 41 12.01 2.64 4.38
C HIS A 41 11.65 1.77 3.16
N LEU A 42 11.32 2.38 2.01
CA LEU A 42 10.96 1.72 0.74
C LEU A 42 11.81 2.34 -0.38
N ASN A 43 12.90 1.65 -0.73
CA ASN A 43 13.98 2.09 -1.62
C ASN A 43 13.64 2.34 -3.11
N TYR A 44 12.38 2.55 -3.48
CA TYR A 44 11.98 3.00 -4.82
C TYR A 44 12.52 4.44 -5.04
N LYS A 45 12.67 4.86 -6.30
CA LYS A 45 13.11 6.23 -6.66
C LYS A 45 12.13 7.29 -6.19
N GLN A 46 12.60 8.51 -5.89
CA GLN A 46 11.74 9.57 -5.35
C GLN A 46 10.52 9.90 -6.24
N PRO A 47 10.64 10.08 -7.57
CA PRO A 47 9.47 10.24 -8.44
C PRO A 47 8.46 9.08 -8.36
N GLN A 48 8.93 7.84 -8.18
CA GLN A 48 8.05 6.67 -7.98
C GLN A 48 7.28 6.74 -6.66
N VAL A 49 7.95 7.06 -5.54
CA VAL A 49 7.23 7.28 -4.27
C VAL A 49 6.27 8.48 -4.31
N VAL A 50 6.64 9.58 -5.00
CA VAL A 50 5.73 10.70 -5.24
C VAL A 50 4.51 10.25 -6.06
N LYS A 51 4.70 9.49 -7.15
CA LYS A 51 3.60 8.86 -7.92
C LYS A 51 2.68 8.02 -7.01
N ALA A 52 3.25 7.13 -6.19
CA ALA A 52 2.48 6.31 -5.27
C ALA A 52 1.65 7.16 -4.30
N VAL A 53 2.27 8.17 -3.66
CA VAL A 53 1.60 9.09 -2.73
C VAL A 53 0.52 9.89 -3.46
N LYS A 54 0.79 10.41 -4.67
CA LYS A 54 -0.16 11.16 -5.51
C LYS A 54 -1.41 10.34 -5.81
N ILE A 55 -1.23 9.11 -6.30
CA ILE A 55 -2.33 8.19 -6.63
C ILE A 55 -3.10 7.78 -5.38
N LEU A 56 -2.43 7.38 -4.29
CA LEU A 56 -3.07 7.00 -3.03
C LEU A 56 -3.84 8.15 -2.38
N SER A 57 -3.33 9.39 -2.46
CA SER A 57 -4.02 10.59 -1.98
C SER A 57 -5.24 10.93 -2.83
N GLN A 58 -5.17 10.78 -4.16
CA GLN A 58 -6.33 10.87 -5.06
C GLN A 58 -7.39 9.79 -4.79
N GLU A 59 -6.97 8.59 -4.39
CA GLU A 59 -7.80 7.48 -3.88
C GLU A 59 -8.19 7.65 -2.40
N ASP A 60 -8.01 8.84 -1.83
CA ASP A 60 -8.40 9.24 -0.47
C ASP A 60 -7.71 8.56 0.73
N TYR A 61 -6.70 7.69 0.49
CA TYR A 61 -6.00 6.95 1.55
C TYR A 61 -5.26 7.76 2.60
N PHE A 62 -4.74 8.93 2.19
CA PHE A 62 -4.13 9.94 3.06
C PHE A 62 -4.21 11.38 2.55
N ASP A 63 -4.23 12.35 3.44
CA ASP A 63 -4.08 13.77 3.11
C ASP A 63 -2.59 14.16 3.00
N LYS A 64 -2.25 15.28 2.35
CA LYS A 64 -0.88 15.82 2.37
C LYS A 64 -0.83 17.35 2.27
N LYS A 65 0.19 17.96 2.88
CA LYS A 65 0.45 19.42 2.91
C LYS A 65 1.95 19.72 2.93
N ARG A 66 2.42 20.71 2.17
CA ARG A 66 3.81 21.19 2.31
C ARG A 66 3.90 22.07 3.57
N ASN A 67 5.00 21.95 4.33
CA ASN A 67 5.13 22.53 5.68
C ASN A 67 4.97 24.07 5.72
N GLU A 68 4.41 24.60 6.82
CA GLU A 68 4.15 26.04 6.98
C GLU A 68 5.44 26.86 7.05
N HIS A 69 6.43 26.42 7.84
CA HIS A 69 7.74 27.09 7.95
C HIS A 69 8.53 27.09 6.63
N ASP A 70 8.40 26.01 5.85
CA ASP A 70 9.16 25.80 4.62
C ASP A 70 8.32 25.11 3.52
N GLN A 71 8.02 25.83 2.43
CA GLN A 71 7.11 25.31 1.41
C GLN A 71 7.73 24.17 0.57
N ARG A 72 9.01 23.79 0.82
CA ARG A 72 9.71 22.66 0.21
C ARG A 72 9.26 21.30 0.77
N THR A 73 9.40 21.03 2.08
CA THR A 73 9.14 19.71 2.68
C THR A 73 7.66 19.34 2.85
N VAL A 74 7.30 18.04 2.79
CA VAL A 74 5.90 17.56 2.85
C VAL A 74 5.54 16.70 4.06
N LEU A 75 4.35 16.95 4.59
CA LEU A 75 3.69 16.14 5.60
C LEU A 75 2.57 15.35 4.93
N ILE A 76 2.51 14.04 5.20
CA ILE A 76 1.40 13.15 4.82
C ILE A 76 0.64 12.81 6.10
N LEU A 77 -0.68 13.00 6.12
CA LEU A 77 -1.54 12.94 7.30
C LEU A 77 -2.59 11.83 7.20
N VAL A 78 -2.81 11.13 8.32
CA VAL A 78 -3.80 10.04 8.45
C VAL A 78 -4.94 10.40 9.40
N ASN A 79 -6.13 10.68 8.84
CA ASN A 79 -7.38 10.86 9.60
C ASN A 79 -7.90 9.52 10.16
N ALA A 80 -8.83 9.54 11.13
CA ALA A 80 -9.39 8.33 11.73
C ALA A 80 -10.11 7.43 10.71
N GLN A 81 -10.87 8.01 9.78
CA GLN A 81 -11.51 7.27 8.67
C GLN A 81 -10.46 6.64 7.74
N GLN A 82 -9.35 7.35 7.49
CA GLN A 82 -8.22 6.83 6.69
C GLN A 82 -7.47 5.68 7.38
N ARG A 83 -7.31 5.71 8.70
CA ARG A 83 -6.77 4.56 9.46
C ARG A 83 -7.65 3.32 9.24
N LYS A 84 -8.98 3.47 9.37
CA LYS A 84 -9.95 2.39 9.13
C LYS A 84 -9.93 1.89 7.68
N LYS A 85 -9.78 2.78 6.70
CA LYS A 85 -9.62 2.41 5.27
C LYS A 85 -8.34 1.61 5.02
N ILE A 86 -7.20 2.04 5.57
CA ILE A 86 -5.90 1.35 5.45
C ILE A 86 -5.95 -0.03 6.14
N GLU A 87 -6.49 -0.11 7.35
CA GLU A 87 -6.68 -1.39 8.07
C GLU A 87 -7.61 -2.35 7.32
N SER A 88 -8.75 -1.85 6.80
CA SER A 88 -9.69 -2.62 5.98
C SER A 88 -9.03 -3.15 4.70
N LEU A 89 -8.29 -2.30 3.98
CA LEU A 89 -7.52 -2.68 2.79
C LEU A 89 -6.49 -3.76 3.09
N LEU A 90 -5.65 -3.59 4.12
CA LEU A 90 -4.66 -4.59 4.54
C LEU A 90 -5.32 -5.92 4.95
N SER A 91 -6.41 -5.88 5.71
CA SER A 91 -7.15 -7.09 6.14
C SER A 91 -7.71 -7.85 4.92
N ARG A 92 -8.35 -7.14 4.00
CA ARG A 92 -8.91 -7.72 2.75
C ARG A 92 -7.83 -8.27 1.82
N VAL A 93 -6.71 -7.57 1.62
CA VAL A 93 -5.58 -8.05 0.82
C VAL A 93 -4.99 -9.31 1.46
N ASN A 94 -4.76 -9.34 2.78
CA ASN A 94 -4.27 -10.55 3.46
C ASN A 94 -5.22 -11.75 3.33
N LYS A 95 -6.54 -11.54 3.52
CA LYS A 95 -7.57 -12.56 3.29
C LYS A 95 -7.56 -13.07 1.85
N ARG A 96 -7.47 -12.18 0.86
CA ARG A 96 -7.43 -12.55 -0.57
C ARG A 96 -6.13 -13.28 -0.91
N ILE A 97 -4.98 -12.96 -0.31
CA ILE A 97 -3.74 -13.73 -0.47
C ILE A 97 -3.92 -15.18 0.02
N THR A 98 -4.54 -15.37 1.19
CA THR A 98 -4.95 -16.70 1.66
C THR A 98 -5.89 -17.44 0.71
N GLU A 99 -6.98 -16.80 0.27
CA GLU A 99 -7.91 -17.41 -0.69
C GLU A 99 -7.30 -17.68 -2.08
N ALA A 100 -6.37 -16.85 -2.56
CA ALA A 100 -5.60 -17.10 -3.78
C ALA A 100 -4.76 -18.39 -3.65
N ASN A 101 -4.07 -18.57 -2.52
CA ASN A 101 -3.36 -19.82 -2.21
C ASN A 101 -4.32 -21.02 -2.11
N ASN A 102 -5.54 -20.83 -1.60
CA ASN A 102 -6.57 -21.87 -1.60
C ASN A 102 -6.97 -22.32 -3.02
N GLU A 103 -7.10 -21.42 -4.00
CA GLU A 103 -7.37 -21.81 -5.40
C GLU A 103 -6.26 -22.70 -5.97
N ILE A 104 -5.01 -22.38 -5.64
CA ILE A 104 -3.79 -23.07 -6.08
C ILE A 104 -3.66 -24.49 -5.48
N GLU A 105 -3.96 -24.62 -4.19
CA GLU A 105 -4.06 -25.91 -3.50
C GLU A 105 -5.26 -26.77 -3.97
N LEU A 106 -6.40 -26.14 -4.28
CA LEU A 106 -7.64 -26.75 -4.78
C LEU A 106 -7.46 -27.28 -6.21
N LEU A 107 -7.25 -26.36 -7.16
CA LEU A 107 -6.90 -26.58 -8.57
C LEU A 107 -7.92 -27.36 -9.43
N GLU A 108 -9.16 -27.52 -8.97
CA GLU A 108 -10.27 -28.25 -9.64
C GLU A 108 -10.83 -27.60 -10.93
N HIS A 109 -10.08 -26.66 -11.53
CA HIS A 109 -10.42 -25.85 -12.72
C HIS A 109 -10.83 -26.59 -14.02
N HIS A 110 -10.64 -27.92 -14.09
CA HIS A 110 -11.00 -28.78 -15.24
C HIS A 110 -12.50 -28.77 -15.56
N HIS A 111 -12.85 -29.26 -16.76
CA HIS A 111 -14.26 -29.50 -17.18
C HIS A 111 -14.96 -30.55 -16.31
N HIS A 112 -16.29 -30.65 -16.43
CA HIS A 112 -17.13 -31.69 -15.80
C HIS A 112 -16.82 -33.11 -16.35
N HIS A 113 -17.29 -34.16 -15.66
CA HIS A 113 -17.19 -35.56 -16.11
C HIS A 113 -18.11 -35.86 -17.33
N HIS A 114 -17.87 -36.99 -17.99
CA HIS A 114 -18.74 -37.54 -19.04
C HIS A 114 -20.17 -37.84 -18.52
N MET A 1 5.70 -15.42 -6.51
CA MET A 1 5.78 -15.13 -7.98
C MET A 1 5.29 -13.71 -8.28
N ASP A 2 5.91 -13.03 -9.26
CA ASP A 2 5.64 -11.62 -9.60
C ASP A 2 4.19 -11.27 -10.01
N LYS A 3 3.47 -12.25 -10.57
CA LYS A 3 2.03 -12.14 -10.93
C LYS A 3 1.13 -11.73 -9.77
N LEU A 4 1.54 -11.99 -8.52
CA LEU A 4 0.81 -11.56 -7.32
C LEU A 4 0.67 -10.03 -7.22
N LYS A 5 1.66 -9.25 -7.70
CA LYS A 5 1.56 -7.78 -7.78
C LYS A 5 0.46 -7.32 -8.75
N SER A 6 0.39 -7.96 -9.91
CA SER A 6 -0.66 -7.73 -10.91
C SER A 6 -2.05 -8.09 -10.36
N LEU A 7 -2.17 -9.23 -9.66
CA LEU A 7 -3.40 -9.62 -8.97
C LEU A 7 -3.81 -8.60 -7.90
N ILE A 8 -2.88 -8.11 -7.06
CA ILE A 8 -3.17 -7.06 -6.07
C ILE A 8 -3.67 -5.78 -6.76
N LYS A 9 -3.06 -5.36 -7.87
CA LYS A 9 -3.49 -4.18 -8.64
C LYS A 9 -4.89 -4.36 -9.22
N LYS A 10 -5.18 -5.52 -9.81
CA LYS A 10 -6.51 -5.92 -10.32
C LYS A 10 -7.59 -5.90 -9.23
N GLU A 11 -7.30 -6.51 -8.08
CA GLU A 11 -8.24 -6.69 -6.97
C GLU A 11 -8.47 -5.43 -6.12
N PHE A 12 -7.43 -4.61 -5.93
CA PHE A 12 -7.43 -3.48 -4.97
C PHE A 12 -7.23 -2.06 -5.54
N SER A 13 -7.05 -1.94 -6.87
CA SER A 13 -6.83 -0.68 -7.60
C SER A 13 -5.58 0.13 -7.18
N ILE A 14 -4.61 -0.53 -6.53
CA ILE A 14 -3.34 0.05 -6.07
C ILE A 14 -2.20 -0.96 -6.32
N SER A 15 -0.99 -0.48 -6.57
CA SER A 15 0.19 -1.35 -6.76
C SER A 15 0.59 -2.05 -5.45
N PHE A 16 1.40 -3.11 -5.54
CA PHE A 16 2.01 -3.71 -4.35
C PHE A 16 2.89 -2.76 -3.51
N GLU A 17 3.64 -1.88 -4.18
CA GLU A 17 4.47 -0.84 -3.57
C GLU A 17 3.61 0.24 -2.88
N GLU A 18 2.50 0.67 -3.50
CA GLU A 18 1.51 1.53 -2.85
C GLU A 18 0.89 0.83 -1.62
N PHE A 19 0.54 -0.45 -1.74
CA PHE A 19 0.15 -1.28 -0.60
C PHE A 19 1.19 -1.38 0.52
N ALA A 20 2.49 -1.43 0.19
CA ALA A 20 3.58 -1.38 1.16
C ALA A 20 3.66 -0.02 1.88
N VAL A 21 3.41 1.11 1.19
CA VAL A 21 3.28 2.44 1.84
C VAL A 21 2.12 2.42 2.85
N LEU A 22 0.96 1.89 2.48
CA LEU A 22 -0.16 1.73 3.41
C LEU A 22 0.13 0.75 4.56
N THR A 23 0.92 -0.30 4.31
CA THR A 23 1.39 -1.23 5.36
C THR A 23 2.29 -0.51 6.35
N TYR A 24 3.27 0.27 5.89
CA TYR A 24 4.08 1.16 6.73
C TYR A 24 3.28 2.10 7.64
N ILE A 25 2.27 2.77 7.07
CA ILE A 25 1.33 3.64 7.80
C ILE A 25 0.46 2.83 8.78
N SER A 26 -0.02 1.64 8.40
CA SER A 26 -0.83 0.76 9.25
C SER A 26 -0.05 0.22 10.46
N GLU A 27 1.26 -0.01 10.33
CA GLU A 27 2.13 -0.42 11.44
C GLU A 27 2.44 0.71 12.42
N ASN A 28 2.59 1.94 11.92
CA ASN A 28 2.98 3.11 12.72
C ASN A 28 1.80 3.85 13.39
N LYS A 29 0.62 3.86 12.74
CA LYS A 29 -0.66 4.39 13.27
C LYS A 29 -0.65 5.87 13.70
N GLU A 30 0.28 6.67 13.16
CA GLU A 30 0.39 8.12 13.45
C GLU A 30 -0.63 8.95 12.65
N LYS A 31 -0.93 10.17 13.12
CA LYS A 31 -1.76 11.15 12.40
C LYS A 31 -1.02 11.88 11.27
N GLU A 32 0.31 11.94 11.35
CA GLU A 32 1.17 12.74 10.47
C GLU A 32 2.43 11.95 10.02
N TYR A 33 2.82 12.12 8.75
CA TYR A 33 3.95 11.44 8.11
C TYR A 33 4.83 12.32 7.23
N TYR A 34 6.14 12.05 7.19
CA TYR A 34 7.09 12.65 6.24
C TYR A 34 7.39 11.79 5.01
N LEU A 35 7.41 12.36 3.81
CA LEU A 35 7.67 11.61 2.58
C LEU A 35 9.11 11.06 2.55
N LYS A 36 10.09 11.80 3.09
CA LYS A 36 11.45 11.29 3.30
C LYS A 36 11.49 10.09 4.25
N ASP A 37 10.67 10.06 5.30
CA ASP A 37 10.53 8.87 6.15
C ASP A 37 9.89 7.64 5.50
N ILE A 38 8.93 7.84 4.59
CA ILE A 38 8.42 6.74 3.76
C ILE A 38 9.56 6.19 2.88
N ILE A 39 10.37 7.06 2.27
CA ILE A 39 11.58 6.68 1.52
C ILE A 39 12.62 5.97 2.42
N ASN A 40 12.82 6.44 3.66
CA ASN A 40 13.72 5.78 4.62
C ASN A 40 13.27 4.36 4.98
N HIS A 41 11.95 4.11 5.08
CA HIS A 41 11.40 2.78 5.39
C HIS A 41 11.17 1.87 4.16
N LEU A 42 11.02 2.44 2.97
CA LEU A 42 10.79 1.75 1.70
C LEU A 42 11.72 2.31 0.62
N ASN A 43 12.76 1.54 0.28
CA ASN A 43 13.91 1.94 -0.56
C ASN A 43 13.63 2.20 -2.07
N TYR A 44 12.38 2.47 -2.45
CA TYR A 44 11.99 2.90 -3.80
C TYR A 44 12.57 4.33 -4.02
N LYS A 45 12.78 4.71 -5.29
CA LYS A 45 13.25 6.06 -5.67
C LYS A 45 12.24 7.13 -5.27
N GLN A 46 12.68 8.37 -5.02
CA GLN A 46 11.77 9.45 -4.62
C GLN A 46 10.62 9.70 -5.62
N PRO A 47 10.82 9.74 -6.96
CA PRO A 47 9.72 9.81 -7.93
C PRO A 47 8.70 8.65 -7.83
N GLN A 48 9.16 7.42 -7.56
CA GLN A 48 8.27 6.26 -7.33
C GLN A 48 7.39 6.48 -6.09
N VAL A 49 7.95 6.93 -4.97
CA VAL A 49 7.18 7.25 -3.76
C VAL A 49 6.24 8.45 -3.92
N VAL A 50 6.66 9.51 -4.62
CA VAL A 50 5.78 10.67 -4.94
C VAL A 50 4.60 10.20 -5.82
N LYS A 51 4.84 9.37 -6.85
CA LYS A 51 3.77 8.79 -7.68
C LYS A 51 2.81 7.90 -6.86
N ALA A 52 3.36 7.06 -5.98
CA ALA A 52 2.57 6.24 -5.06
C ALA A 52 1.69 7.10 -4.12
N VAL A 53 2.26 8.15 -3.52
CA VAL A 53 1.53 9.09 -2.65
C VAL A 53 0.44 9.81 -3.44
N LYS A 54 0.71 10.26 -4.67
CA LYS A 54 -0.29 10.90 -5.54
C LYS A 54 -1.49 9.98 -5.81
N ILE A 55 -1.24 8.74 -6.27
CA ILE A 55 -2.31 7.77 -6.52
C ILE A 55 -3.09 7.42 -5.24
N LEU A 56 -2.39 7.15 -4.13
CA LEU A 56 -3.04 6.84 -2.84
C LEU A 56 -3.88 8.02 -2.31
N SER A 57 -3.43 9.26 -2.48
CA SER A 57 -4.20 10.45 -2.10
C SER A 57 -5.43 10.66 -3.01
N GLN A 58 -5.33 10.40 -4.32
CA GLN A 58 -6.47 10.37 -5.23
C GLN A 58 -7.50 9.27 -4.89
N GLU A 59 -7.02 8.12 -4.40
CA GLU A 59 -7.82 7.04 -3.81
C GLU A 59 -8.24 7.28 -2.35
N ASP A 60 -8.14 8.53 -1.88
CA ASP A 60 -8.59 9.02 -0.57
C ASP A 60 -7.90 8.46 0.70
N TYR A 61 -6.84 7.66 0.55
CA TYR A 61 -6.12 7.04 1.68
C TYR A 61 -5.46 8.01 2.67
N PHE A 62 -5.00 9.16 2.17
CA PHE A 62 -4.42 10.26 2.94
C PHE A 62 -4.49 11.65 2.30
N ASP A 63 -4.52 12.70 3.12
CA ASP A 63 -4.36 14.09 2.67
C ASP A 63 -2.87 14.49 2.68
N LYS A 64 -2.48 15.59 2.01
CA LYS A 64 -1.09 16.08 2.00
C LYS A 64 -0.97 17.60 1.77
N LYS A 65 0.11 18.21 2.29
CA LYS A 65 0.45 19.63 2.11
C LYS A 65 1.96 19.87 2.23
N ARG A 66 2.50 20.84 1.49
CA ARG A 66 3.90 21.29 1.70
C ARG A 66 3.97 22.10 3.00
N ASN A 67 5.06 21.90 3.75
CA ASN A 67 5.28 22.37 5.12
C ASN A 67 5.36 23.92 5.25
N GLU A 68 4.62 24.51 6.19
CA GLU A 68 4.62 25.96 6.41
C GLU A 68 5.96 26.51 6.95
N HIS A 69 6.74 25.68 7.67
CA HIS A 69 8.03 26.08 8.25
C HIS A 69 9.16 26.15 7.19
N ASP A 70 9.05 25.32 6.15
CA ASP A 70 9.89 25.32 4.94
C ASP A 70 9.11 24.70 3.77
N GLN A 71 8.81 25.49 2.73
CA GLN A 71 7.89 25.05 1.66
C GLN A 71 8.49 23.90 0.82
N ARG A 72 9.79 23.62 0.94
CA ARG A 72 10.44 22.43 0.37
C ARG A 72 9.88 21.11 0.92
N THR A 73 9.86 20.86 2.24
CA THR A 73 9.36 19.58 2.81
C THR A 73 7.84 19.37 2.76
N VAL A 74 7.35 18.13 2.88
CA VAL A 74 5.92 17.76 2.85
C VAL A 74 5.41 17.00 4.08
N LEU A 75 4.14 17.23 4.43
CA LEU A 75 3.40 16.47 5.44
C LEU A 75 2.29 15.68 4.75
N ILE A 76 2.16 14.41 5.10
CA ILE A 76 1.05 13.51 4.74
C ILE A 76 0.20 13.29 6.00
N LEU A 77 -1.12 13.41 5.89
CA LEU A 77 -2.06 13.45 7.01
C LEU A 77 -3.07 12.28 6.93
N VAL A 78 -3.30 11.63 8.07
CA VAL A 78 -4.21 10.47 8.21
C VAL A 78 -5.29 10.69 9.28
N ASN A 79 -6.54 10.82 8.84
CA ASN A 79 -7.72 10.93 9.71
C ASN A 79 -8.14 9.57 10.28
N ALA A 80 -8.98 9.55 11.33
CA ALA A 80 -9.43 8.30 11.96
C ALA A 80 -10.17 7.36 10.98
N GLN A 81 -11.06 7.89 10.14
CA GLN A 81 -11.75 7.09 9.11
C GLN A 81 -10.80 6.57 8.02
N GLN A 82 -9.73 7.31 7.69
CA GLN A 82 -8.65 6.84 6.82
C GLN A 82 -7.84 5.69 7.47
N ARG A 83 -7.58 5.74 8.79
CA ARG A 83 -7.00 4.59 9.52
C ARG A 83 -7.92 3.36 9.45
N LYS A 84 -9.24 3.53 9.60
CA LYS A 84 -10.21 2.41 9.45
C LYS A 84 -10.14 1.80 8.04
N LYS A 85 -10.09 2.64 7.00
CA LYS A 85 -9.93 2.20 5.59
C LYS A 85 -8.62 1.41 5.39
N ILE A 86 -7.51 1.92 5.92
CA ILE A 86 -6.18 1.30 5.84
C ILE A 86 -6.14 -0.05 6.58
N GLU A 87 -6.59 -0.13 7.85
CA GLU A 87 -6.59 -1.39 8.61
C GLU A 87 -7.55 -2.44 8.03
N SER A 88 -8.72 -2.01 7.53
CA SER A 88 -9.67 -2.86 6.78
C SER A 88 -9.03 -3.43 5.51
N LEU A 89 -8.36 -2.58 4.71
CA LEU A 89 -7.59 -3.02 3.55
C LEU A 89 -6.48 -4.02 3.92
N LEU A 90 -5.69 -3.74 4.96
CA LEU A 90 -4.60 -4.62 5.39
C LEU A 90 -5.11 -6.03 5.71
N SER A 91 -6.27 -6.15 6.38
CA SER A 91 -6.93 -7.45 6.61
C SER A 91 -7.36 -8.10 5.29
N ARG A 92 -8.10 -7.38 4.44
CA ARG A 92 -8.65 -7.89 3.17
C ARG A 92 -7.58 -8.33 2.17
N VAL A 93 -6.50 -7.56 2.02
CA VAL A 93 -5.37 -7.88 1.12
C VAL A 93 -4.65 -9.14 1.62
N ASN A 94 -4.34 -9.24 2.92
CA ASN A 94 -3.72 -10.47 3.46
C ASN A 94 -4.59 -11.72 3.26
N LYS A 95 -5.90 -11.63 3.53
CA LYS A 95 -6.86 -12.71 3.27
C LYS A 95 -6.93 -13.09 1.79
N ARG A 96 -7.01 -12.11 0.88
CA ARG A 96 -7.05 -12.34 -0.57
C ARG A 96 -5.73 -12.90 -1.12
N ILE A 97 -4.57 -12.54 -0.55
CA ILE A 97 -3.27 -13.16 -0.88
C ILE A 97 -3.27 -14.66 -0.50
N THR A 98 -3.81 -15.04 0.66
CA THR A 98 -4.02 -16.45 1.02
C THR A 98 -4.91 -17.21 0.03
N GLU A 99 -6.06 -16.63 -0.33
CA GLU A 99 -6.91 -17.20 -1.40
C GLU A 99 -6.18 -17.32 -2.74
N ALA A 100 -5.45 -16.29 -3.16
CA ALA A 100 -4.73 -16.26 -4.44
C ALA A 100 -3.67 -17.37 -4.52
N ASN A 101 -2.91 -17.61 -3.44
CA ASN A 101 -1.97 -18.72 -3.37
C ASN A 101 -2.67 -20.10 -3.49
N ASN A 102 -3.78 -20.29 -2.78
CA ASN A 102 -4.57 -21.51 -2.82
C ASN A 102 -5.23 -21.77 -4.19
N GLU A 103 -5.86 -20.76 -4.80
CA GLU A 103 -6.53 -20.93 -6.09
C GLU A 103 -5.52 -21.11 -7.24
N ILE A 104 -4.32 -20.51 -7.16
CA ILE A 104 -3.20 -20.78 -8.08
C ILE A 104 -2.78 -22.25 -8.03
N GLU A 105 -2.54 -22.77 -6.83
CA GLU A 105 -2.20 -24.18 -6.59
C GLU A 105 -3.30 -25.12 -7.09
N LEU A 106 -4.57 -24.82 -6.80
CA LEU A 106 -5.71 -25.63 -7.26
C LEU A 106 -5.82 -25.68 -8.80
N LEU A 107 -5.52 -24.57 -9.50
CA LEU A 107 -5.43 -24.53 -10.96
C LEU A 107 -4.24 -25.34 -11.48
N GLU A 108 -3.07 -25.28 -10.84
CA GLU A 108 -1.88 -26.07 -11.19
C GLU A 108 -2.06 -27.58 -10.95
N HIS A 109 -2.84 -27.98 -9.92
CA HIS A 109 -3.16 -29.39 -9.60
C HIS A 109 -4.14 -30.06 -10.58
N HIS A 110 -4.72 -29.30 -11.53
CA HIS A 110 -5.64 -29.82 -12.57
C HIS A 110 -4.97 -30.88 -13.46
N HIS A 111 -5.75 -31.83 -13.98
CA HIS A 111 -5.24 -33.00 -14.75
C HIS A 111 -4.48 -32.61 -16.04
N HIS A 112 -3.34 -33.25 -16.30
CA HIS A 112 -2.47 -33.07 -17.48
C HIS A 112 -1.75 -34.36 -17.89
N HIS A 113 -1.12 -34.37 -19.06
CA HIS A 113 -0.26 -35.48 -19.55
C HIS A 113 0.99 -35.68 -18.66
N HIS A 114 1.67 -36.81 -18.82
CA HIS A 114 2.98 -37.08 -18.22
C HIS A 114 4.04 -36.06 -18.67
N MET A 1 5.96 -13.48 -7.60
CA MET A 1 5.76 -13.28 -9.07
C MET A 1 4.80 -12.12 -9.35
N ASP A 2 4.95 -11.44 -10.50
CA ASP A 2 4.16 -10.25 -10.88
C ASP A 2 2.64 -10.45 -11.01
N LYS A 3 2.18 -11.68 -11.25
CA LYS A 3 0.75 -12.05 -11.29
C LYS A 3 0.01 -11.68 -10.00
N LEU A 4 0.67 -11.81 -8.84
CA LEU A 4 0.10 -11.40 -7.54
C LEU A 4 -0.03 -9.87 -7.42
N LYS A 5 0.97 -9.11 -7.88
CA LYS A 5 0.91 -7.64 -7.92
C LYS A 5 -0.22 -7.15 -8.85
N SER A 6 -0.35 -7.77 -10.01
CA SER A 6 -1.44 -7.52 -10.97
C SER A 6 -2.81 -7.83 -10.38
N LEU A 7 -2.95 -8.98 -9.69
CA LEU A 7 -4.17 -9.35 -8.96
C LEU A 7 -4.55 -8.34 -7.87
N ILE A 8 -3.58 -7.86 -7.07
CA ILE A 8 -3.82 -6.81 -6.07
C ILE A 8 -4.27 -5.50 -6.76
N LYS A 9 -3.63 -5.08 -7.85
CA LYS A 9 -4.04 -3.90 -8.63
C LYS A 9 -5.46 -4.01 -9.19
N LYS A 10 -5.83 -5.18 -9.73
CA LYS A 10 -7.19 -5.50 -10.23
C LYS A 10 -8.26 -5.46 -9.12
N GLU A 11 -7.99 -6.11 -7.99
CA GLU A 11 -8.98 -6.32 -6.92
C GLU A 11 -9.08 -5.16 -5.91
N PHE A 12 -8.00 -4.39 -5.72
CA PHE A 12 -7.88 -3.36 -4.67
C PHE A 12 -7.59 -1.91 -5.12
N SER A 13 -7.43 -1.70 -6.43
CA SER A 13 -7.16 -0.38 -7.05
C SER A 13 -5.87 0.33 -6.60
N ILE A 14 -4.91 -0.44 -6.04
CA ILE A 14 -3.59 0.03 -5.58
C ILE A 14 -2.50 -0.94 -6.03
N SER A 15 -1.27 -0.47 -6.24
CA SER A 15 -0.12 -1.34 -6.51
C SER A 15 0.32 -2.10 -5.25
N PHE A 16 1.12 -3.16 -5.41
CA PHE A 16 1.78 -3.81 -4.27
C PHE A 16 2.70 -2.91 -3.43
N GLU A 17 3.43 -2.02 -4.10
CA GLU A 17 4.28 -1.00 -3.49
C GLU A 17 3.46 0.04 -2.71
N GLU A 18 2.33 0.51 -3.25
CA GLU A 18 1.35 1.32 -2.51
C GLU A 18 0.79 0.57 -1.30
N PHE A 19 0.46 -0.72 -1.46
CA PHE A 19 0.13 -1.61 -0.34
C PHE A 19 1.20 -1.70 0.75
N ALA A 20 2.48 -1.76 0.38
CA ALA A 20 3.60 -1.68 1.31
C ALA A 20 3.68 -0.32 2.02
N VAL A 21 3.42 0.80 1.33
CA VAL A 21 3.34 2.14 1.97
C VAL A 21 2.21 2.18 3.01
N LEU A 22 1.03 1.65 2.69
CA LEU A 22 -0.07 1.51 3.66
C LEU A 22 0.31 0.58 4.83
N THR A 23 1.01 -0.52 4.56
CA THR A 23 1.55 -1.41 5.60
C THR A 23 2.50 -0.69 6.55
N TYR A 24 3.48 0.05 6.03
CA TYR A 24 4.33 0.95 6.82
C TYR A 24 3.59 1.93 7.75
N ILE A 25 2.57 2.60 7.20
CA ILE A 25 1.70 3.52 7.94
C ILE A 25 0.87 2.80 9.01
N SER A 26 0.40 1.58 8.75
CA SER A 26 -0.34 0.77 9.75
C SER A 26 0.56 0.21 10.86
N GLU A 27 1.77 -0.24 10.54
CA GLU A 27 2.74 -0.73 11.53
C GLU A 27 3.18 0.34 12.53
N ASN A 28 3.27 1.60 12.08
CA ASN A 28 3.62 2.75 12.92
C ASN A 28 2.41 3.46 13.57
N LYS A 29 1.26 3.47 12.87
CA LYS A 29 -0.06 4.01 13.30
C LYS A 29 -0.03 5.39 13.98
N GLU A 30 0.85 6.28 13.50
CA GLU A 30 0.89 7.70 13.87
C GLU A 30 -0.16 8.53 13.11
N LYS A 31 -0.46 9.75 13.58
CA LYS A 31 -1.34 10.71 12.89
C LYS A 31 -0.67 11.44 11.72
N GLU A 32 0.67 11.52 11.73
CA GLU A 32 1.46 12.36 10.81
C GLU A 32 2.71 11.62 10.29
N TYR A 33 3.03 11.81 9.01
CA TYR A 33 4.14 11.18 8.28
C TYR A 33 4.91 12.11 7.34
N TYR A 34 6.18 11.79 7.07
CA TYR A 34 7.01 12.43 6.04
C TYR A 34 7.30 11.56 4.81
N LEU A 35 7.33 12.11 3.60
CA LEU A 35 7.64 11.31 2.40
C LEU A 35 9.09 10.81 2.41
N LYS A 36 10.04 11.60 2.92
CA LYS A 36 11.42 11.17 3.18
C LYS A 36 11.48 10.00 4.18
N ASP A 37 10.58 9.95 5.17
CA ASP A 37 10.46 8.80 6.07
C ASP A 37 9.95 7.53 5.40
N ILE A 38 8.98 7.65 4.49
CA ILE A 38 8.55 6.54 3.61
C ILE A 38 9.73 6.06 2.75
N ILE A 39 10.51 6.98 2.14
CA ILE A 39 11.73 6.66 1.37
C ILE A 39 12.77 5.90 2.22
N ASN A 40 12.94 6.27 3.50
CA ASN A 40 13.84 5.56 4.42
C ASN A 40 13.33 4.15 4.78
N HIS A 41 12.02 3.96 4.95
CA HIS A 41 11.43 2.65 5.28
C HIS A 41 11.19 1.72 4.08
N LEU A 42 11.03 2.27 2.87
CA LEU A 42 10.77 1.56 1.61
C LEU A 42 11.65 2.15 0.50
N ASN A 43 12.65 1.38 0.05
CA ASN A 43 13.74 1.81 -0.85
C ASN A 43 13.35 2.14 -2.31
N TYR A 44 12.08 2.41 -2.61
CA TYR A 44 11.61 2.84 -3.94
C TYR A 44 12.16 4.27 -4.20
N LYS A 45 12.40 4.61 -5.48
CA LYS A 45 13.00 5.90 -5.89
C LYS A 45 12.04 7.08 -5.60
N GLN A 46 12.59 8.27 -5.34
CA GLN A 46 11.84 9.48 -4.94
C GLN A 46 10.60 9.78 -5.82
N PRO A 47 10.67 9.78 -7.18
CA PRO A 47 9.48 9.99 -8.02
C PRO A 47 8.40 8.90 -7.86
N GLN A 48 8.81 7.63 -7.70
CA GLN A 48 7.86 6.53 -7.48
C GLN A 48 7.17 6.60 -6.11
N VAL A 49 7.86 7.05 -5.05
CA VAL A 49 7.19 7.33 -3.76
C VAL A 49 6.20 8.50 -3.87
N VAL A 50 6.56 9.59 -4.58
CA VAL A 50 5.62 10.70 -4.86
C VAL A 50 4.41 10.17 -5.63
N LYS A 51 4.59 9.35 -6.69
CA LYS A 51 3.49 8.73 -7.43
C LYS A 51 2.60 7.87 -6.52
N ALA A 52 3.20 6.98 -5.72
CA ALA A 52 2.47 6.12 -4.78
C ALA A 52 1.63 6.94 -3.78
N VAL A 53 2.23 7.97 -3.15
CA VAL A 53 1.55 8.86 -2.20
C VAL A 53 0.44 9.65 -2.91
N LYS A 54 0.69 10.17 -4.12
CA LYS A 54 -0.30 10.94 -4.89
C LYS A 54 -1.53 10.07 -5.22
N ILE A 55 -1.32 8.87 -5.74
CA ILE A 55 -2.43 7.94 -6.06
C ILE A 55 -3.16 7.49 -4.79
N LEU A 56 -2.46 7.14 -3.71
CA LEU A 56 -3.11 6.77 -2.43
C LEU A 56 -3.93 7.93 -1.84
N SER A 57 -3.44 9.18 -1.94
CA SER A 57 -4.19 10.36 -1.51
C SER A 57 -5.41 10.64 -2.40
N GLN A 58 -5.30 10.45 -3.73
CA GLN A 58 -6.44 10.49 -4.66
C GLN A 58 -7.50 9.40 -4.37
N GLU A 59 -7.06 8.22 -3.94
CA GLU A 59 -7.89 7.12 -3.41
C GLU A 59 -8.33 7.33 -1.94
N ASP A 60 -8.18 8.55 -1.42
CA ASP A 60 -8.61 8.99 -0.09
C ASP A 60 -7.93 8.35 1.14
N TYR A 61 -6.90 7.51 0.97
CA TYR A 61 -6.21 6.83 2.07
C TYR A 61 -5.52 7.72 3.10
N PHE A 62 -5.03 8.87 2.67
CA PHE A 62 -4.45 9.94 3.50
C PHE A 62 -4.56 11.35 2.93
N ASP A 63 -4.59 12.36 3.79
CA ASP A 63 -4.49 13.77 3.40
C ASP A 63 -3.01 14.16 3.21
N LYS A 64 -2.72 15.22 2.45
CA LYS A 64 -1.34 15.64 2.13
C LYS A 64 -1.20 17.17 1.99
N LYS A 65 -0.11 17.74 2.50
CA LYS A 65 0.25 19.17 2.34
C LYS A 65 1.77 19.41 2.45
N ARG A 66 2.32 20.38 1.71
CA ARG A 66 3.73 20.82 1.89
C ARG A 66 3.82 21.76 3.12
N ASN A 67 4.95 21.73 3.82
CA ASN A 67 5.15 22.39 5.12
C ASN A 67 5.09 23.94 5.06
N GLU A 68 4.87 24.58 6.21
CA GLU A 68 4.75 26.05 6.33
C GLU A 68 6.11 26.77 6.38
N HIS A 69 7.02 26.32 7.25
CA HIS A 69 8.37 26.93 7.41
C HIS A 69 9.18 26.85 6.11
N ASP A 70 9.11 25.70 5.43
CA ASP A 70 9.74 25.44 4.14
C ASP A 70 8.70 24.89 3.17
N GLN A 71 8.56 25.50 1.99
CA GLN A 71 7.56 25.07 1.00
C GLN A 71 7.96 23.73 0.32
N ARG A 72 9.12 23.17 0.69
CA ARG A 72 9.78 21.99 0.10
C ARG A 72 9.22 20.68 0.65
N THR A 73 9.42 20.41 1.94
CA THR A 73 9.06 19.13 2.58
C THR A 73 7.56 18.86 2.71
N VAL A 74 7.14 17.59 2.70
CA VAL A 74 5.71 17.18 2.68
C VAL A 74 5.24 16.40 3.90
N LEU A 75 4.12 16.83 4.49
CA LEU A 75 3.39 16.11 5.52
C LEU A 75 2.25 15.30 4.88
N ILE A 76 2.12 14.06 5.35
CA ILE A 76 1.03 13.13 5.02
C ILE A 76 0.26 12.88 6.33
N LEU A 77 -1.05 13.09 6.34
CA LEU A 77 -1.90 13.10 7.53
C LEU A 77 -2.96 12.00 7.48
N VAL A 78 -3.19 11.36 8.63
CA VAL A 78 -4.15 10.24 8.78
C VAL A 78 -5.29 10.57 9.75
N ASN A 79 -6.49 10.76 9.21
CA ASN A 79 -7.73 10.95 9.97
C ASN A 79 -8.24 9.62 10.57
N ALA A 80 -9.16 9.68 11.54
CA ALA A 80 -9.69 8.49 12.22
C ALA A 80 -10.40 7.51 11.26
N GLN A 81 -11.18 8.01 10.29
CA GLN A 81 -11.81 7.17 9.26
C GLN A 81 -10.78 6.55 8.30
N GLN A 82 -9.70 7.28 7.98
CA GLN A 82 -8.57 6.77 7.19
C GLN A 82 -7.80 5.65 7.90
N ARG A 83 -7.60 5.74 9.22
CA ARG A 83 -7.02 4.66 10.04
C ARG A 83 -7.85 3.37 9.94
N LYS A 84 -9.19 3.48 10.00
CA LYS A 84 -10.12 2.34 9.78
C LYS A 84 -10.03 1.77 8.36
N LYS A 85 -10.04 2.65 7.34
CA LYS A 85 -9.92 2.26 5.91
C LYS A 85 -8.62 1.49 5.64
N ILE A 86 -7.50 1.97 6.18
CA ILE A 86 -6.17 1.34 6.03
C ILE A 86 -6.16 -0.06 6.67
N GLU A 87 -6.59 -0.21 7.92
CA GLU A 87 -6.62 -1.54 8.58
C GLU A 87 -7.58 -2.53 7.88
N SER A 88 -8.75 -2.05 7.44
CA SER A 88 -9.71 -2.84 6.65
C SER A 88 -9.11 -3.32 5.32
N LEU A 89 -8.50 -2.41 4.55
CA LEU A 89 -7.79 -2.71 3.30
C LEU A 89 -6.70 -3.75 3.51
N LEU A 90 -5.81 -3.53 4.49
CA LEU A 90 -4.66 -4.42 4.73
C LEU A 90 -5.10 -5.82 5.17
N SER A 91 -6.14 -5.94 6.00
CA SER A 91 -6.73 -7.24 6.36
C SER A 91 -7.26 -7.98 5.13
N ARG A 92 -8.07 -7.30 4.30
CA ARG A 92 -8.66 -7.88 3.07
C ARG A 92 -7.62 -8.28 2.04
N VAL A 93 -6.58 -7.46 1.83
CA VAL A 93 -5.46 -7.81 0.93
C VAL A 93 -4.66 -8.99 1.47
N ASN A 94 -4.37 -9.05 2.79
CA ASN A 94 -3.68 -10.22 3.36
C ASN A 94 -4.47 -11.53 3.20
N LYS A 95 -5.80 -11.51 3.45
CA LYS A 95 -6.69 -12.65 3.17
C LYS A 95 -6.69 -13.04 1.69
N ARG A 96 -6.85 -12.06 0.78
CA ARG A 96 -6.80 -12.30 -0.67
C ARG A 96 -5.43 -12.73 -1.21
N ILE A 97 -4.31 -12.37 -0.59
CA ILE A 97 -2.99 -12.93 -0.93
C ILE A 97 -2.95 -14.44 -0.68
N THR A 98 -3.40 -14.89 0.51
CA THR A 98 -3.54 -16.33 0.83
C THR A 98 -4.47 -17.09 -0.12
N GLU A 99 -5.68 -16.56 -0.36
CA GLU A 99 -6.62 -17.15 -1.30
C GLU A 99 -6.12 -17.14 -2.75
N ALA A 100 -5.45 -16.08 -3.20
CA ALA A 100 -4.83 -16.00 -4.52
C ALA A 100 -3.73 -17.04 -4.73
N ASN A 101 -2.84 -17.21 -3.74
CA ASN A 101 -1.80 -18.25 -3.80
C ASN A 101 -2.41 -19.66 -3.92
N ASN A 102 -3.46 -19.95 -3.14
CA ASN A 102 -4.19 -21.22 -3.23
C ASN A 102 -4.93 -21.42 -4.56
N GLU A 103 -5.74 -20.45 -5.00
CA GLU A 103 -6.55 -20.58 -6.22
C GLU A 103 -5.67 -20.67 -7.48
N ILE A 104 -4.52 -19.97 -7.52
CA ILE A 104 -3.52 -20.10 -8.58
C ILE A 104 -2.96 -21.52 -8.67
N GLU A 105 -2.50 -22.07 -7.55
CA GLU A 105 -1.95 -23.43 -7.44
C GLU A 105 -2.97 -24.52 -7.81
N LEU A 106 -4.27 -24.30 -7.55
CA LEU A 106 -5.35 -25.17 -8.01
C LEU A 106 -5.58 -25.04 -9.52
N LEU A 107 -5.70 -23.81 -10.06
CA LEU A 107 -6.02 -23.55 -11.46
C LEU A 107 -4.90 -23.97 -12.43
N GLU A 108 -3.63 -23.84 -12.05
CA GLU A 108 -2.48 -24.20 -12.91
C GLU A 108 -2.21 -25.71 -13.01
N HIS A 109 -2.91 -26.55 -12.23
CA HIS A 109 -2.68 -28.00 -12.10
C HIS A 109 -3.19 -28.82 -13.32
N HIS A 110 -2.81 -28.43 -14.53
CA HIS A 110 -3.18 -29.11 -15.79
C HIS A 110 -2.49 -30.48 -15.96
N HIS A 111 -1.30 -30.66 -15.38
CA HIS A 111 -0.54 -31.92 -15.36
C HIS A 111 -1.18 -32.99 -14.45
N HIS A 112 -0.99 -34.27 -14.79
CA HIS A 112 -1.57 -35.43 -14.06
C HIS A 112 -0.89 -35.74 -12.71
N HIS A 113 0.43 -35.53 -12.63
CA HIS A 113 1.25 -35.87 -11.44
C HIS A 113 0.91 -35.03 -10.19
N HIS A 114 1.05 -35.64 -9.01
CA HIS A 114 0.94 -35.03 -7.66
C HIS A 114 -0.20 -33.98 -7.51
N MET A 1 6.46 -13.98 -6.24
CA MET A 1 6.34 -14.12 -7.72
C MET A 1 5.39 -13.06 -8.30
N ASP A 2 5.66 -12.52 -9.50
CA ASP A 2 4.94 -11.37 -10.07
C ASP A 2 3.42 -11.52 -10.26
N LYS A 3 2.92 -12.75 -10.43
CA LYS A 3 1.47 -13.05 -10.50
C LYS A 3 0.69 -12.58 -9.28
N LEU A 4 1.31 -12.54 -8.09
CA LEU A 4 0.70 -11.98 -6.88
C LEU A 4 0.51 -10.46 -6.96
N LYS A 5 1.51 -9.74 -7.49
CA LYS A 5 1.44 -8.27 -7.70
C LYS A 5 0.38 -7.92 -8.76
N SER A 6 0.32 -8.71 -9.84
CA SER A 6 -0.74 -8.62 -10.85
C SER A 6 -2.14 -8.87 -10.26
N LEU A 7 -2.30 -9.91 -9.44
CA LEU A 7 -3.55 -10.21 -8.72
C LEU A 7 -3.96 -9.08 -7.77
N ILE A 8 -3.03 -8.48 -7.03
CA ILE A 8 -3.30 -7.33 -6.15
C ILE A 8 -3.81 -6.13 -6.98
N LYS A 9 -3.15 -5.80 -8.10
CA LYS A 9 -3.59 -4.74 -9.01
C LYS A 9 -4.98 -5.00 -9.60
N LYS A 10 -5.23 -6.23 -10.07
CA LYS A 10 -6.52 -6.70 -10.61
C LYS A 10 -7.65 -6.58 -9.57
N GLU A 11 -7.45 -7.11 -8.36
CA GLU A 11 -8.47 -7.15 -7.31
C GLU A 11 -8.73 -5.80 -6.61
N PHE A 12 -7.70 -4.95 -6.46
CA PHE A 12 -7.75 -3.73 -5.64
C PHE A 12 -7.60 -2.37 -6.32
N SER A 13 -7.22 -2.34 -7.60
CA SER A 13 -6.93 -1.11 -8.37
C SER A 13 -5.81 -0.23 -7.76
N ILE A 14 -4.87 -0.84 -7.05
CA ILE A 14 -3.66 -0.21 -6.46
C ILE A 14 -2.42 -0.98 -6.92
N SER A 15 -1.27 -0.31 -6.99
CA SER A 15 0.02 -0.96 -7.25
C SER A 15 0.52 -1.75 -6.03
N PHE A 16 1.49 -2.65 -6.22
CA PHE A 16 2.17 -3.32 -5.12
C PHE A 16 2.93 -2.38 -4.15
N GLU A 17 3.62 -1.36 -4.70
CA GLU A 17 4.26 -0.32 -3.91
C GLU A 17 3.25 0.57 -3.17
N GLU A 18 2.10 0.92 -3.76
CA GLU A 18 1.00 1.59 -3.02
C GLU A 18 0.51 0.72 -1.85
N PHE A 19 0.32 -0.58 -2.08
CA PHE A 19 0.05 -1.56 -1.02
C PHE A 19 1.10 -1.62 0.10
N ALA A 20 2.38 -1.58 -0.25
CA ALA A 20 3.49 -1.49 0.71
C ALA A 20 3.49 -0.17 1.49
N VAL A 21 3.23 0.98 0.86
CA VAL A 21 3.14 2.29 1.52
C VAL A 21 1.96 2.30 2.51
N LEU A 22 0.80 1.77 2.11
CA LEU A 22 -0.36 1.60 3.00
C LEU A 22 0.00 0.69 4.19
N THR A 23 0.68 -0.44 3.94
CA THR A 23 1.15 -1.35 4.99
C THR A 23 2.11 -0.66 5.97
N TYR A 24 3.11 0.06 5.49
CA TYR A 24 3.99 0.89 6.33
C TYR A 24 3.28 1.88 7.27
N ILE A 25 2.31 2.63 6.72
CA ILE A 25 1.47 3.56 7.48
C ILE A 25 0.57 2.83 8.49
N SER A 26 -0.01 1.68 8.12
CA SER A 26 -0.87 0.88 9.00
C SER A 26 -0.09 0.25 10.17
N GLU A 27 1.12 -0.25 9.93
CA GLU A 27 1.98 -0.86 10.96
C GLU A 27 2.47 0.15 12.01
N ASN A 28 2.76 1.38 11.58
CA ASN A 28 3.23 2.47 12.46
C ASN A 28 2.10 3.23 13.17
N LYS A 29 0.93 3.37 12.52
CA LYS A 29 -0.32 3.92 13.07
C LYS A 29 -0.18 5.33 13.69
N GLU A 30 0.74 6.15 13.18
CA GLU A 30 0.93 7.55 13.57
C GLU A 30 -0.08 8.49 12.89
N LYS A 31 -0.31 9.68 13.49
CA LYS A 31 -1.18 10.73 12.93
C LYS A 31 -0.59 11.42 11.68
N GLU A 32 0.74 11.46 11.56
CA GLU A 32 1.44 12.11 10.46
C GLU A 32 2.82 11.49 10.13
N TYR A 33 3.26 11.68 8.88
CA TYR A 33 4.44 11.06 8.25
C TYR A 33 5.19 11.99 7.28
N TYR A 34 6.50 11.78 7.13
CA TYR A 34 7.33 12.42 6.09
C TYR A 34 7.54 11.55 4.85
N LEU A 35 7.47 12.09 3.63
CA LEU A 35 7.63 11.27 2.43
C LEU A 35 9.06 10.70 2.31
N LYS A 36 10.08 11.44 2.76
CA LYS A 36 11.44 10.90 2.85
C LYS A 36 11.54 9.70 3.81
N ASP A 37 10.80 9.71 4.92
CA ASP A 37 10.68 8.51 5.77
C ASP A 37 9.99 7.30 5.14
N ILE A 38 9.00 7.54 4.28
CA ILE A 38 8.42 6.46 3.45
C ILE A 38 9.51 5.89 2.55
N ILE A 39 10.31 6.73 1.88
CA ILE A 39 11.47 6.30 1.07
C ILE A 39 12.52 5.55 1.93
N ASN A 40 12.80 6.02 3.14
CA ASN A 40 13.75 5.36 4.06
C ASN A 40 13.28 3.94 4.46
N HIS A 41 11.96 3.72 4.62
CA HIS A 41 11.38 2.40 4.90
C HIS A 41 11.12 1.53 3.65
N LEU A 42 10.92 2.15 2.48
CA LEU A 42 10.56 1.52 1.21
C LEU A 42 11.38 2.15 0.07
N ASN A 43 12.46 1.48 -0.35
CA ASN A 43 13.50 1.96 -1.27
C ASN A 43 13.11 2.25 -2.75
N TYR A 44 11.83 2.45 -3.06
CA TYR A 44 11.36 2.86 -4.39
C TYR A 44 11.88 4.29 -4.69
N LYS A 45 11.94 4.66 -5.98
CA LYS A 45 12.46 5.97 -6.43
C LYS A 45 11.63 7.15 -5.91
N GLN A 46 12.25 8.33 -5.73
CA GLN A 46 11.62 9.54 -5.20
C GLN A 46 10.35 9.97 -5.99
N PRO A 47 10.35 10.05 -7.34
CA PRO A 47 9.13 10.34 -8.11
C PRO A 47 8.06 9.25 -7.98
N GLN A 48 8.45 7.97 -7.87
CA GLN A 48 7.51 6.85 -7.73
C GLN A 48 6.79 6.86 -6.37
N VAL A 49 7.48 7.16 -5.27
CA VAL A 49 6.81 7.36 -3.96
C VAL A 49 5.88 8.57 -3.98
N VAL A 50 6.28 9.69 -4.60
CA VAL A 50 5.39 10.86 -4.80
C VAL A 50 4.15 10.44 -5.59
N LYS A 51 4.29 9.73 -6.71
CA LYS A 51 3.15 9.24 -7.52
C LYS A 51 2.22 8.32 -6.71
N ALA A 52 2.78 7.35 -6.00
CA ALA A 52 2.02 6.43 -5.13
C ALA A 52 1.23 7.18 -4.04
N VAL A 53 1.89 8.12 -3.33
CA VAL A 53 1.27 8.95 -2.28
C VAL A 53 0.18 9.81 -2.91
N LYS A 54 0.46 10.51 -4.02
CA LYS A 54 -0.50 11.40 -4.70
C LYS A 54 -1.77 10.64 -5.14
N ILE A 55 -1.61 9.47 -5.74
CA ILE A 55 -2.75 8.62 -6.14
C ILE A 55 -3.56 8.15 -4.93
N LEU A 56 -2.91 7.68 -3.86
CA LEU A 56 -3.61 7.27 -2.63
C LEU A 56 -4.32 8.45 -1.94
N SER A 57 -3.76 9.66 -1.98
CA SER A 57 -4.46 10.89 -1.53
C SER A 57 -5.64 11.28 -2.43
N GLN A 58 -5.54 11.13 -3.75
CA GLN A 58 -6.66 11.30 -4.69
C GLN A 58 -7.80 10.28 -4.44
N GLU A 59 -7.45 9.06 -4.04
CA GLU A 59 -8.37 8.01 -3.56
C GLU A 59 -8.77 8.17 -2.07
N ASP A 60 -8.48 9.32 -1.45
CA ASP A 60 -8.83 9.68 -0.08
C ASP A 60 -8.21 8.87 1.08
N TYR A 61 -7.29 7.94 0.80
CA TYR A 61 -6.64 7.11 1.82
C TYR A 61 -5.82 7.82 2.90
N PHE A 62 -5.19 8.94 2.53
CA PHE A 62 -4.52 9.86 3.44
C PHE A 62 -4.45 11.32 2.97
N ASP A 63 -4.50 12.26 3.90
CA ASP A 63 -4.32 13.69 3.61
C ASP A 63 -2.86 14.08 3.37
N LYS A 64 -2.58 15.22 2.73
CA LYS A 64 -1.22 15.76 2.59
C LYS A 64 -1.18 17.29 2.50
N LYS A 65 -0.09 17.88 3.03
CA LYS A 65 0.26 19.32 2.94
C LYS A 65 1.77 19.50 2.80
N ARG A 66 2.23 20.48 2.02
CA ARG A 66 3.66 20.86 2.02
C ARG A 66 3.93 21.64 3.32
N ASN A 67 5.05 21.38 3.99
CA ASN A 67 5.34 21.86 5.34
C ASN A 67 5.20 23.40 5.48
N GLU A 68 4.40 23.83 6.45
CA GLU A 68 4.12 25.26 6.70
C GLU A 68 5.37 26.04 7.16
N HIS A 69 6.42 25.32 7.61
CA HIS A 69 7.72 25.86 8.04
C HIS A 69 8.80 25.84 6.94
N ASP A 70 8.62 25.06 5.85
CA ASP A 70 9.60 24.97 4.76
C ASP A 70 8.86 24.45 3.50
N GLN A 71 8.85 25.24 2.42
CA GLN A 71 8.09 24.90 1.21
C GLN A 71 8.76 23.82 0.32
N ARG A 72 9.71 23.02 0.84
CA ARG A 72 10.24 21.83 0.15
C ARG A 72 9.65 20.55 0.71
N THR A 73 9.72 20.33 2.02
CA THR A 73 9.28 19.08 2.65
C THR A 73 7.77 18.84 2.71
N VAL A 74 7.29 17.59 2.79
CA VAL A 74 5.85 17.25 2.82
C VAL A 74 5.40 16.46 4.06
N LEU A 75 4.23 16.81 4.58
CA LEU A 75 3.53 16.06 5.63
C LEU A 75 2.37 15.29 5.02
N ILE A 76 2.30 13.99 5.31
CA ILE A 76 1.17 13.10 5.01
C ILE A 76 0.45 12.84 6.33
N LEU A 77 -0.87 12.92 6.37
CA LEU A 77 -1.68 12.91 7.59
C LEU A 77 -2.84 11.91 7.53
N VAL A 78 -3.21 11.33 8.67
CA VAL A 78 -4.20 10.25 8.78
C VAL A 78 -5.31 10.54 9.79
N ASN A 79 -6.53 10.77 9.32
CA ASN A 79 -7.75 10.86 10.13
C ASN A 79 -8.15 9.47 10.66
N ALA A 80 -8.93 9.40 11.75
CA ALA A 80 -9.42 8.13 12.30
C ALA A 80 -10.22 7.31 11.28
N GLN A 81 -11.05 7.96 10.45
CA GLN A 81 -11.81 7.30 9.37
C GLN A 81 -10.89 6.77 8.26
N GLN A 82 -9.80 7.49 7.95
CA GLN A 82 -8.75 7.01 7.03
C GLN A 82 -8.02 5.79 7.58
N ARG A 83 -7.72 5.75 8.90
CA ARG A 83 -7.20 4.54 9.57
C ARG A 83 -8.13 3.34 9.39
N LYS A 84 -9.45 3.52 9.51
CA LYS A 84 -10.45 2.45 9.23
C LYS A 84 -10.42 2.00 7.77
N LYS A 85 -10.36 2.97 6.82
CA LYS A 85 -10.29 2.68 5.37
C LYS A 85 -9.03 1.89 4.99
N ILE A 86 -7.87 2.30 5.51
CA ILE A 86 -6.57 1.62 5.34
C ILE A 86 -6.63 0.19 5.89
N GLU A 87 -7.06 0.01 7.14
CA GLU A 87 -7.15 -1.32 7.78
C GLU A 87 -8.16 -2.25 7.09
N SER A 88 -9.34 -1.74 6.68
CA SER A 88 -10.32 -2.49 5.90
C SER A 88 -9.74 -3.00 4.59
N LEU A 89 -9.10 -2.11 3.80
CA LEU A 89 -8.41 -2.49 2.57
C LEU A 89 -7.34 -3.55 2.82
N LEU A 90 -6.39 -3.29 3.74
CA LEU A 90 -5.27 -4.20 3.99
C LEU A 90 -5.71 -5.57 4.53
N SER A 91 -6.78 -5.64 5.31
CA SER A 91 -7.39 -6.92 5.71
C SER A 91 -7.88 -7.72 4.49
N ARG A 92 -8.54 -7.05 3.53
CA ARG A 92 -9.02 -7.64 2.27
C ARG A 92 -7.86 -8.06 1.35
N VAL A 93 -6.81 -7.26 1.22
CA VAL A 93 -5.58 -7.67 0.52
C VAL A 93 -4.89 -8.88 1.16
N ASN A 94 -4.76 -8.92 2.48
CA ASN A 94 -4.22 -10.09 3.19
C ASN A 94 -5.08 -11.35 3.01
N LYS A 95 -6.42 -11.23 3.02
CA LYS A 95 -7.34 -12.34 2.69
C LYS A 95 -7.11 -12.86 1.26
N ARG A 96 -7.00 -11.97 0.27
CA ARG A 96 -6.66 -12.34 -1.13
C ARG A 96 -5.26 -12.95 -1.30
N ILE A 97 -4.24 -12.44 -0.60
CA ILE A 97 -2.89 -13.02 -0.57
C ILE A 97 -2.93 -14.44 0.03
N THR A 98 -3.70 -14.65 1.10
CA THR A 98 -3.95 -15.98 1.68
C THR A 98 -4.65 -16.93 0.70
N GLU A 99 -5.74 -16.49 0.06
CA GLU A 99 -6.44 -17.28 -0.96
C GLU A 99 -5.56 -17.61 -2.18
N ALA A 100 -4.72 -16.68 -2.64
CA ALA A 100 -3.75 -16.91 -3.71
C ALA A 100 -2.68 -17.96 -3.34
N ASN A 101 -2.26 -18.00 -2.06
CA ASN A 101 -1.42 -19.08 -1.55
C ASN A 101 -2.20 -20.41 -1.44
N ASN A 102 -3.46 -20.39 -1.01
CA ASN A 102 -4.30 -21.59 -0.90
C ASN A 102 -4.59 -22.26 -2.25
N GLU A 103 -4.90 -21.50 -3.31
CA GLU A 103 -5.12 -22.11 -4.63
C GLU A 103 -3.84 -22.76 -5.19
N ILE A 104 -2.66 -22.22 -4.85
CA ILE A 104 -1.34 -22.82 -5.13
C ILE A 104 -1.11 -24.10 -4.35
N GLU A 105 -1.37 -24.08 -3.04
CA GLU A 105 -1.29 -25.23 -2.14
C GLU A 105 -2.21 -26.37 -2.59
N LEU A 106 -3.44 -26.05 -3.00
CA LEU A 106 -4.42 -26.99 -3.54
C LEU A 106 -4.01 -27.57 -4.90
N LEU A 107 -3.36 -26.76 -5.75
CA LEU A 107 -2.80 -27.19 -7.03
C LEU A 107 -1.60 -28.15 -6.85
N GLU A 108 -0.71 -27.86 -5.90
CA GLU A 108 0.42 -28.75 -5.57
C GLU A 108 -0.01 -30.05 -4.89
N HIS A 109 -0.95 -29.97 -3.93
CA HIS A 109 -1.49 -31.10 -3.15
C HIS A 109 -2.86 -31.58 -3.67
N HIS A 110 -3.02 -31.66 -5.00
CA HIS A 110 -4.28 -32.02 -5.67
C HIS A 110 -4.74 -33.47 -5.35
N HIS A 111 -6.06 -33.70 -5.39
CA HIS A 111 -6.69 -35.02 -5.15
C HIS A 111 -6.32 -36.05 -6.26
N HIS A 112 -6.36 -37.34 -5.93
CA HIS A 112 -6.07 -38.47 -6.82
C HIS A 112 -6.85 -39.74 -6.43
N HIS A 113 -6.86 -40.75 -7.30
CA HIS A 113 -7.41 -42.11 -7.00
C HIS A 113 -6.65 -42.77 -5.84
N HIS A 114 -7.33 -43.66 -5.08
CA HIS A 114 -6.71 -44.48 -4.03
C HIS A 114 -5.73 -45.52 -4.60
N MET A 1 6.00 -13.96 -6.90
CA MET A 1 5.87 -13.82 -8.39
C MET A 1 4.82 -12.77 -8.77
N ASP A 2 4.96 -12.13 -9.94
CA ASP A 2 4.12 -11.00 -10.38
C ASP A 2 2.62 -11.28 -10.58
N LYS A 3 2.23 -12.56 -10.76
CA LYS A 3 0.82 -12.99 -10.81
C LYS A 3 0.03 -12.57 -9.57
N LEU A 4 0.66 -12.61 -8.39
CA LEU A 4 0.03 -12.17 -7.13
C LEU A 4 -0.15 -10.64 -7.10
N LYS A 5 0.83 -9.86 -7.59
CA LYS A 5 0.70 -8.39 -7.74
C LYS A 5 -0.43 -8.01 -8.71
N SER A 6 -0.52 -8.71 -9.84
CA SER A 6 -1.60 -8.56 -10.82
C SER A 6 -2.98 -8.86 -10.22
N LEU A 7 -3.11 -9.98 -9.50
CA LEU A 7 -4.33 -10.34 -8.76
C LEU A 7 -4.71 -9.27 -7.71
N ILE A 8 -3.74 -8.76 -6.93
CA ILE A 8 -3.99 -7.68 -5.96
C ILE A 8 -4.50 -6.42 -6.67
N LYS A 9 -3.85 -5.99 -7.76
CA LYS A 9 -4.29 -4.79 -8.51
C LYS A 9 -5.68 -4.96 -9.14
N LYS A 10 -5.97 -6.14 -9.71
CA LYS A 10 -7.27 -6.50 -10.30
C LYS A 10 -8.41 -6.47 -9.26
N GLU A 11 -8.18 -7.06 -8.09
CA GLU A 11 -9.21 -7.23 -7.05
C GLU A 11 -9.35 -6.03 -6.10
N PHE A 12 -8.27 -5.28 -5.83
CA PHE A 12 -8.21 -4.19 -4.83
C PHE A 12 -8.03 -2.75 -5.36
N SER A 13 -7.82 -2.58 -6.67
CA SER A 13 -7.63 -1.29 -7.35
C SER A 13 -6.41 -0.46 -6.87
N ILE A 14 -5.40 -1.13 -6.29
CA ILE A 14 -4.10 -0.55 -5.88
C ILE A 14 -2.95 -1.50 -6.25
N SER A 15 -1.78 -0.96 -6.59
CA SER A 15 -0.60 -1.79 -6.84
C SER A 15 -0.09 -2.46 -5.55
N PHE A 16 0.72 -3.50 -5.67
CA PHE A 16 1.41 -4.09 -4.51
C PHE A 16 2.34 -3.12 -3.75
N GLU A 17 3.03 -2.24 -4.49
CA GLU A 17 3.87 -1.18 -3.97
C GLU A 17 3.04 -0.10 -3.24
N GLU A 18 1.90 0.32 -3.79
CA GLU A 18 0.93 1.17 -3.08
C GLU A 18 0.42 0.50 -1.80
N PHE A 19 0.09 -0.80 -1.86
CA PHE A 19 -0.20 -1.62 -0.70
C PHE A 19 0.91 -1.66 0.37
N ALA A 20 2.17 -1.75 -0.04
CA ALA A 20 3.33 -1.65 0.85
C ALA A 20 3.45 -0.24 1.49
N VAL A 21 3.22 0.84 0.74
CA VAL A 21 3.18 2.22 1.29
C VAL A 21 2.07 2.36 2.33
N LEU A 22 0.86 1.85 2.03
CA LEU A 22 -0.22 1.79 3.02
C LEU A 22 0.15 0.91 4.22
N THR A 23 0.85 -0.20 4.04
CA THR A 23 1.30 -1.09 5.12
C THR A 23 2.29 -0.39 6.05
N TYR A 24 3.28 0.32 5.51
CA TYR A 24 4.14 1.21 6.30
C TYR A 24 3.40 2.20 7.22
N ILE A 25 2.41 2.88 6.65
CA ILE A 25 1.51 3.81 7.36
C ILE A 25 0.64 3.09 8.40
N SER A 26 0.12 1.89 8.09
CA SER A 26 -0.74 1.10 8.98
C SER A 26 0.02 0.55 10.19
N GLU A 27 1.26 0.08 9.99
CA GLU A 27 2.12 -0.44 11.07
C GLU A 27 2.57 0.64 12.06
N ASN A 28 2.90 1.83 11.55
CA ASN A 28 3.35 2.96 12.37
C ASN A 28 2.22 3.78 13.01
N LYS A 29 1.03 3.80 12.39
CA LYS A 29 -0.24 4.38 12.88
C LYS A 29 -0.15 5.82 13.45
N GLU A 30 0.75 6.64 12.90
CA GLU A 30 0.87 8.07 13.20
C GLU A 30 -0.16 8.92 12.44
N LYS A 31 -0.44 10.14 12.93
CA LYS A 31 -1.30 11.11 12.23
C LYS A 31 -0.60 11.82 11.07
N GLU A 32 0.73 11.92 11.09
CA GLU A 32 1.55 12.61 10.09
C GLU A 32 2.76 11.77 9.63
N TYR A 33 3.10 11.90 8.34
CA TYR A 33 4.21 11.22 7.66
C TYR A 33 5.06 12.12 6.74
N TYR A 34 6.33 11.76 6.52
CA TYR A 34 7.21 12.38 5.50
C TYR A 34 7.47 11.50 4.28
N LEU A 35 7.49 12.05 3.05
CA LEU A 35 7.69 11.26 1.83
C LEU A 35 9.09 10.62 1.79
N LYS A 36 10.14 11.34 2.15
CA LYS A 36 11.50 10.78 2.30
C LYS A 36 11.56 9.64 3.32
N ASP A 37 10.80 9.69 4.40
CA ASP A 37 10.65 8.55 5.32
C ASP A 37 9.97 7.30 4.76
N ILE A 38 8.99 7.46 3.86
CA ILE A 38 8.44 6.33 3.09
C ILE A 38 9.56 5.69 2.26
N ILE A 39 10.43 6.50 1.61
CA ILE A 39 11.62 5.99 0.91
C ILE A 39 12.63 5.32 1.86
N ASN A 40 12.84 5.87 3.06
CA ASN A 40 13.70 5.26 4.08
C ASN A 40 13.19 3.88 4.51
N HIS A 41 11.87 3.66 4.55
CA HIS A 41 11.26 2.36 4.88
C HIS A 41 11.02 1.42 3.68
N LEU A 42 10.90 1.95 2.45
CA LEU A 42 10.63 1.23 1.20
C LEU A 42 11.53 1.80 0.09
N ASN A 43 12.55 1.03 -0.32
CA ASN A 43 13.65 1.46 -1.21
C ASN A 43 13.31 1.81 -2.68
N TYR A 44 12.04 2.11 -3.00
CA TYR A 44 11.64 2.67 -4.31
C TYR A 44 12.19 4.11 -4.39
N LYS A 45 12.48 4.61 -5.61
CA LYS A 45 12.99 5.98 -5.83
C LYS A 45 11.88 7.03 -5.63
N GLN A 46 12.24 8.26 -5.22
CA GLN A 46 11.29 9.34 -4.89
C GLN A 46 10.18 9.60 -5.93
N PRO A 47 10.43 9.75 -7.23
CA PRO A 47 9.37 10.04 -8.22
C PRO A 47 8.27 8.97 -8.26
N GLN A 48 8.63 7.69 -8.18
CA GLN A 48 7.69 6.57 -8.10
C GLN A 48 6.83 6.62 -6.83
N VAL A 49 7.43 6.89 -5.66
CA VAL A 49 6.64 7.07 -4.42
C VAL A 49 5.77 8.31 -4.43
N VAL A 50 6.23 9.43 -5.00
CA VAL A 50 5.40 10.63 -5.19
C VAL A 50 4.20 10.28 -6.08
N LYS A 51 4.37 9.52 -7.18
CA LYS A 51 3.22 9.06 -7.99
C LYS A 51 2.28 8.15 -7.19
N ALA A 52 2.80 7.18 -6.45
CA ALA A 52 1.98 6.31 -5.59
C ALA A 52 1.18 7.12 -4.54
N VAL A 53 1.81 8.09 -3.87
CA VAL A 53 1.18 8.98 -2.89
C VAL A 53 0.15 9.89 -3.59
N LYS A 54 0.45 10.43 -4.77
CA LYS A 54 -0.49 11.24 -5.56
C LYS A 54 -1.77 10.46 -5.92
N ILE A 55 -1.63 9.23 -6.41
CA ILE A 55 -2.77 8.33 -6.71
C ILE A 55 -3.54 7.98 -5.43
N LEU A 56 -2.87 7.52 -4.36
CA LEU A 56 -3.51 7.17 -3.09
C LEU A 56 -4.22 8.39 -2.44
N SER A 57 -3.65 9.59 -2.56
CA SER A 57 -4.28 10.83 -2.09
C SER A 57 -5.52 11.21 -2.90
N GLN A 58 -5.46 11.08 -4.25
CA GLN A 58 -6.62 11.25 -5.12
C GLN A 58 -7.74 10.21 -4.87
N GLU A 59 -7.37 8.99 -4.47
CA GLU A 59 -8.28 7.93 -3.99
C GLU A 59 -8.69 8.08 -2.50
N ASP A 60 -8.43 9.25 -1.90
CA ASP A 60 -8.81 9.62 -0.53
C ASP A 60 -8.21 8.80 0.64
N TYR A 61 -7.06 8.15 0.45
CA TYR A 61 -6.33 7.47 1.52
C TYR A 61 -5.61 8.38 2.54
N PHE A 62 -5.15 9.53 2.07
CA PHE A 62 -4.49 10.58 2.87
C PHE A 62 -4.46 11.98 2.23
N ASP A 63 -4.41 13.03 3.05
CA ASP A 63 -4.15 14.41 2.60
C ASP A 63 -2.64 14.72 2.52
N LYS A 64 -2.22 15.79 1.84
CA LYS A 64 -0.81 16.24 1.87
C LYS A 64 -0.63 17.76 1.70
N LYS A 65 0.47 18.30 2.25
CA LYS A 65 0.88 19.72 2.14
C LYS A 65 2.39 19.90 2.33
N ARG A 66 3.01 20.95 1.77
CA ARG A 66 4.41 21.30 2.09
C ARG A 66 4.49 21.76 3.55
N ASN A 67 5.60 21.47 4.23
CA ASN A 67 5.77 21.64 5.69
C ASN A 67 5.72 23.12 6.13
N GLU A 68 5.36 23.35 7.41
CA GLU A 68 5.24 24.70 7.99
C GLU A 68 6.60 25.42 8.11
N HIS A 69 7.65 24.70 8.53
CA HIS A 69 9.00 25.27 8.65
C HIS A 69 9.68 25.56 7.30
N ASP A 70 9.45 24.69 6.31
CA ASP A 70 10.13 24.68 5.01
C ASP A 70 9.16 24.27 3.88
N GLN A 71 9.06 25.08 2.82
CA GLN A 71 8.24 24.75 1.66
C GLN A 71 8.81 23.61 0.79
N ARG A 72 9.97 23.05 1.17
CA ARG A 72 10.59 21.85 0.59
C ARG A 72 9.83 20.57 0.97
N THR A 73 9.96 20.12 2.21
CA THR A 73 9.46 18.81 2.63
C THR A 73 7.94 18.67 2.70
N VAL A 74 7.39 17.47 2.51
CA VAL A 74 5.93 17.23 2.50
C VAL A 74 5.41 16.46 3.70
N LEU A 75 4.34 16.99 4.32
CA LEU A 75 3.57 16.32 5.35
C LEU A 75 2.44 15.57 4.64
N ILE A 76 2.30 14.27 4.92
CA ILE A 76 1.18 13.42 4.52
C ILE A 76 0.33 13.19 5.79
N LEU A 77 -0.96 13.51 5.73
CA LEU A 77 -1.87 13.54 6.88
C LEU A 77 -2.91 12.42 6.80
N VAL A 78 -3.10 11.71 7.92
CA VAL A 78 -4.01 10.55 8.04
C VAL A 78 -5.09 10.75 9.11
N ASN A 79 -6.35 10.86 8.69
CA ASN A 79 -7.53 10.94 9.57
C ASN A 79 -7.82 9.56 10.22
N ALA A 80 -8.48 9.52 11.37
CA ALA A 80 -8.88 8.26 12.03
C ALA A 80 -9.76 7.38 11.13
N GLN A 81 -10.69 7.96 10.36
CA GLN A 81 -11.51 7.21 9.37
C GLN A 81 -10.63 6.59 8.28
N GLN A 82 -9.61 7.31 7.81
CA GLN A 82 -8.61 6.78 6.86
C GLN A 82 -7.78 5.65 7.46
N ARG A 83 -7.38 5.74 8.74
CA ARG A 83 -6.66 4.64 9.43
C ARG A 83 -7.52 3.38 9.50
N LYS A 84 -8.81 3.52 9.81
CA LYS A 84 -9.79 2.40 9.83
C LYS A 84 -10.01 1.78 8.45
N LYS A 85 -10.13 2.61 7.41
CA LYS A 85 -10.17 2.16 5.99
C LYS A 85 -8.91 1.37 5.60
N ILE A 86 -7.74 1.94 5.92
CA ILE A 86 -6.41 1.34 5.64
C ILE A 86 -6.24 -0.01 6.33
N GLU A 87 -6.41 -0.09 7.66
CA GLU A 87 -6.14 -1.33 8.40
C GLU A 87 -7.17 -2.44 8.08
N SER A 88 -8.44 -2.08 7.80
CA SER A 88 -9.46 -2.99 7.29
C SER A 88 -9.08 -3.56 5.92
N LEU A 89 -8.72 -2.68 4.97
CA LEU A 89 -8.29 -3.06 3.62
C LEU A 89 -7.08 -3.98 3.66
N LEU A 90 -6.04 -3.63 4.43
CA LEU A 90 -4.82 -4.42 4.54
C LEU A 90 -5.04 -5.78 5.21
N SER A 91 -5.94 -5.87 6.20
CA SER A 91 -6.37 -7.17 6.74
C SER A 91 -7.04 -8.02 5.67
N ARG A 92 -8.01 -7.46 4.94
CA ARG A 92 -8.72 -8.15 3.84
C ARG A 92 -7.81 -8.57 2.69
N VAL A 93 -6.82 -7.74 2.32
CA VAL A 93 -5.77 -8.09 1.34
C VAL A 93 -4.93 -9.25 1.88
N ASN A 94 -4.51 -9.24 3.15
CA ASN A 94 -3.75 -10.36 3.74
C ASN A 94 -4.55 -11.68 3.76
N LYS A 95 -5.84 -11.65 4.17
CA LYS A 95 -6.71 -12.84 4.09
C LYS A 95 -6.86 -13.35 2.64
N ARG A 96 -7.07 -12.43 1.70
CA ARG A 96 -7.22 -12.75 0.26
C ARG A 96 -5.92 -13.23 -0.39
N ILE A 97 -4.73 -12.82 0.08
CA ILE A 97 -3.44 -13.38 -0.34
C ILE A 97 -3.33 -14.86 0.05
N THR A 98 -3.75 -15.24 1.26
CA THR A 98 -3.88 -16.66 1.67
C THR A 98 -4.81 -17.46 0.76
N GLU A 99 -6.01 -16.94 0.45
CA GLU A 99 -6.91 -17.54 -0.54
C GLU A 99 -6.25 -17.65 -1.92
N ALA A 100 -5.62 -16.59 -2.44
CA ALA A 100 -4.98 -16.56 -3.75
C ALA A 100 -3.87 -17.62 -3.89
N ASN A 101 -3.03 -17.78 -2.86
CA ASN A 101 -2.02 -18.84 -2.83
C ASN A 101 -2.65 -20.24 -2.94
N ASN A 102 -3.78 -20.46 -2.26
CA ASN A 102 -4.56 -21.70 -2.40
C ASN A 102 -5.23 -21.85 -3.78
N GLU A 103 -5.86 -20.81 -4.32
CA GLU A 103 -6.50 -20.79 -5.66
C GLU A 103 -5.51 -21.21 -6.76
N ILE A 104 -4.30 -20.63 -6.74
CA ILE A 104 -3.26 -20.85 -7.76
C ILE A 104 -2.65 -22.26 -7.70
N GLU A 105 -2.38 -22.75 -6.50
CA GLU A 105 -1.99 -24.14 -6.26
C GLU A 105 -3.10 -25.15 -6.66
N LEU A 106 -4.37 -24.80 -6.45
CA LEU A 106 -5.55 -25.61 -6.79
C LEU A 106 -5.84 -25.66 -8.30
N LEU A 107 -5.79 -24.52 -9.00
CA LEU A 107 -6.25 -24.41 -10.39
C LEU A 107 -5.48 -25.27 -11.40
N GLU A 108 -4.25 -25.70 -11.09
CA GLU A 108 -3.47 -26.60 -11.96
C GLU A 108 -3.93 -28.07 -11.86
N HIS A 109 -4.64 -28.45 -10.79
CA HIS A 109 -5.22 -29.80 -10.62
C HIS A 109 -6.43 -30.04 -11.55
N HIS A 110 -6.90 -31.29 -11.65
CA HIS A 110 -8.14 -31.66 -12.39
C HIS A 110 -9.37 -30.87 -11.92
N HIS A 111 -9.49 -30.60 -10.62
CA HIS A 111 -10.48 -29.69 -10.00
C HIS A 111 -10.13 -28.21 -10.26
N HIS A 112 -10.24 -27.78 -11.53
CA HIS A 112 -9.76 -26.46 -12.02
C HIS A 112 -10.53 -25.25 -11.45
N HIS A 113 -11.83 -25.41 -11.18
CA HIS A 113 -12.74 -24.36 -10.68
C HIS A 113 -12.44 -23.94 -9.22
N HIS A 114 -12.97 -22.78 -8.80
CA HIS A 114 -12.93 -22.27 -7.41
C HIS A 114 -13.50 -23.28 -6.39
#